data_9DTU
#
_entry.id   9DTU
#
_cell.length_a   1.00
_cell.length_b   1.00
_cell.length_c   1.00
_cell.angle_alpha   90.00
_cell.angle_beta   90.00
_cell.angle_gamma   90.00
#
_symmetry.space_group_name_H-M   'P 1'
#
loop_
_entity.id
_entity.type
_entity.pdbx_description
1 polymer 'Fusion glycoprotein F0'
2 branched 2-acetamido-2-deoxy-beta-D-glucopyranose-(1-4)-2-acetamido-2-deoxy-beta-D-glucopyranose
3 non-polymer 2-acetamido-2-deoxy-beta-D-glucopyranose
4 water water
#
_entity_poly.entity_id   1
_entity_poly.type   'polypeptide(L)'
_entity_poly.pdbx_seq_one_letter_code
;MGLKVNVSAIFMAVLLTLQTPTGQIHWGNLSKIGVVGIGSASYKVMTRSSHQSLVIKLMPNITLLNNCTRVEIAEYRRLL
RTVLEPIRDALNAMTQNIRPVQSVASSRNHNRFAGVVLAGAALGVATAAQITAGIALHQSMLNSQAIDNLRASLETTNQA
IEAIRQAGQGMILAVQGVQDYINNELIPSMNQLSCDLIGQKLGLKLLRYYTEILSLFGPSLRDPISAEISIQALSYALGG
DINKVLEKLGYSGGDLLGILESRGIKARITHVDTESYFIVLSIAYPTLSEIKGVIVHRLEGVSYNIGSQEWYTTVPKYVA
TQGYLISNFDESSCTFMPEGTVCSQNALYPMSPLLQECLRGSTKSCARTLVSGSFGNRFILSQGNLIANCASILCKCYTT
GTIINQDPDKILTYIAADHCPVVEVNGVTIQVGSRRYPDAVYLHRIDLGPPISLGRLDVGTNLGNAIAKLEDAKELLESS
DQILRSMKGLSSTSIGGGSGGWSHPQFEKGGGSGGGSGGGSWSHPQFEK
;
_entity_poly.pdbx_strand_id   A,B,C
#
# COMPACT_ATOMS: atom_id res chain seq x y z
N GLN A 24 -8.32 -33.94 0.17
CA GLN A 24 -7.78 -34.22 -1.15
C GLN A 24 -6.32 -33.75 -1.24
N ILE A 25 -5.88 -33.00 -0.24
CA ILE A 25 -4.49 -32.59 -0.15
C ILE A 25 -3.66 -33.78 0.32
N HIS A 26 -2.61 -34.11 -0.44
CA HIS A 26 -1.76 -35.27 -0.14
C HIS A 26 -0.61 -34.79 0.74
N TRP A 27 -0.81 -34.87 2.06
CA TRP A 27 0.19 -34.37 3.00
C TRP A 27 1.47 -35.21 2.96
N GLY A 28 1.36 -36.51 2.71
CA GLY A 28 2.52 -37.37 2.67
C GLY A 28 3.54 -36.99 1.61
N ASN A 29 3.07 -36.71 0.39
CA ASN A 29 3.99 -36.32 -0.68
C ASN A 29 4.47 -34.88 -0.50
N LEU A 30 3.64 -34.02 0.08
CA LEU A 30 4.04 -32.65 0.33
C LEU A 30 5.18 -32.58 1.36
N SER A 31 5.12 -33.42 2.40
CA SER A 31 6.17 -33.42 3.40
C SER A 31 7.51 -33.87 2.83
N LYS A 32 7.51 -34.64 1.74
CA LYS A 32 8.76 -35.04 1.10
C LYS A 32 9.50 -33.87 0.49
N ILE A 33 8.82 -32.76 0.20
CA ILE A 33 9.50 -31.57 -0.31
C ILE A 33 9.35 -30.44 0.70
N GLY A 34 9.18 -30.79 1.96
CA GLY A 34 9.22 -29.83 3.05
C GLY A 34 8.02 -28.92 3.19
N VAL A 35 6.82 -29.41 2.88
CA VAL A 35 5.60 -28.62 3.03
C VAL A 35 4.70 -29.35 4.03
N VAL A 36 4.28 -28.65 5.08
CA VAL A 36 3.37 -29.18 6.09
C VAL A 36 2.28 -28.17 6.38
N GLY A 37 1.21 -28.65 7.01
CA GLY A 37 0.15 -27.79 7.51
C GLY A 37 0.37 -27.48 8.98
N ILE A 38 0.24 -26.21 9.34
CA ILE A 38 0.46 -25.75 10.70
C ILE A 38 -0.84 -25.24 11.34
N GLY A 39 -1.98 -25.60 10.78
CA GLY A 39 -3.25 -25.19 11.37
C GLY A 39 -4.38 -25.09 10.37
N SER A 40 -5.56 -25.56 10.77
CA SER A 40 -6.76 -25.47 9.96
C SER A 40 -7.86 -24.77 10.74
N ALA A 41 -8.82 -24.21 10.03
CA ALA A 41 -9.90 -23.47 10.67
C ALA A 41 -11.12 -23.46 9.76
N SER A 42 -12.28 -23.20 10.37
CA SER A 42 -13.52 -23.06 9.64
C SER A 42 -13.62 -21.67 9.02
N TYR A 43 -14.57 -21.53 8.09
CA TYR A 43 -14.70 -20.33 7.27
C TYR A 43 -16.09 -19.75 7.47
N LYS A 44 -16.15 -18.49 7.89
CA LYS A 44 -17.40 -17.79 8.17
C LYS A 44 -17.50 -16.53 7.33
N VAL A 45 -18.70 -16.28 6.80
CA VAL A 45 -18.97 -15.11 5.97
C VAL A 45 -20.07 -14.28 6.63
N MET A 46 -20.25 -13.06 6.12
CA MET A 46 -21.12 -12.07 6.72
C MET A 46 -22.36 -11.87 5.87
N THR A 47 -23.52 -11.83 6.51
CA THR A 47 -24.78 -11.46 5.87
C THR A 47 -25.49 -10.42 6.73
N ARG A 48 -26.20 -9.52 6.06
CA ARG A 48 -26.86 -8.39 6.72
C ARG A 48 -28.36 -8.47 6.48
N SER A 49 -29.13 -8.36 7.57
CA SER A 49 -30.58 -8.40 7.50
C SER A 49 -31.21 -7.08 7.91
N SER A 50 -30.89 -6.56 9.09
CA SER A 50 -31.44 -5.31 9.57
C SER A 50 -30.46 -4.17 9.32
N HIS A 51 -31.01 -2.98 9.11
CA HIS A 51 -30.23 -1.78 8.88
C HIS A 51 -30.73 -0.66 9.79
N GLN A 52 -29.80 0.19 10.21
CA GLN A 52 -30.12 1.34 11.06
C GLN A 52 -29.67 2.62 10.36
N SER A 53 -30.33 3.72 10.72
CA SER A 53 -30.02 5.01 10.14
C SER A 53 -29.07 5.78 11.06
N LEU A 54 -28.07 6.41 10.47
CA LEU A 54 -27.09 7.22 11.19
C LEU A 54 -26.91 8.51 10.40
N VAL A 55 -27.25 9.64 11.02
CA VAL A 55 -27.22 10.94 10.35
C VAL A 55 -26.04 11.74 10.89
N ILE A 56 -25.23 12.26 9.98
CA ILE A 56 -24.13 13.16 10.32
C ILE A 56 -24.69 14.57 10.28
N LYS A 57 -24.73 15.22 11.45
CA LYS A 57 -25.21 16.61 11.57
C LYS A 57 -24.02 17.53 11.37
N LEU A 58 -23.92 18.12 10.17
CA LEU A 58 -22.75 18.92 9.82
C LEU A 58 -22.75 20.32 10.45
N MET A 59 -23.91 20.83 10.86
CA MET A 59 -23.99 22.16 11.46
C MET A 59 -24.06 22.02 12.97
N PRO A 60 -23.07 22.50 13.71
CA PRO A 60 -23.13 22.42 15.17
C PRO A 60 -24.10 23.44 15.75
N ASN A 61 -24.49 23.18 17.00
CA ASN A 61 -25.29 24.13 17.77
C ASN A 61 -24.37 25.14 18.43
N ILE A 62 -24.48 26.40 18.02
CA ILE A 62 -23.60 27.46 18.48
C ILE A 62 -24.36 28.56 19.22
N THR A 63 -25.51 28.22 19.80
CA THR A 63 -26.36 29.24 20.43
C THR A 63 -25.63 29.91 21.59
N LEU A 64 -24.94 29.13 22.43
CA LEU A 64 -24.28 29.68 23.60
C LEU A 64 -22.99 30.43 23.27
N LEU A 65 -22.55 30.45 22.02
CA LEU A 65 -21.36 31.19 21.64
C LEU A 65 -21.65 32.64 21.27
N ASN A 66 -22.93 33.03 21.23
CA ASN A 66 -23.36 34.43 21.08
C ASN A 66 -22.75 35.11 19.85
N ASN A 67 -22.93 34.47 18.70
CA ASN A 67 -22.63 35.06 17.39
C ASN A 67 -21.14 35.37 17.21
N CYS A 68 -20.28 34.80 18.06
CA CYS A 68 -18.85 35.04 17.95
C CYS A 68 -18.18 34.23 16.84
N THR A 69 -18.90 33.31 16.21
CA THR A 69 -18.34 32.46 15.16
C THR A 69 -19.07 32.63 13.84
N ARG A 70 -19.69 33.80 13.64
CA ARG A 70 -20.55 34.02 12.48
C ARG A 70 -19.78 33.91 11.17
N VAL A 71 -18.60 34.54 11.10
CA VAL A 71 -17.82 34.51 9.86
C VAL A 71 -17.30 33.11 9.59
N GLU A 72 -16.78 32.43 10.61
CA GLU A 72 -16.22 31.10 10.43
C GLU A 72 -17.30 30.09 10.02
N ILE A 73 -18.50 30.23 10.58
CA ILE A 73 -19.59 29.33 10.20
C ILE A 73 -20.00 29.56 8.75
N ALA A 74 -20.05 30.81 8.31
CA ALA A 74 -20.44 31.11 6.94
C ALA A 74 -19.45 30.51 5.93
N GLU A 75 -18.15 30.61 6.22
CA GLU A 75 -17.16 30.04 5.32
C GLU A 75 -17.22 28.51 5.32
N TYR A 76 -17.51 27.92 6.49
CA TYR A 76 -17.64 26.48 6.60
C TYR A 76 -18.82 25.97 5.78
N ARG A 77 -19.95 26.70 5.80
CA ARG A 77 -21.11 26.32 5.00
C ARG A 77 -20.80 26.39 3.51
N ARG A 78 -20.09 27.43 3.07
CA ARG A 78 -19.78 27.57 1.65
C ARG A 78 -18.92 26.42 1.15
N LEU A 79 -17.93 26.00 1.94
CA LEU A 79 -17.07 24.89 1.53
C LEU A 79 -17.85 23.57 1.48
N LEU A 80 -18.81 23.39 2.38
CA LEU A 80 -19.58 22.15 2.40
C LEU A 80 -20.47 22.00 1.17
N ARG A 81 -20.97 23.12 0.63
CA ARG A 81 -21.87 23.03 -0.53
C ARG A 81 -21.16 22.44 -1.74
N THR A 82 -19.90 22.81 -1.95
CA THR A 82 -19.15 22.29 -3.10
C THR A 82 -19.02 20.77 -3.04
N VAL A 83 -19.06 20.19 -1.85
CA VAL A 83 -18.98 18.74 -1.70
C VAL A 83 -20.35 18.08 -1.76
N LEU A 84 -21.35 18.64 -1.07
CA LEU A 84 -22.63 17.97 -0.92
C LEU A 84 -23.44 17.97 -2.21
N GLU A 85 -23.39 19.08 -2.96
CA GLU A 85 -24.22 19.20 -4.16
C GLU A 85 -23.95 18.12 -5.21
N PRO A 86 -22.70 17.78 -5.55
CA PRO A 86 -22.51 16.68 -6.51
C PRO A 86 -23.11 15.36 -6.05
N ILE A 87 -23.07 15.06 -4.75
CA ILE A 87 -23.61 13.80 -4.25
C ILE A 87 -25.13 13.80 -4.35
N ARG A 88 -25.77 14.90 -3.96
CA ARG A 88 -27.23 14.98 -4.04
C ARG A 88 -27.72 14.81 -5.47
N ASP A 89 -27.00 15.39 -6.44
CA ASP A 89 -27.35 15.21 -7.84
C ASP A 89 -27.20 13.75 -8.26
N ALA A 90 -26.13 13.09 -7.79
CA ALA A 90 -25.93 11.68 -8.14
C ALA A 90 -27.03 10.81 -7.56
N LEU A 91 -27.44 11.06 -6.31
CA LEU A 91 -28.52 10.28 -5.72
C LEU A 91 -29.84 10.50 -6.46
N ASN A 92 -30.14 11.73 -6.84
CA ASN A 92 -31.38 12.01 -7.55
C ASN A 92 -31.39 11.39 -8.95
N ALA A 93 -30.22 11.31 -9.59
CA ALA A 93 -30.16 10.78 -10.95
C ALA A 93 -30.53 9.30 -10.99
N MET A 94 -30.29 8.57 -9.90
CA MET A 94 -30.64 7.16 -9.86
C MET A 94 -32.10 6.96 -9.47
N THR A 95 -32.54 7.63 -8.40
CA THR A 95 -33.90 7.42 -7.90
C THR A 95 -34.97 7.93 -8.85
N GLN A 96 -34.63 8.82 -9.78
CA GLN A 96 -35.61 9.28 -10.75
C GLN A 96 -36.02 8.18 -11.72
N ASN A 97 -35.20 7.15 -11.88
CA ASN A 97 -35.46 6.06 -12.83
C ASN A 97 -36.13 4.86 -12.18
N ILE A 98 -36.49 4.94 -10.90
CA ILE A 98 -37.10 3.84 -10.18
C ILE A 98 -38.54 4.23 -9.86
N ARG A 99 -39.48 3.43 -10.33
CA ARG A 99 -40.91 3.72 -10.24
C ARG A 99 -41.64 2.47 -9.79
N PRO A 100 -42.82 2.63 -9.17
CA PRO A 100 -43.60 1.47 -8.76
C PRO A 100 -43.95 0.57 -9.94
N VAL A 101 -43.92 -0.73 -9.70
CA VAL A 101 -44.18 -1.72 -10.75
C VAL A 101 -45.61 -1.64 -11.25
N GLY A 115 -41.47 -4.10 -5.39
CA GLY A 115 -42.60 -3.58 -6.14
C GLY A 115 -42.22 -2.37 -6.98
N VAL A 116 -40.96 -2.30 -7.37
CA VAL A 116 -40.46 -1.19 -8.17
C VAL A 116 -39.76 -1.75 -9.41
N VAL A 117 -39.73 -0.94 -10.47
CA VAL A 117 -39.08 -1.31 -11.72
C VAL A 117 -38.11 -0.21 -12.11
N LEU A 118 -36.96 -0.62 -12.65
CA LEU A 118 -35.96 0.33 -13.15
C LEU A 118 -36.24 0.62 -14.62
N ALA A 119 -36.23 1.90 -14.97
CA ALA A 119 -36.37 2.33 -16.36
C ALA A 119 -35.02 2.20 -17.05
N GLY A 120 -34.73 0.99 -17.53
CA GLY A 120 -33.41 0.73 -18.09
C GLY A 120 -33.10 1.55 -19.32
N ALA A 121 -34.11 1.80 -20.16
CA ALA A 121 -33.90 2.61 -21.35
C ALA A 121 -33.51 4.03 -20.98
N ALA A 122 -34.16 4.62 -19.97
CA ALA A 122 -33.77 5.95 -19.51
C ALA A 122 -32.39 5.94 -18.88
N LEU A 123 -32.08 4.93 -18.07
CA LEU A 123 -30.78 4.85 -17.43
C LEU A 123 -29.68 4.54 -18.44
N GLY A 124 -29.95 3.63 -19.38
CA GLY A 124 -29.00 3.33 -20.44
C GLY A 124 -27.96 2.28 -20.10
N VAL A 125 -27.06 2.60 -19.18
CA VAL A 125 -25.94 1.71 -18.84
C VAL A 125 -25.75 1.71 -17.33
N ALA A 126 -25.58 0.52 -16.75
CA ALA A 126 -25.35 0.36 -15.33
C ALA A 126 -24.86 -1.05 -15.05
N THR A 127 -23.94 -1.19 -14.10
CA THR A 127 -23.50 -2.51 -13.67
C THR A 127 -24.52 -3.13 -12.71
N ALA A 128 -24.36 -4.43 -12.48
CA ALA A 128 -25.24 -5.13 -11.54
C ALA A 128 -25.14 -4.53 -10.14
N ALA A 129 -23.92 -4.20 -9.71
CA ALA A 129 -23.74 -3.59 -8.39
C ALA A 129 -24.46 -2.26 -8.28
N GLN A 130 -24.37 -1.42 -9.32
CA GLN A 130 -25.06 -0.14 -9.30
C GLN A 130 -26.58 -0.33 -9.28
N ILE A 131 -27.09 -1.28 -10.06
CA ILE A 131 -28.53 -1.52 -10.12
C ILE A 131 -29.05 -2.01 -8.77
N THR A 132 -28.36 -2.99 -8.18
CA THR A 132 -28.78 -3.53 -6.89
C THR A 132 -28.74 -2.46 -5.81
N ALA A 133 -27.67 -1.66 -5.79
CA ALA A 133 -27.56 -0.58 -4.82
C ALA A 133 -28.65 0.46 -5.01
N GLY A 134 -28.98 0.77 -6.27
CA GLY A 134 -30.02 1.75 -6.53
C GLY A 134 -31.38 1.33 -6.02
N ILE A 135 -31.72 0.04 -6.17
CA ILE A 135 -32.99 -0.47 -5.65
C ILE A 135 -33.04 -0.32 -4.14
N ALA A 136 -31.95 -0.71 -3.46
CA ALA A 136 -31.89 -0.59 -2.01
C ALA A 136 -31.97 0.87 -1.58
N LEU A 137 -31.32 1.77 -2.33
CA LEU A 137 -31.42 3.19 -2.04
C LEU A 137 -32.87 3.68 -2.12
N HIS A 138 -33.59 3.26 -3.17
CA HIS A 138 -34.98 3.66 -3.31
C HIS A 138 -35.85 3.05 -2.22
N GLN A 139 -35.56 1.81 -1.82
CA GLN A 139 -36.35 1.17 -0.77
C GLN A 139 -35.97 1.71 0.60
N SER A 140 -34.70 1.55 0.99
CA SER A 140 -34.22 2.01 2.30
C SER A 140 -33.87 3.49 2.22
N MET A 141 -34.91 4.32 2.27
CA MET A 141 -34.77 5.76 2.35
C MET A 141 -35.91 6.33 3.19
N LEU A 142 -35.59 7.35 3.98
CA LEU A 142 -36.62 8.05 4.72
C LEU A 142 -37.53 8.79 3.76
N ASN A 143 -38.84 8.69 4.00
CA ASN A 143 -39.80 9.33 3.12
C ASN A 143 -39.73 10.85 3.27
N SER A 144 -40.32 11.55 2.29
CA SER A 144 -40.18 13.00 2.22
C SER A 144 -40.73 13.68 3.47
N GLN A 145 -41.87 13.21 3.98
CA GLN A 145 -42.43 13.80 5.19
C GLN A 145 -41.53 13.55 6.39
N ALA A 146 -40.94 12.36 6.48
CA ALA A 146 -40.00 12.06 7.57
C ALA A 146 -38.74 12.90 7.49
N ILE A 147 -38.41 13.45 6.32
CA ILE A 147 -37.26 14.33 6.19
C ILE A 147 -37.52 15.65 6.91
N ASP A 148 -38.74 16.19 6.78
CA ASP A 148 -39.10 17.40 7.49
C ASP A 148 -39.07 17.18 9.00
N ASN A 149 -39.60 16.04 9.46
CA ASN A 149 -39.53 15.71 10.88
C ASN A 149 -38.09 15.56 11.34
N LEU A 150 -37.24 14.92 10.53
CA LEU A 150 -35.83 14.78 10.88
C LEU A 150 -35.14 16.13 10.95
N ARG A 151 -35.47 17.03 10.01
CA ARG A 151 -34.86 18.34 9.99
C ARG A 151 -35.14 19.13 11.26
N ALA A 152 -36.39 19.09 11.75
CA ALA A 152 -36.74 19.82 12.96
C ALA A 152 -36.05 19.23 14.19
N SER A 153 -35.97 17.89 14.28
CA SER A 153 -35.35 17.26 15.44
C SER A 153 -33.86 17.54 15.50
N LEU A 154 -33.19 17.65 14.35
CA LEU A 154 -31.76 17.92 14.34
C LEU A 154 -31.45 19.30 14.90
N GLU A 155 -32.29 20.30 14.57
CA GLU A 155 -31.99 21.67 14.97
C GLU A 155 -32.04 21.86 16.48
N THR A 156 -32.87 21.09 17.18
CA THR A 156 -33.09 21.33 18.60
C THR A 156 -32.05 20.68 19.51
N THR A 157 -31.22 19.79 18.98
CA THR A 157 -30.25 19.08 19.83
C THR A 157 -28.95 19.89 19.95
N ASN A 158 -28.20 19.60 21.01
CA ASN A 158 -26.91 20.25 21.22
C ASN A 158 -25.84 19.28 21.73
N GLN A 159 -26.02 17.98 21.53
CA GLN A 159 -25.07 16.98 21.99
C GLN A 159 -24.31 16.40 20.80
N ALA A 160 -23.14 15.82 21.11
CA ALA A 160 -22.33 15.20 20.07
C ALA A 160 -23.01 13.96 19.51
N ILE A 161 -23.60 13.14 20.37
CA ILE A 161 -24.30 11.92 19.98
C ILE A 161 -25.66 11.92 20.66
N GLU A 162 -26.72 11.75 19.87
CA GLU A 162 -28.07 11.75 20.43
C GLU A 162 -28.98 10.87 19.58
N ALA A 163 -29.79 10.06 20.26
CA ALA A 163 -30.78 9.22 19.60
C ALA A 163 -32.05 10.01 19.38
N ILE A 164 -32.51 10.04 18.13
CA ILE A 164 -33.75 10.72 17.75
C ILE A 164 -34.82 9.66 17.60
N ARG A 165 -35.80 9.68 18.49
CA ARG A 165 -36.82 8.63 18.57
C ARG A 165 -38.16 9.21 18.15
N GLN A 166 -38.66 8.79 17.00
CA GLN A 166 -39.93 9.26 16.47
C GLN A 166 -41.06 8.32 16.89
N ALA A 167 -42.29 8.75 16.67
CA ALA A 167 -43.47 7.96 17.03
C ALA A 167 -43.66 6.88 15.98
N GLY A 168 -43.51 5.62 16.40
CA GLY A 168 -43.68 4.50 15.49
C GLY A 168 -42.64 4.39 14.40
N GLN A 169 -41.36 4.57 14.72
CA GLN A 169 -40.28 4.42 13.76
C GLN A 169 -39.03 3.93 14.49
N GLY A 170 -38.08 3.42 13.72
CA GLY A 170 -36.80 3.04 14.27
C GLY A 170 -36.02 4.24 14.74
N MET A 171 -35.17 4.03 15.74
CA MET A 171 -34.36 5.10 16.29
C MET A 171 -33.34 5.57 15.26
N ILE A 172 -33.15 6.89 15.19
CA ILE A 172 -32.17 7.51 14.32
C ILE A 172 -31.09 8.15 15.19
N LEU A 173 -29.84 7.80 14.92
CA LEU A 173 -28.70 8.27 15.71
C LEU A 173 -28.06 9.46 15.01
N ALA A 174 -28.04 10.61 15.69
CA ALA A 174 -27.47 11.84 15.17
C ALA A 174 -26.11 12.09 15.79
N VAL A 175 -25.11 12.36 14.94
CA VAL A 175 -23.74 12.58 15.37
C VAL A 175 -23.28 13.94 14.85
N GLN A 176 -22.74 14.76 15.75
CA GLN A 176 -22.20 16.07 15.42
C GLN A 176 -20.70 16.07 15.71
N GLY A 177 -19.91 16.41 14.69
CA GLY A 177 -18.48 16.14 14.73
C GLY A 177 -17.64 17.07 15.59
N VAL A 178 -18.12 18.29 15.83
CA VAL A 178 -17.35 19.26 16.61
C VAL A 178 -18.09 19.72 17.87
N GLN A 179 -19.22 19.09 18.19
CA GLN A 179 -20.03 19.55 19.32
C GLN A 179 -19.34 19.31 20.65
N ASP A 180 -18.57 18.24 20.78
CA ASP A 180 -17.86 17.99 22.03
C ASP A 180 -16.84 19.08 22.32
N TYR A 181 -16.11 19.52 21.30
CA TYR A 181 -15.14 20.59 21.47
C TYR A 181 -15.81 21.89 21.87
N ILE A 182 -16.98 22.18 21.27
CA ILE A 182 -17.73 23.38 21.63
C ILE A 182 -18.20 23.32 23.08
N ASN A 183 -18.75 22.17 23.49
CA ASN A 183 -19.33 22.07 24.82
C ASN A 183 -18.27 21.96 25.91
N ASN A 184 -17.18 21.25 25.65
CA ASN A 184 -16.17 21.00 26.66
C ASN A 184 -15.14 22.12 26.76
N GLU A 185 -14.77 22.75 25.64
CA GLU A 185 -13.69 23.73 25.62
C GLU A 185 -14.15 25.16 25.42
N LEU A 186 -15.05 25.42 24.48
CA LEU A 186 -15.35 26.80 24.10
C LEU A 186 -16.37 27.44 25.04
N ILE A 187 -17.49 26.76 25.30
CA ILE A 187 -18.55 27.35 26.14
C ILE A 187 -18.06 27.67 27.54
N PRO A 188 -17.34 26.79 28.24
CA PRO A 188 -16.85 27.17 29.59
C PRO A 188 -15.90 28.34 29.60
N SER A 189 -15.28 28.67 28.46
CA SER A 189 -14.33 29.77 28.37
C SER A 189 -14.96 31.06 27.86
N MET A 190 -16.29 31.12 27.74
CA MET A 190 -16.95 32.27 27.14
C MET A 190 -16.69 33.54 27.94
N ASN A 191 -16.72 33.45 29.26
CA ASN A 191 -16.49 34.62 30.11
C ASN A 191 -15.01 34.91 30.33
N GLN A 192 -14.11 34.11 29.75
CA GLN A 192 -12.67 34.30 29.91
C GLN A 192 -11.99 34.81 28.66
N LEU A 193 -12.39 34.35 27.48
CA LEU A 193 -11.72 34.69 26.24
C LEU A 193 -12.52 35.71 25.45
N SER A 194 -11.83 36.45 24.59
CA SER A 194 -12.48 37.46 23.77
C SER A 194 -13.34 36.79 22.68
N CYS A 195 -14.27 37.58 22.15
CA CYS A 195 -15.15 37.09 21.09
C CYS A 195 -14.37 36.73 19.84
N ASP A 196 -13.32 37.50 19.53
CA ASP A 196 -12.48 37.18 18.38
C ASP A 196 -11.75 35.86 18.56
N LEU A 197 -11.28 35.59 19.78
CA LEU A 197 -10.55 34.35 20.04
C LEU A 197 -11.46 33.12 19.91
N ILE A 198 -12.70 33.22 20.38
CA ILE A 198 -13.64 32.12 20.28
C ILE A 198 -13.84 31.72 18.82
N GLY A 199 -14.05 32.71 17.96
CA GLY A 199 -14.24 32.43 16.54
C GLY A 199 -13.04 31.78 15.89
N GLN A 200 -11.83 32.25 16.25
CA GLN A 200 -10.61 31.70 15.66
C GLN A 200 -10.40 30.25 16.09
N LYS A 201 -10.69 29.92 17.34
CA LYS A 201 -10.51 28.54 17.81
C LYS A 201 -11.48 27.59 17.09
N LEU A 202 -12.75 27.98 16.97
CA LEU A 202 -13.70 27.12 16.26
C LEU A 202 -13.40 27.07 14.78
N GLY A 203 -12.93 28.17 14.21
CA GLY A 203 -12.58 28.19 12.79
C GLY A 203 -11.54 27.15 12.42
N LEU A 204 -10.55 26.95 13.30
CA LEU A 204 -9.55 25.92 13.08
C LEU A 204 -10.18 24.52 13.04
N LYS A 205 -11.06 24.23 14.00
CA LYS A 205 -11.72 22.93 14.04
C LYS A 205 -12.62 22.72 12.83
N LEU A 206 -13.34 23.76 12.41
CA LEU A 206 -14.26 23.62 11.29
C LEU A 206 -13.52 23.29 10.00
N LEU A 207 -12.41 23.98 9.73
CA LEU A 207 -11.65 23.71 8.51
C LEU A 207 -11.08 22.30 8.52
N ARG A 208 -10.56 21.85 9.67
CA ARG A 208 -10.04 20.49 9.77
C ARG A 208 -11.16 19.46 9.58
N TYR A 209 -12.35 19.73 10.10
CA TYR A 209 -13.46 18.81 9.90
C TYR A 209 -13.90 18.78 8.44
N TYR A 210 -13.89 19.94 7.77
CA TYR A 210 -14.23 19.98 6.35
C TYR A 210 -13.23 19.18 5.52
N THR A 211 -11.94 19.25 5.89
CA THR A 211 -10.93 18.48 5.17
C THR A 211 -11.25 16.99 5.20
N GLU A 212 -11.73 16.48 6.34
CA GLU A 212 -12.09 15.07 6.43
C GLU A 212 -13.33 14.76 5.61
N ILE A 213 -14.33 15.65 5.64
CA ILE A 213 -15.54 15.46 4.83
C ILE A 213 -15.19 15.42 3.34
N LEU A 214 -14.30 16.33 2.91
CA LEU A 214 -13.85 16.31 1.52
C LEU A 214 -13.16 15.00 1.17
N SER A 215 -12.33 14.49 2.09
CA SER A 215 -11.67 13.21 1.86
C SER A 215 -12.67 12.07 1.71
N LEU A 216 -13.69 12.04 2.58
CA LEU A 216 -14.65 10.95 2.56
C LEU A 216 -15.60 11.03 1.38
N PHE A 217 -16.15 12.21 1.11
CA PHE A 217 -17.27 12.35 0.20
C PHE A 217 -16.97 13.18 -1.04
N GLY A 218 -15.73 13.63 -1.22
CA GLY A 218 -15.38 14.49 -2.33
C GLY A 218 -15.19 13.74 -3.63
N PRO A 219 -14.38 14.30 -4.54
CA PRO A 219 -14.21 13.68 -5.86
C PRO A 219 -13.58 12.30 -5.83
N SER A 220 -12.89 11.93 -4.75
CA SER A 220 -12.27 10.61 -4.69
C SER A 220 -13.29 9.50 -4.53
N LEU A 221 -14.53 9.82 -4.15
CA LEU A 221 -15.57 8.81 -3.94
C LEU A 221 -16.21 8.51 -5.29
N ARG A 222 -15.67 7.50 -5.98
CA ARG A 222 -16.28 7.03 -7.21
C ARG A 222 -17.60 6.33 -6.89
N ASP A 223 -18.65 6.70 -7.63
CA ASP A 223 -19.94 6.03 -7.54
C ASP A 223 -20.52 6.06 -6.13
N PRO A 224 -21.01 7.21 -5.66
CA PRO A 224 -21.61 7.26 -4.32
C PRO A 224 -22.80 6.33 -4.15
N ILE A 225 -23.47 5.94 -5.25
CA ILE A 225 -24.65 5.08 -5.15
C ILE A 225 -24.28 3.73 -4.52
N SER A 226 -23.20 3.12 -5.00
CA SER A 226 -22.82 1.78 -4.59
C SER A 226 -21.66 1.75 -3.60
N ALA A 227 -21.22 2.91 -3.13
CA ALA A 227 -20.09 2.96 -2.21
C ALA A 227 -20.49 2.39 -0.85
N GLU A 228 -19.59 1.59 -0.28
CA GLU A 228 -19.74 1.07 1.08
C GLU A 228 -18.56 1.55 1.89
N ILE A 229 -18.84 2.23 3.00
CA ILE A 229 -17.83 2.88 3.83
C ILE A 229 -17.79 2.18 5.18
N SER A 230 -16.61 1.69 5.55
CA SER A 230 -16.45 1.07 6.86
C SER A 230 -16.59 2.12 7.96
N ILE A 231 -17.02 1.67 9.13
CA ILE A 231 -17.24 2.60 10.24
C ILE A 231 -15.91 3.19 10.71
N GLN A 232 -14.80 2.46 10.54
CA GLN A 232 -13.49 2.99 10.90
C GLN A 232 -13.12 4.19 10.04
N ALA A 233 -13.43 4.14 8.74
CA ALA A 233 -13.14 5.26 7.86
C ALA A 233 -13.94 6.51 8.21
N LEU A 234 -15.09 6.36 8.87
CA LEU A 234 -15.90 7.47 9.31
C LEU A 234 -15.48 8.03 10.66
N SER A 235 -14.42 7.49 11.26
CA SER A 235 -14.11 7.77 12.66
C SER A 235 -13.97 9.27 12.92
N TYR A 236 -13.18 9.97 12.10
CA TYR A 236 -13.00 11.40 12.31
C TYR A 236 -14.31 12.15 12.13
N ALA A 237 -15.08 11.81 11.08
CA ALA A 237 -16.36 12.47 10.83
C ALA A 237 -17.34 12.27 11.97
N LEU A 238 -17.18 11.21 12.77
CA LEU A 238 -18.04 10.95 13.91
C LEU A 238 -17.52 11.54 15.21
N GLY A 239 -16.46 12.35 15.15
CA GLY A 239 -15.87 12.96 16.32
C GLY A 239 -14.53 12.39 16.73
N GLY A 240 -13.97 11.44 15.99
CA GLY A 240 -12.66 10.91 16.27
C GLY A 240 -12.63 9.57 16.98
N ASP A 241 -13.78 8.94 17.21
CA ASP A 241 -13.85 7.67 17.92
C ASP A 241 -15.20 7.04 17.65
N ILE A 242 -15.23 5.71 17.55
CA ILE A 242 -16.45 4.99 17.19
C ILE A 242 -17.02 4.19 18.35
N ASN A 243 -16.35 4.15 19.50
CA ASN A 243 -16.79 3.27 20.58
C ASN A 243 -18.18 3.66 21.10
N LYS A 244 -18.42 4.95 21.31
CA LYS A 244 -19.73 5.39 21.79
C LYS A 244 -20.80 5.16 20.73
N VAL A 245 -20.48 5.37 19.46
CA VAL A 245 -21.46 5.15 18.39
C VAL A 245 -21.91 3.69 18.37
N LEU A 246 -20.95 2.76 18.49
CA LEU A 246 -21.30 1.34 18.48
C LEU A 246 -22.19 0.98 19.67
N GLU A 247 -21.92 1.57 20.84
CA GLU A 247 -22.77 1.32 22.00
C GLU A 247 -24.19 1.83 21.78
N LYS A 248 -24.32 3.03 21.20
CA LYS A 248 -25.64 3.61 20.96
C LYS A 248 -26.41 2.84 19.89
N LEU A 249 -25.72 2.34 18.87
CA LEU A 249 -26.36 1.52 17.85
C LEU A 249 -26.73 0.14 18.37
N GLY A 250 -26.28 -0.25 19.55
CA GLY A 250 -26.56 -1.56 20.09
C GLY A 250 -25.72 -2.67 19.52
N TYR A 251 -24.58 -2.35 18.92
CA TYR A 251 -23.70 -3.35 18.32
C TYR A 251 -22.76 -3.86 19.42
N SER A 252 -23.06 -5.03 19.96
CA SER A 252 -22.22 -5.65 20.97
C SER A 252 -22.24 -7.16 20.75
N GLY A 253 -21.54 -7.88 21.61
CA GLY A 253 -21.49 -9.33 21.55
C GLY A 253 -20.07 -9.84 21.42
N GLY A 254 -19.96 -11.17 21.47
CA GLY A 254 -18.66 -11.82 21.43
C GLY A 254 -17.99 -11.80 20.07
N ASP A 255 -18.76 -11.57 19.01
CA ASP A 255 -18.21 -11.50 17.67
C ASP A 255 -17.80 -10.09 17.24
N LEU A 256 -17.94 -9.10 18.12
CA LEU A 256 -17.73 -7.71 17.72
C LEU A 256 -16.29 -7.47 17.27
N LEU A 257 -15.32 -7.96 18.04
CA LEU A 257 -13.92 -7.67 17.73
C LEU A 257 -13.51 -8.28 16.39
N GLY A 258 -13.94 -9.50 16.11
CA GLY A 258 -13.65 -10.11 14.83
C GLY A 258 -14.30 -9.37 13.67
N ILE A 259 -15.59 -9.05 13.82
CA ILE A 259 -16.32 -8.34 12.78
C ILE A 259 -15.70 -6.97 12.53
N LEU A 260 -15.39 -6.24 13.60
CA LEU A 260 -14.80 -4.92 13.47
C LEU A 260 -13.41 -4.99 12.82
N GLU A 261 -12.63 -6.02 13.18
CA GLU A 261 -11.29 -6.16 12.60
C GLU A 261 -11.34 -6.47 11.12
N SER A 262 -12.37 -7.19 10.66
CA SER A 262 -12.53 -7.51 9.25
C SER A 262 -13.20 -6.39 8.45
N ARG A 263 -13.50 -5.26 9.09
CA ARG A 263 -14.18 -4.13 8.44
C ARG A 263 -15.57 -4.54 7.94
N GLY A 264 -16.28 -5.34 8.75
CA GLY A 264 -17.58 -5.85 8.38
C GLY A 264 -18.76 -4.96 8.68
N ILE A 265 -18.56 -3.83 9.35
CA ILE A 265 -19.62 -2.88 9.62
C ILE A 265 -19.49 -1.75 8.61
N LYS A 266 -20.44 -1.72 7.66
CA LYS A 266 -20.38 -0.82 6.51
C LYS A 266 -21.59 0.10 6.49
N ALA A 267 -21.37 1.31 6.00
CA ALA A 267 -22.43 2.30 5.84
C ALA A 267 -22.57 2.70 4.38
N ARG A 268 -23.80 2.99 3.97
CA ARG A 268 -24.08 3.48 2.63
C ARG A 268 -24.87 4.77 2.72
N ILE A 269 -24.75 5.59 1.69
CA ILE A 269 -25.42 6.89 1.65
C ILE A 269 -26.84 6.72 1.15
N THR A 270 -27.80 7.28 1.88
CA THR A 270 -29.20 7.24 1.48
C THR A 270 -29.82 8.61 1.24
N HIS A 271 -29.27 9.68 1.81
CA HIS A 271 -29.84 11.00 1.60
C HIS A 271 -28.79 12.07 1.89
N VAL A 272 -28.79 13.12 1.08
CA VAL A 272 -27.95 14.29 1.28
C VAL A 272 -28.85 15.52 1.26
N ASP A 273 -28.82 16.29 2.32
CA ASP A 273 -29.62 17.51 2.46
C ASP A 273 -28.68 18.71 2.37
N THR A 274 -28.84 19.52 1.33
CA THR A 274 -27.99 20.69 1.13
C THR A 274 -28.58 21.97 1.72
N GLU A 275 -29.77 21.92 2.31
CA GLU A 275 -30.36 23.08 2.93
C GLU A 275 -30.14 23.12 4.44
N SER A 276 -30.20 21.96 5.11
CA SER A 276 -29.89 21.87 6.53
C SER A 276 -28.55 21.19 6.79
N TYR A 277 -27.84 20.77 5.74
CA TYR A 277 -26.46 20.29 5.82
C TYR A 277 -26.34 19.08 6.75
N PHE A 278 -26.97 17.99 6.34
CA PHE A 278 -26.77 16.71 6.99
C PHE A 278 -26.76 15.60 5.96
N ILE A 279 -26.15 14.47 6.34
CA ILE A 279 -26.04 13.29 5.49
C ILE A 279 -26.64 12.11 6.24
N VAL A 280 -27.52 11.36 5.57
CA VAL A 280 -28.14 10.18 6.15
C VAL A 280 -27.44 8.94 5.60
N LEU A 281 -27.00 8.08 6.51
CA LEU A 281 -26.34 6.84 6.16
C LEU A 281 -27.14 5.65 6.70
N SER A 282 -27.06 4.54 5.99
CA SER A 282 -27.65 3.27 6.43
C SER A 282 -26.52 2.33 6.82
N ILE A 283 -26.59 1.78 8.02
CA ILE A 283 -25.51 0.96 8.58
C ILE A 283 -26.10 -0.35 9.10
N ALA A 284 -25.37 -1.44 8.89
CA ALA A 284 -25.83 -2.77 9.26
C ALA A 284 -24.77 -3.51 10.04
N TYR A 285 -25.18 -4.16 11.12
CA TYR A 285 -24.31 -5.08 11.85
C TYR A 285 -24.52 -6.49 11.31
N PRO A 286 -23.50 -7.12 10.73
CA PRO A 286 -23.70 -8.41 10.06
C PRO A 286 -23.82 -9.56 11.05
N THR A 287 -24.36 -10.67 10.54
CA THR A 287 -24.37 -11.94 11.24
C THR A 287 -23.47 -12.93 10.51
N LEU A 288 -22.78 -13.77 11.27
CA LEU A 288 -21.78 -14.69 10.74
C LEU A 288 -22.43 -16.05 10.48
N SER A 289 -22.17 -16.60 9.30
CA SER A 289 -22.64 -17.93 8.93
C SER A 289 -21.45 -18.76 8.45
N GLU A 290 -21.19 -19.86 9.14
CA GLU A 290 -20.15 -20.78 8.72
C GLU A 290 -20.56 -21.50 7.44
N ILE A 291 -19.61 -21.66 6.53
CA ILE A 291 -19.85 -22.38 5.28
C ILE A 291 -19.46 -23.83 5.48
N LYS A 292 -20.44 -24.73 5.39
CA LYS A 292 -20.20 -26.14 5.69
C LYS A 292 -19.31 -26.78 4.63
N GLY A 293 -18.35 -27.57 5.08
CA GLY A 293 -17.47 -28.30 4.20
C GLY A 293 -16.21 -27.57 3.76
N VAL A 294 -16.04 -26.31 4.14
CA VAL A 294 -14.87 -25.53 3.75
C VAL A 294 -13.88 -25.54 4.92
N ILE A 295 -12.65 -25.98 4.63
CA ILE A 295 -11.56 -25.95 5.59
C ILE A 295 -10.45 -25.09 5.02
N VAL A 296 -9.99 -24.12 5.81
CA VAL A 296 -8.89 -23.24 5.43
C VAL A 296 -7.62 -23.79 6.05
N HIS A 297 -6.62 -24.10 5.22
CA HIS A 297 -5.37 -24.68 5.66
C HIS A 297 -4.27 -23.62 5.57
N ARG A 298 -3.45 -23.54 6.63
CA ARG A 298 -2.27 -22.69 6.61
C ARG A 298 -1.05 -23.55 6.33
N LEU A 299 -0.37 -23.26 5.22
CA LEU A 299 0.80 -24.02 4.81
C LEU A 299 2.07 -23.32 5.27
N GLU A 300 3.09 -24.13 5.58
CA GLU A 300 4.40 -23.63 5.97
C GLU A 300 5.45 -24.55 5.37
N GLY A 301 6.61 -23.99 5.09
CA GLY A 301 7.65 -24.71 4.37
C GLY A 301 8.99 -24.67 5.05
N VAL A 302 9.78 -25.71 4.79
CA VAL A 302 11.18 -25.78 5.18
C VAL A 302 12.02 -25.96 3.94
N SER A 303 13.18 -25.30 3.90
CA SER A 303 14.07 -25.45 2.77
C SER A 303 14.75 -26.82 2.77
N TYR A 304 15.23 -27.22 1.61
CA TYR A 304 15.95 -28.48 1.47
C TYR A 304 17.18 -28.26 0.61
N ASN A 305 18.11 -29.20 0.68
CA ASN A 305 19.41 -29.07 0.04
C ASN A 305 19.60 -30.13 -1.05
N ILE A 306 20.11 -29.69 -2.20
CA ILE A 306 20.53 -30.57 -3.28
C ILE A 306 22.01 -30.29 -3.50
N GLY A 307 22.87 -31.12 -2.93
CA GLY A 307 24.29 -30.86 -2.98
C GLY A 307 24.67 -29.69 -2.10
N SER A 308 25.01 -28.56 -2.70
CA SER A 308 25.35 -27.35 -1.97
C SER A 308 24.31 -26.24 -2.12
N GLN A 309 23.28 -26.45 -2.93
CA GLN A 309 22.25 -25.44 -3.15
C GLN A 309 21.05 -25.70 -2.25
N GLU A 310 20.50 -24.62 -1.69
CA GLU A 310 19.36 -24.70 -0.79
C GLU A 310 18.11 -24.23 -1.55
N TRP A 311 17.11 -25.11 -1.63
CA TRP A 311 15.90 -24.87 -2.40
C TRP A 311 14.69 -24.78 -1.49
N TYR A 312 13.62 -24.19 -2.01
CA TYR A 312 12.39 -23.97 -1.27
C TYR A 312 11.20 -24.18 -2.20
N THR A 313 10.25 -25.00 -1.78
CA THR A 313 9.04 -25.25 -2.57
C THR A 313 8.10 -24.05 -2.46
N THR A 314 7.58 -23.61 -3.61
CA THR A 314 6.69 -22.46 -3.68
C THR A 314 5.25 -22.94 -3.61
N VAL A 315 4.55 -22.58 -2.53
CA VAL A 315 3.15 -22.92 -2.34
C VAL A 315 2.43 -21.73 -1.70
N PRO A 316 1.11 -21.66 -1.82
CA PRO A 316 0.39 -20.54 -1.22
C PRO A 316 0.42 -20.60 0.29
N LYS A 317 0.31 -19.42 0.91
CA LYS A 317 0.25 -19.34 2.37
C LYS A 317 -0.99 -20.02 2.92
N TYR A 318 -2.14 -19.76 2.30
CA TYR A 318 -3.40 -20.38 2.70
C TYR A 318 -4.04 -21.05 1.49
N VAL A 319 -4.65 -22.21 1.72
CA VAL A 319 -5.46 -22.89 0.72
C VAL A 319 -6.76 -23.35 1.37
N ALA A 320 -7.78 -23.51 0.55
CA ALA A 320 -9.10 -23.91 1.00
C ALA A 320 -9.54 -25.18 0.29
N THR A 321 -10.21 -26.06 1.04
CA THR A 321 -10.72 -27.31 0.51
C THR A 321 -12.20 -27.43 0.81
N GLN A 322 -12.95 -27.98 -0.14
CA GLN A 322 -14.37 -28.32 0.04
C GLN A 322 -14.57 -29.67 -0.62
N GLY A 323 -14.42 -30.74 0.15
CA GLY A 323 -14.45 -32.08 -0.39
C GLY A 323 -13.25 -32.38 -1.26
N TYR A 324 -13.49 -32.67 -2.53
CA TYR A 324 -12.40 -32.93 -3.46
C TYR A 324 -11.79 -31.64 -4.01
N LEU A 325 -12.49 -30.52 -3.89
CA LEU A 325 -12.09 -29.29 -4.55
C LEU A 325 -11.04 -28.54 -3.74
N ILE A 326 -10.08 -27.96 -4.44
CA ILE A 326 -9.01 -27.17 -3.83
C ILE A 326 -9.04 -25.78 -4.45
N SER A 327 -9.05 -24.76 -3.61
CA SER A 327 -9.10 -23.37 -4.05
C SER A 327 -8.06 -22.53 -3.34
N ASN A 328 -7.69 -21.42 -3.98
CA ASN A 328 -6.92 -20.38 -3.33
C ASN A 328 -7.76 -19.70 -2.25
N PHE A 329 -7.07 -19.01 -1.33
CA PHE A 329 -7.72 -18.31 -0.24
C PHE A 329 -7.09 -16.93 -0.09
N ASP A 330 -7.89 -15.88 -0.27
CA ASP A 330 -7.44 -14.51 -0.09
C ASP A 330 -7.73 -14.07 1.34
N GLU A 331 -6.68 -13.78 2.10
CA GLU A 331 -6.82 -13.45 3.51
C GLU A 331 -6.92 -11.95 3.77
N SER A 332 -7.03 -11.13 2.72
CA SER A 332 -6.94 -9.68 2.89
C SER A 332 -8.08 -9.13 3.74
N SER A 333 -9.29 -9.67 3.58
CA SER A 333 -10.45 -9.19 4.31
C SER A 333 -10.79 -10.06 5.51
N CYS A 334 -9.93 -10.99 5.89
CA CYS A 334 -10.24 -11.98 6.91
C CYS A 334 -9.51 -11.67 8.22
N THR A 335 -10.11 -12.13 9.32
CA THR A 335 -9.49 -12.11 10.63
C THR A 335 -9.52 -13.53 11.19
N PHE A 336 -8.38 -14.00 11.68
CA PHE A 336 -8.24 -15.37 12.16
C PHE A 336 -8.52 -15.40 13.66
N MET A 337 -9.79 -15.58 14.01
CA MET A 337 -10.20 -15.72 15.38
C MET A 337 -9.97 -17.15 15.86
N PRO A 338 -9.87 -17.37 17.18
CA PRO A 338 -9.68 -18.74 17.68
C PRO A 338 -10.78 -19.69 17.27
N GLU A 339 -12.01 -19.21 17.06
CA GLU A 339 -13.11 -20.07 16.69
C GLU A 339 -13.32 -20.18 15.18
N GLY A 340 -12.48 -19.54 14.37
CA GLY A 340 -12.59 -19.66 12.94
C GLY A 340 -12.21 -18.37 12.25
N THR A 341 -12.09 -18.46 10.93
CA THR A 341 -11.71 -17.33 10.10
C THR A 341 -12.95 -16.52 9.73
N VAL A 342 -12.93 -15.24 10.07
CA VAL A 342 -14.05 -14.33 9.81
C VAL A 342 -13.63 -13.40 8.67
N CYS A 343 -14.36 -13.46 7.56
CA CYS A 343 -14.06 -12.66 6.38
C CYS A 343 -15.27 -11.80 6.03
N SER A 344 -15.00 -10.54 5.66
CA SER A 344 -16.05 -9.62 5.25
C SER A 344 -16.30 -9.65 3.75
N GLN A 345 -15.48 -10.36 2.98
CA GLN A 345 -15.68 -10.53 1.55
C GLN A 345 -15.53 -12.02 1.23
N ASN A 346 -15.87 -12.38 0.00
CA ASN A 346 -15.62 -13.75 -0.46
C ASN A 346 -14.11 -13.96 -0.63
N ALA A 347 -13.57 -14.92 0.12
CA ALA A 347 -12.13 -15.15 0.16
C ALA A 347 -11.67 -16.26 -0.80
N LEU A 348 -12.60 -17.08 -1.29
CA LEU A 348 -12.26 -18.20 -2.16
C LEU A 348 -12.20 -17.74 -3.60
N TYR A 349 -11.10 -18.04 -4.28
CA TYR A 349 -10.98 -17.83 -5.71
C TYR A 349 -10.24 -19.00 -6.32
N PRO A 350 -10.44 -19.27 -7.61
CA PRO A 350 -9.92 -20.51 -8.20
C PRO A 350 -8.41 -20.61 -8.20
N MET A 351 -7.93 -21.85 -8.16
CA MET A 351 -6.51 -22.18 -8.27
C MET A 351 -6.27 -22.87 -9.60
N SER A 352 -5.14 -22.56 -10.23
CA SER A 352 -4.83 -23.13 -11.53
C SER A 352 -4.73 -24.65 -11.44
N PRO A 353 -5.10 -25.37 -12.50
CA PRO A 353 -5.08 -26.84 -12.44
C PRO A 353 -3.71 -27.43 -12.14
N LEU A 354 -2.64 -26.81 -12.61
CA LEU A 354 -1.31 -27.35 -12.34
C LEU A 354 -0.94 -27.23 -10.87
N LEU A 355 -1.28 -26.09 -10.24
CA LEU A 355 -1.02 -25.93 -8.81
C LEU A 355 -1.87 -26.87 -7.98
N GLN A 356 -3.10 -27.15 -8.41
CA GLN A 356 -3.94 -28.11 -7.71
C GLN A 356 -3.32 -29.50 -7.73
N GLU A 357 -2.77 -29.92 -8.88
CA GLU A 357 -2.15 -31.23 -8.98
C GLU A 357 -0.91 -31.32 -8.10
N CYS A 358 -0.19 -30.20 -7.93
CA CYS A 358 0.91 -30.16 -6.99
C CYS A 358 0.42 -30.46 -5.57
N LEU A 359 -0.71 -29.86 -5.18
CA LEU A 359 -1.23 -30.07 -3.84
C LEU A 359 -1.89 -31.43 -3.66
N ARG A 360 -2.18 -32.14 -4.76
CA ARG A 360 -2.74 -33.48 -4.68
C ARG A 360 -1.69 -34.58 -4.67
N GLY A 361 -0.41 -34.22 -4.61
CA GLY A 361 0.65 -35.21 -4.47
C GLY A 361 1.59 -35.30 -5.65
N SER A 362 1.42 -34.51 -6.71
CA SER A 362 2.35 -34.50 -7.83
C SER A 362 3.47 -33.52 -7.49
N THR A 363 4.59 -34.05 -7.01
CA THR A 363 5.71 -33.19 -6.61
C THR A 363 6.37 -32.52 -7.80
N LYS A 364 6.36 -33.19 -8.97
CA LYS A 364 6.95 -32.58 -10.16
C LYS A 364 6.18 -31.38 -10.66
N SER A 365 4.90 -31.23 -10.27
CA SER A 365 4.14 -30.03 -10.61
C SER A 365 4.51 -28.84 -9.74
N CYS A 366 4.99 -29.07 -8.52
CA CYS A 366 5.34 -27.98 -7.62
C CYS A 366 6.64 -27.32 -8.06
N ALA A 367 6.64 -25.99 -8.13
CA ALA A 367 7.84 -25.25 -8.48
C ALA A 367 8.71 -25.02 -7.24
N ARG A 368 9.97 -24.66 -7.49
CA ARG A 368 10.93 -24.42 -6.42
C ARG A 368 11.79 -23.22 -6.75
N THR A 369 12.28 -22.54 -5.72
CA THR A 369 13.11 -21.36 -5.90
C THR A 369 14.30 -21.41 -4.95
N LEU A 370 15.38 -20.73 -5.35
CA LEU A 370 16.54 -20.56 -4.49
C LEU A 370 16.22 -19.56 -3.37
N VAL A 371 16.96 -19.67 -2.28
CA VAL A 371 16.77 -18.81 -1.13
C VAL A 371 18.04 -18.01 -0.87
N SER A 372 17.89 -16.94 -0.09
CA SER A 372 19.00 -16.08 0.27
C SER A 372 19.97 -16.83 1.20
N GLY A 373 21.11 -16.20 1.44
CA GLY A 373 22.14 -16.82 2.28
C GLY A 373 21.65 -17.08 3.70
N SER A 374 20.91 -16.14 4.26
CA SER A 374 20.37 -16.27 5.62
C SER A 374 18.88 -16.55 5.52
N PHE A 375 18.53 -17.82 5.52
CA PHE A 375 17.13 -18.25 5.41
C PHE A 375 16.65 -18.72 6.78
N GLY A 376 15.48 -18.23 7.19
CA GLY A 376 14.98 -18.53 8.53
C GLY A 376 14.23 -19.83 8.67
N ASN A 377 13.68 -20.37 7.58
CA ASN A 377 12.87 -21.58 7.65
C ASN A 377 13.71 -22.80 7.27
N ARG A 378 14.54 -23.23 8.22
CA ARG A 378 15.41 -24.38 8.02
C ARG A 378 15.05 -25.56 8.91
N PHE A 379 14.03 -25.42 9.76
CA PHE A 379 13.47 -26.56 10.48
C PHE A 379 12.06 -26.18 10.92
N ILE A 380 11.26 -27.20 11.23
CA ILE A 380 9.89 -26.98 11.68
C ILE A 380 9.48 -28.15 12.56
N LEU A 381 8.66 -27.85 13.57
CA LEU A 381 8.05 -28.86 14.43
C LEU A 381 6.68 -29.21 13.87
N SER A 382 6.44 -30.48 13.59
CA SER A 382 5.18 -30.93 13.01
C SER A 382 4.83 -32.30 13.57
N GLN A 383 3.65 -32.41 14.17
CA GLN A 383 3.14 -33.65 14.75
C GLN A 383 4.14 -34.22 15.77
N GLY A 384 4.79 -33.34 16.51
CA GLY A 384 5.75 -33.74 17.51
C GLY A 384 7.08 -34.19 16.98
N ASN A 385 7.33 -34.10 15.68
CA ASN A 385 8.61 -34.42 15.08
C ASN A 385 9.25 -33.16 14.50
N LEU A 386 10.56 -33.24 14.27
CA LEU A 386 11.30 -32.15 13.66
C LEU A 386 11.65 -32.52 12.23
N ILE A 387 11.27 -31.67 11.29
CA ILE A 387 11.69 -31.77 9.89
C ILE A 387 12.73 -30.68 9.69
N ALA A 388 13.97 -31.07 9.48
CA ALA A 388 15.08 -30.13 9.47
C ALA A 388 15.97 -30.33 8.26
N ASN A 389 16.49 -29.23 7.73
CA ASN A 389 17.51 -29.27 6.69
C ASN A 389 18.86 -29.32 7.39
N CYS A 390 19.31 -30.54 7.72
CA CYS A 390 20.52 -30.71 8.51
C CYS A 390 21.79 -30.50 7.70
N ALA A 391 21.69 -30.32 6.39
CA ALA A 391 22.84 -29.91 5.60
C ALA A 391 23.09 -28.41 5.65
N SER A 392 22.13 -27.62 6.12
CA SER A 392 22.29 -26.18 6.23
C SER A 392 22.28 -25.66 7.66
N ILE A 393 21.90 -26.47 8.63
CA ILE A 393 22.04 -26.16 10.05
C ILE A 393 22.67 -27.36 10.74
N LEU A 394 23.22 -27.11 11.91
CA LEU A 394 23.90 -28.15 12.69
C LEU A 394 22.85 -28.89 13.50
N CYS A 395 22.59 -30.14 13.15
CA CYS A 395 21.70 -31.00 13.91
C CYS A 395 22.53 -31.91 14.80
N LYS A 396 22.22 -31.91 16.10
CA LYS A 396 22.95 -32.72 17.05
C LYS A 396 21.97 -33.40 18.00
N CYS A 397 22.28 -34.65 18.35
CA CYS A 397 21.47 -35.41 19.30
C CYS A 397 21.96 -35.09 20.71
N TYR A 398 21.14 -34.36 21.47
CA TYR A 398 21.53 -33.99 22.83
C TYR A 398 21.68 -35.21 23.73
N THR A 399 20.87 -36.25 23.50
CA THR A 399 20.90 -37.42 24.37
C THR A 399 22.26 -38.11 24.34
N THR A 400 22.85 -38.26 23.15
CA THR A 400 24.12 -38.95 22.98
C THR A 400 25.28 -38.03 22.62
N GLY A 401 25.02 -36.75 22.40
CA GLY A 401 26.09 -35.83 22.06
C GLY A 401 26.61 -35.95 20.66
N THR A 402 25.96 -36.73 19.80
CA THR A 402 26.46 -37.02 18.46
C THR A 402 25.83 -36.08 17.43
N ILE A 403 26.65 -35.69 16.45
CA ILE A 403 26.17 -34.85 15.36
C ILE A 403 25.27 -35.67 14.43
N ILE A 404 24.17 -35.06 13.98
CA ILE A 404 23.27 -35.70 13.03
C ILE A 404 23.65 -35.23 11.63
N ASN A 405 24.05 -36.17 10.78
CA ASN A 405 24.52 -35.87 9.44
C ASN A 405 23.44 -36.18 8.42
N GLN A 406 23.27 -35.27 7.47
CA GLN A 406 22.32 -35.45 6.38
C GLN A 406 23.07 -35.97 5.16
N ASP A 407 22.67 -37.14 4.67
CA ASP A 407 23.37 -37.76 3.55
C ASP A 407 23.21 -36.91 2.29
N PRO A 408 24.23 -36.87 1.43
CA PRO A 408 24.11 -36.08 0.19
C PRO A 408 22.97 -36.54 -0.71
N ASP A 409 22.66 -37.83 -0.74
CA ASP A 409 21.56 -38.34 -1.56
C ASP A 409 20.20 -38.19 -0.87
N LYS A 410 20.10 -37.38 0.17
CA LYS A 410 18.84 -37.02 0.79
C LYS A 410 18.77 -35.50 0.93
N ILE A 411 17.55 -34.98 0.96
CA ILE A 411 17.33 -33.55 1.00
C ILE A 411 16.86 -33.05 2.36
N LEU A 412 16.23 -33.90 3.17
CA LEU A 412 15.70 -33.49 4.46
C LEU A 412 15.94 -34.59 5.50
N THR A 413 15.83 -34.22 6.76
CA THR A 413 15.96 -35.15 7.88
C THR A 413 14.69 -35.09 8.72
N TYR A 414 14.17 -36.25 9.09
CA TYR A 414 12.95 -36.37 9.88
C TYR A 414 13.32 -36.96 11.23
N ILE A 415 13.30 -36.14 12.27
CA ILE A 415 13.80 -36.50 13.59
C ILE A 415 12.64 -36.86 14.49
N ALA A 416 12.68 -38.05 15.08
CA ALA A 416 11.69 -38.53 16.03
C ALA A 416 12.40 -39.14 17.24
N ALA A 417 11.61 -39.56 18.23
CA ALA A 417 12.18 -40.01 19.49
C ALA A 417 12.90 -41.35 19.37
N ASP A 418 12.54 -42.18 18.40
CA ASP A 418 13.21 -43.47 18.22
C ASP A 418 14.67 -43.31 17.84
N HIS A 419 15.05 -42.18 17.25
CA HIS A 419 16.45 -41.94 16.92
C HIS A 419 17.10 -41.01 17.94
N CYS A 420 16.38 -39.98 18.38
CA CYS A 420 16.95 -39.03 19.32
C CYS A 420 15.84 -38.37 20.12
N PRO A 421 15.62 -38.78 21.37
CA PRO A 421 14.53 -38.20 22.16
C PRO A 421 14.65 -36.70 22.39
N VAL A 422 15.86 -36.17 22.54
CA VAL A 422 16.08 -34.74 22.76
C VAL A 422 17.16 -34.27 21.79
N VAL A 423 16.83 -33.26 20.98
CA VAL A 423 17.68 -32.88 19.86
C VAL A 423 17.93 -31.38 19.90
N GLU A 424 19.13 -30.98 19.50
CA GLU A 424 19.51 -29.58 19.32
C GLU A 424 19.71 -29.31 17.84
N VAL A 425 18.99 -28.31 17.31
CA VAL A 425 18.92 -28.08 15.87
C VAL A 425 19.56 -26.77 15.45
N ASN A 426 19.30 -25.68 16.17
CA ASN A 426 19.93 -24.40 15.85
C ASN A 426 20.35 -23.70 17.13
N GLY A 427 20.92 -24.45 18.07
CA GLY A 427 21.12 -23.97 19.40
C GLY A 427 19.91 -24.08 20.30
N VAL A 428 18.82 -24.67 19.82
CA VAL A 428 17.58 -24.83 20.58
C VAL A 428 17.41 -26.29 20.91
N THR A 429 17.23 -26.59 22.20
CA THR A 429 17.03 -27.95 22.67
C THR A 429 15.54 -28.26 22.63
N ILE A 430 15.17 -29.33 21.93
CA ILE A 430 13.77 -29.71 21.72
C ILE A 430 13.61 -31.19 22.00
N GLN A 431 12.55 -31.55 22.70
CA GLN A 431 12.17 -32.94 22.90
C GLN A 431 11.09 -33.31 21.90
N VAL A 432 11.26 -34.46 21.24
CA VAL A 432 10.36 -34.88 20.18
C VAL A 432 9.65 -36.17 20.59
N GLY A 433 8.48 -36.38 20.01
CA GLY A 433 7.66 -37.54 20.31
C GLY A 433 7.89 -38.68 19.33
N SER A 434 6.92 -39.60 19.30
CA SER A 434 7.03 -40.80 18.48
C SER A 434 6.94 -40.46 16.99
N ARG A 435 7.42 -41.39 16.18
CA ARG A 435 7.59 -41.12 14.75
C ARG A 435 6.25 -40.98 14.04
N ARG A 436 6.08 -39.85 13.36
CA ARG A 436 4.89 -39.57 12.58
C ARG A 436 5.20 -39.34 11.11
N TYR A 437 6.48 -39.33 10.72
CA TYR A 437 6.92 -39.19 9.35
C TYR A 437 7.92 -40.29 9.02
N PRO A 438 7.86 -40.86 7.83
CA PRO A 438 8.83 -41.90 7.47
C PRO A 438 10.24 -41.31 7.36
N ASP A 439 11.22 -42.20 7.51
CA ASP A 439 12.61 -41.79 7.31
C ASP A 439 12.80 -41.30 5.88
N ALA A 440 13.66 -40.29 5.72
CA ALA A 440 13.83 -39.64 4.43
C ALA A 440 14.21 -40.65 3.36
N VAL A 441 13.55 -40.56 2.20
CA VAL A 441 13.88 -41.39 1.05
C VAL A 441 14.98 -40.70 0.26
N TYR A 442 15.62 -41.44 -0.65
CA TYR A 442 16.67 -40.85 -1.47
C TYR A 442 16.07 -39.85 -2.46
N LEU A 443 16.95 -38.97 -2.95
CA LEU A 443 16.52 -37.97 -3.91
C LEU A 443 16.04 -38.59 -5.22
N HIS A 444 16.57 -39.75 -5.60
CA HIS A 444 16.15 -40.37 -6.85
C HIS A 444 14.75 -40.96 -6.78
N ARG A 445 14.14 -41.01 -5.60
CA ARG A 445 12.75 -41.42 -5.46
C ARG A 445 11.79 -40.23 -5.39
N ILE A 446 12.29 -39.02 -5.55
CA ILE A 446 11.48 -37.81 -5.49
C ILE A 446 11.61 -37.08 -6.82
N ASP A 447 10.49 -36.87 -7.50
CA ASP A 447 10.45 -36.07 -8.72
C ASP A 447 10.26 -34.61 -8.34
N LEU A 448 11.26 -33.78 -8.61
CA LEU A 448 11.20 -32.38 -8.26
C LEU A 448 10.75 -31.55 -9.45
N GLY A 449 10.09 -30.43 -9.15
CA GLY A 449 9.55 -29.57 -10.17
C GLY A 449 10.55 -28.57 -10.69
N PRO A 450 10.08 -27.62 -11.51
CA PRO A 450 10.99 -26.71 -12.19
C PRO A 450 11.45 -25.58 -11.29
N PRO A 451 12.70 -25.15 -11.42
CA PRO A 451 13.13 -23.94 -10.71
C PRO A 451 12.58 -22.69 -11.37
N ILE A 452 12.10 -21.75 -10.54
CA ILE A 452 11.50 -20.51 -11.02
C ILE A 452 12.04 -19.34 -10.20
N SER A 453 11.82 -18.13 -10.74
CA SER A 453 12.05 -16.89 -10.02
C SER A 453 10.76 -16.09 -10.07
N LEU A 454 10.25 -15.72 -8.89
CA LEU A 454 8.92 -15.13 -8.80
C LEU A 454 8.90 -13.62 -8.99
N GLY A 455 10.06 -12.97 -9.02
CA GLY A 455 10.08 -11.52 -9.12
C GLY A 455 9.49 -11.03 -10.43
N ARG A 456 8.98 -9.80 -10.39
CA ARG A 456 8.28 -9.23 -11.55
C ARG A 456 9.19 -9.12 -12.76
N LEU A 457 10.41 -8.63 -12.58
CA LEU A 457 11.32 -8.48 -13.71
C LEU A 457 11.89 -9.81 -14.17
N ASP A 458 12.15 -10.72 -13.22
CA ASP A 458 12.62 -12.05 -13.59
C ASP A 458 11.58 -12.78 -14.43
N VAL A 459 10.30 -12.65 -14.08
CA VAL A 459 9.24 -13.27 -14.86
C VAL A 459 9.22 -12.69 -16.27
N GLY A 460 9.33 -11.37 -16.38
CA GLY A 460 9.29 -10.74 -17.69
C GLY A 460 10.46 -11.13 -18.57
N THR A 461 11.66 -11.18 -17.99
CA THR A 461 12.85 -11.55 -18.76
C THR A 461 12.76 -12.99 -19.25
N ASN A 462 12.31 -13.90 -18.38
CA ASN A 462 12.24 -15.30 -18.76
C ASN A 462 11.08 -15.57 -19.72
N LEU A 463 9.93 -14.91 -19.50
CA LEU A 463 8.81 -15.08 -20.42
C LEU A 463 9.14 -14.57 -21.81
N GLY A 464 9.81 -13.42 -21.89
CA GLY A 464 10.21 -12.90 -23.19
C GLY A 464 11.13 -13.84 -23.94
N ASN A 465 12.08 -14.45 -23.23
CA ASN A 465 12.97 -15.43 -23.84
C ASN A 465 12.20 -16.64 -24.33
N ALA A 466 11.22 -17.11 -23.55
CA ALA A 466 10.42 -18.26 -23.94
C ALA A 466 9.56 -17.95 -25.16
N ILE A 467 8.94 -16.76 -25.19
CA ILE A 467 8.11 -16.37 -26.32
C ILE A 467 8.95 -16.26 -27.59
N ALA A 468 10.16 -15.72 -27.47
CA ALA A 468 11.04 -15.59 -28.63
C ALA A 468 11.37 -16.96 -29.24
N LYS A 469 11.61 -17.96 -28.38
CA LYS A 469 11.88 -19.30 -28.88
C LYS A 469 10.68 -19.88 -29.60
N LEU A 470 9.47 -19.69 -29.06
CA LEU A 470 8.26 -20.18 -29.70
C LEU A 470 8.03 -19.51 -31.05
N GLU A 471 8.30 -18.21 -31.15
CA GLU A 471 8.12 -17.51 -32.41
C GLU A 471 9.14 -17.94 -33.44
N ASP A 472 10.36 -18.28 -33.01
CA ASP A 472 11.38 -18.76 -33.94
C ASP A 472 11.12 -20.18 -34.41
N ALA A 473 10.23 -20.91 -33.75
CA ALA A 473 9.92 -22.28 -34.11
C ALA A 473 8.51 -22.42 -34.69
N LYS A 474 7.91 -21.32 -35.14
CA LYS A 474 6.52 -21.35 -35.60
C LYS A 474 6.34 -22.28 -36.78
N GLU A 475 7.28 -22.26 -37.73
CA GLU A 475 7.14 -23.09 -38.93
C GLU A 475 7.16 -24.58 -38.59
N LEU A 476 8.05 -24.98 -37.67
CA LEU A 476 8.04 -26.37 -37.21
C LEU A 476 6.75 -26.70 -36.48
N LEU A 477 6.27 -25.80 -35.63
CA LEU A 477 5.08 -26.08 -34.83
C LEU A 477 3.82 -26.09 -35.69
N GLU A 478 3.75 -25.21 -36.69
CA GLU A 478 2.57 -25.16 -37.56
C GLU A 478 2.55 -26.27 -38.60
N SER A 479 3.67 -26.96 -38.82
CA SER A 479 3.74 -28.09 -39.73
C SER A 479 3.85 -29.40 -38.97
N SER A 480 3.25 -29.45 -37.77
CA SER A 480 3.36 -30.63 -36.92
C SER A 480 2.68 -31.83 -37.55
N ASP A 481 1.51 -31.64 -38.17
CA ASP A 481 0.76 -32.78 -38.69
C ASP A 481 1.51 -33.48 -39.81
N GLN A 482 2.20 -32.71 -40.67
CA GLN A 482 3.03 -33.32 -41.70
C GLN A 482 4.16 -34.15 -41.09
N ILE A 483 4.77 -33.64 -40.00
CA ILE A 483 5.84 -34.36 -39.35
C ILE A 483 5.32 -35.61 -38.65
N LEU A 484 4.02 -35.64 -38.33
CA LEU A 484 3.46 -36.79 -37.62
C LEU A 484 2.96 -37.87 -38.58
N ARG A 485 2.55 -37.50 -39.79
CA ARG A 485 2.11 -38.49 -40.77
C ARG A 485 3.32 -39.06 -41.51
N SER A 486 4.33 -39.50 -40.78
CA SER A 486 5.54 -40.05 -41.36
C SER A 486 6.21 -41.04 -40.42
N GLN B 24 31.75 -8.24 -11.63
CA GLN B 24 31.38 -9.18 -12.68
C GLN B 24 30.35 -8.55 -13.62
N ILE B 25 29.83 -7.39 -13.25
CA ILE B 25 28.94 -6.64 -14.13
C ILE B 25 29.74 -6.07 -15.28
N HIS B 26 29.27 -6.28 -16.50
CA HIS B 26 29.96 -5.82 -17.71
C HIS B 26 29.39 -4.48 -18.11
N TRP B 27 29.99 -3.40 -17.60
CA TRP B 27 29.46 -2.07 -17.83
C TRP B 27 29.58 -1.65 -19.29
N GLY B 28 30.64 -2.09 -19.97
CA GLY B 28 30.83 -1.70 -21.37
C GLY B 28 29.69 -2.18 -22.27
N ASN B 29 29.28 -3.43 -22.10
CA ASN B 29 28.20 -3.96 -22.93
C ASN B 29 26.84 -3.41 -22.49
N LEU B 30 26.69 -3.12 -21.19
CA LEU B 30 25.44 -2.55 -20.71
C LEU B 30 25.22 -1.14 -21.26
N SER B 31 26.29 -0.35 -21.35
CA SER B 31 26.17 1.01 -21.87
C SER B 31 25.74 1.03 -23.33
N LYS B 32 26.03 -0.03 -24.08
CA LYS B 32 25.63 -0.10 -25.47
C LYS B 32 24.11 -0.24 -25.63
N ILE B 33 23.40 -0.65 -24.58
CA ILE B 33 21.95 -0.65 -24.60
C ILE B 33 21.38 0.39 -23.64
N GLY B 34 22.19 1.39 -23.28
CA GLY B 34 21.69 2.51 -22.50
C GLY B 34 21.56 2.29 -21.01
N VAL B 35 22.36 1.40 -20.43
CA VAL B 35 22.31 1.12 -19.00
C VAL B 35 23.66 1.49 -18.38
N VAL B 36 23.63 2.37 -17.39
CA VAL B 36 24.82 2.76 -16.64
C VAL B 36 24.53 2.72 -15.15
N GLY B 37 25.60 2.71 -14.36
CA GLY B 37 25.49 2.84 -12.92
C GLY B 37 25.66 4.29 -12.48
N ILE B 38 24.83 4.71 -11.53
CA ILE B 38 24.85 6.09 -11.05
C ILE B 38 25.20 6.16 -9.56
N GLY B 39 25.86 5.14 -9.03
CA GLY B 39 26.27 5.17 -7.63
C GLY B 39 26.32 3.80 -6.98
N SER B 40 27.37 3.57 -6.21
CA SER B 40 27.55 2.34 -5.47
C SER B 40 27.72 2.65 -3.99
N ALA B 41 27.40 1.67 -3.15
CA ALA B 41 27.46 1.88 -1.70
C ALA B 41 27.72 0.55 -1.00
N SER B 42 28.20 0.65 0.23
CA SER B 42 28.41 -0.52 1.06
C SER B 42 27.10 -0.95 1.71
N TYR B 43 27.09 -2.18 2.22
CA TYR B 43 25.89 -2.83 2.75
C TYR B 43 26.09 -3.13 4.23
N LYS B 44 25.23 -2.57 5.08
CA LYS B 44 25.29 -2.75 6.52
C LYS B 44 23.98 -3.36 7.02
N VAL B 45 24.09 -4.32 7.92
CA VAL B 45 22.94 -4.98 8.51
C VAL B 45 22.95 -4.74 10.02
N MET B 46 21.88 -5.16 10.68
CA MET B 46 21.66 -4.87 12.09
C MET B 46 21.73 -6.14 12.92
N THR B 47 22.41 -6.06 14.06
CA THR B 47 22.44 -7.12 15.06
C THR B 47 22.16 -6.52 16.43
N ARG B 48 21.56 -7.31 17.30
CA ARG B 48 21.12 -6.86 18.61
C ARG B 48 21.75 -7.72 19.70
N SER B 49 22.35 -7.07 20.70
CA SER B 49 22.96 -7.77 21.82
C SER B 49 22.29 -7.43 23.14
N SER B 50 22.16 -6.15 23.48
CA SER B 50 21.52 -5.74 24.72
C SER B 50 20.03 -5.47 24.50
N HIS B 51 19.23 -5.78 25.51
CA HIS B 51 17.80 -5.51 25.47
C HIS B 51 17.41 -4.80 26.75
N GLN B 52 16.53 -3.80 26.61
CA GLN B 52 16.01 -3.05 27.74
C GLN B 52 14.52 -3.32 27.90
N SER B 53 14.00 -3.03 29.08
CA SER B 53 12.60 -3.23 29.38
C SER B 53 11.85 -1.91 29.32
N LEU B 54 10.67 -1.93 28.73
CA LEU B 54 9.79 -0.78 28.61
C LEU B 54 8.38 -1.23 28.93
N VAL B 55 7.77 -0.65 29.97
CA VAL B 55 6.45 -1.05 30.43
C VAL B 55 5.46 0.05 30.08
N ILE B 56 4.36 -0.34 29.44
CA ILE B 56 3.25 0.56 29.18
C ILE B 56 2.31 0.47 30.37
N LYS B 57 2.22 1.57 31.14
CA LYS B 57 1.33 1.67 32.28
C LYS B 57 -0.04 2.13 31.79
N LEU B 58 -0.98 1.20 31.65
CA LEU B 58 -2.27 1.51 31.05
C LEU B 58 -3.20 2.27 31.99
N MET B 59 -2.98 2.20 33.31
CA MET B 59 -3.85 2.90 34.25
C MET B 59 -3.20 4.20 34.68
N PRO B 60 -3.80 5.35 34.36
CA PRO B 60 -3.22 6.62 34.79
C PRO B 60 -3.43 6.87 36.28
N ASN B 61 -2.58 7.73 36.83
CA ASN B 61 -2.75 8.22 38.19
C ASN B 61 -3.78 9.35 38.19
N ILE B 62 -4.89 9.15 38.89
CA ILE B 62 -6.00 10.10 38.87
C ILE B 62 -6.33 10.56 40.29
N THR B 63 -5.35 10.49 41.19
CA THR B 63 -5.61 10.81 42.59
C THR B 63 -6.07 12.25 42.77
N LEU B 64 -5.45 13.18 42.04
CA LEU B 64 -5.80 14.60 42.19
C LEU B 64 -7.07 14.99 41.46
N LEU B 65 -7.75 14.05 40.78
CA LEU B 65 -9.02 14.34 40.14
C LEU B 65 -10.22 14.11 41.05
N ASN B 66 -10.01 13.55 42.25
CA ASN B 66 -11.04 13.46 43.30
C ASN B 66 -12.31 12.77 42.79
N ASN B 67 -12.14 11.55 42.27
CA ASN B 67 -13.25 10.65 41.97
C ASN B 67 -14.21 11.22 40.91
N CYS B 68 -13.75 12.17 40.10
CA CYS B 68 -14.60 12.74 39.06
C CYS B 68 -14.62 11.94 37.77
N THR B 69 -13.78 10.91 37.65
CA THR B 69 -13.68 10.10 36.45
C THR B 69 -14.00 8.63 36.71
N ARG B 70 -14.77 8.36 37.77
CA ARG B 70 -14.98 6.98 38.22
C ARG B 70 -15.69 6.14 37.16
N VAL B 71 -16.75 6.68 36.56
CA VAL B 71 -17.51 5.92 35.56
C VAL B 71 -16.66 5.69 34.31
N GLU B 72 -15.98 6.73 33.84
CA GLU B 72 -15.18 6.59 32.62
C GLU B 72 -14.03 5.62 32.81
N ILE B 73 -13.36 5.66 33.97
CA ILE B 73 -12.25 4.75 34.24
C ILE B 73 -12.73 3.31 34.25
N ALA B 74 -13.88 3.05 34.88
CA ALA B 74 -14.40 1.68 34.94
C ALA B 74 -14.69 1.13 33.55
N GLU B 75 -15.27 1.95 32.68
CA GLU B 75 -15.52 1.51 31.30
C GLU B 75 -14.21 1.26 30.56
N TYR B 76 -13.22 2.12 30.77
CA TYR B 76 -11.92 1.95 30.12
C TYR B 76 -11.28 0.63 30.51
N ARG B 77 -11.37 0.26 31.79
CA ARG B 77 -10.80 -1.00 32.26
C ARG B 77 -11.51 -2.20 31.63
N ARG B 78 -12.84 -2.14 31.53
CA ARG B 78 -13.59 -3.24 30.95
C ARG B 78 -13.19 -3.48 29.50
N LEU B 79 -13.06 -2.40 28.72
CA LEU B 79 -12.66 -2.54 27.32
C LEU B 79 -11.25 -3.12 27.19
N LEU B 80 -10.34 -2.72 28.07
CA LEU B 80 -8.97 -3.21 28.00
C LEU B 80 -8.89 -4.72 28.27
N ARG B 81 -9.79 -5.26 29.10
CA ARG B 81 -9.73 -6.68 29.43
C ARG B 81 -9.94 -7.55 28.19
N THR B 82 -10.85 -7.15 27.31
CA THR B 82 -11.10 -7.94 26.11
C THR B 82 -9.88 -8.02 25.20
N VAL B 83 -8.96 -7.06 25.28
CA VAL B 83 -7.75 -7.11 24.48
C VAL B 83 -6.63 -7.85 25.21
N LEU B 84 -6.47 -7.62 26.51
CA LEU B 84 -5.31 -8.14 27.23
C LEU B 84 -5.41 -9.63 27.50
N GLU B 85 -6.60 -10.13 27.81
CA GLU B 85 -6.75 -11.54 28.18
C GLU B 85 -6.30 -12.51 27.09
N PRO B 86 -6.68 -12.35 25.81
CA PRO B 86 -6.17 -13.27 24.79
C PRO B 86 -4.65 -13.28 24.69
N ILE B 87 -3.99 -12.13 24.85
CA ILE B 87 -2.53 -12.09 24.75
C ILE B 87 -1.89 -12.82 25.92
N ARG B 88 -2.42 -12.62 27.13
CA ARG B 88 -1.87 -13.29 28.31
C ARG B 88 -1.97 -14.80 28.17
N ASP B 89 -3.09 -15.29 27.63
CA ASP B 89 -3.25 -16.73 27.39
C ASP B 89 -2.24 -17.22 26.35
N ALA B 90 -2.02 -16.44 25.29
CA ALA B 90 -1.07 -16.84 24.27
C ALA B 90 0.35 -16.94 24.83
N LEU B 91 0.74 -15.99 25.68
CA LEU B 91 2.07 -16.04 26.29
C LEU B 91 2.21 -17.25 27.20
N ASN B 92 1.17 -17.55 28.00
CA ASN B 92 1.24 -18.69 28.91
C ASN B 92 1.27 -20.01 28.15
N ALA B 93 0.65 -20.06 26.97
CA ALA B 93 0.60 -21.32 26.22
C ALA B 93 1.98 -21.75 25.77
N MET B 94 2.85 -20.79 25.44
CA MET B 94 4.20 -21.14 25.00
C MET B 94 5.12 -21.43 26.18
N THR B 95 5.07 -20.58 27.22
CA THR B 95 6.00 -20.72 28.34
C THR B 95 5.69 -21.94 29.21
N GLN B 96 4.49 -22.51 29.11
CA GLN B 96 4.21 -23.74 29.83
C GLN B 96 4.95 -24.93 29.26
N ASN B 97 5.42 -24.83 28.01
CA ASN B 97 6.10 -25.92 27.33
C ASN B 97 7.61 -25.77 27.33
N ILE B 98 8.14 -24.86 28.15
CA ILE B 98 9.58 -24.61 28.23
C ILE B 98 10.02 -24.83 29.67
N ARG B 99 10.96 -25.74 29.86
CA ARG B 99 11.44 -26.15 31.18
C ARG B 99 12.96 -26.25 31.17
N PRO B 100 13.59 -26.16 32.34
CA PRO B 100 15.05 -26.31 32.40
C PRO B 100 15.51 -27.65 31.85
N VAL B 101 16.64 -27.63 31.16
CA VAL B 101 17.18 -28.83 30.51
C VAL B 101 17.57 -29.88 31.54
N GLY B 115 20.32 -24.00 30.74
CA GLY B 115 19.63 -24.24 29.48
C GLY B 115 18.20 -24.72 29.67
N VAL B 116 17.39 -24.56 28.62
CA VAL B 116 15.98 -24.94 28.66
C VAL B 116 15.69 -25.84 27.48
N VAL B 117 14.63 -26.65 27.63
CA VAL B 117 14.20 -27.57 26.60
C VAL B 117 12.71 -27.32 26.32
N LEU B 118 12.34 -27.49 25.06
CA LEU B 118 10.95 -27.33 24.62
C LEU B 118 10.29 -28.69 24.56
N ALA B 119 9.08 -28.79 25.12
CA ALA B 119 8.28 -30.02 25.04
C ALA B 119 7.59 -30.03 23.68
N GLY B 120 8.33 -30.52 22.67
CA GLY B 120 7.82 -30.51 21.31
C GLY B 120 6.57 -31.35 21.14
N ALA B 121 6.51 -32.50 21.81
CA ALA B 121 5.33 -33.36 21.71
C ALA B 121 4.10 -32.65 22.27
N ALA B 122 4.26 -31.93 23.38
CA ALA B 122 3.15 -31.16 23.93
C ALA B 122 2.78 -29.99 23.02
N LEU B 123 3.80 -29.28 22.50
CA LEU B 123 3.53 -28.16 21.62
C LEU B 123 2.92 -28.64 20.30
N GLY B 124 3.41 -29.75 19.76
CA GLY B 124 2.84 -30.30 18.55
C GLY B 124 3.38 -29.72 17.26
N VAL B 125 3.08 -28.46 16.99
CA VAL B 125 3.44 -27.80 15.73
C VAL B 125 3.86 -26.37 16.02
N ALA B 126 4.97 -25.94 15.41
CA ALA B 126 5.49 -24.59 15.56
C ALA B 126 6.57 -24.35 14.52
N THR B 127 6.61 -23.14 13.98
CA THR B 127 7.67 -22.76 13.06
C THR B 127 8.95 -22.44 13.83
N ALA B 128 10.04 -22.32 13.08
CA ALA B 128 11.33 -21.99 13.69
C ALA B 128 11.29 -20.62 14.35
N ALA B 129 10.63 -19.65 13.71
CA ALA B 129 10.54 -18.31 14.29
C ALA B 129 9.76 -18.33 15.60
N GLN B 130 8.68 -19.10 15.67
CA GLN B 130 7.92 -19.21 16.92
C GLN B 130 8.75 -19.87 18.01
N ILE B 131 9.49 -20.92 17.67
CA ILE B 131 10.30 -21.63 18.65
C ILE B 131 11.40 -20.73 19.20
N THR B 132 12.11 -20.04 18.30
CA THR B 132 13.18 -19.15 18.73
C THR B 132 12.64 -18.01 19.59
N ALA B 133 11.54 -17.39 19.17
CA ALA B 133 10.93 -16.32 19.95
C ALA B 133 10.42 -16.82 21.28
N GLY B 134 9.92 -18.06 21.33
CA GLY B 134 9.45 -18.61 22.59
C GLY B 134 10.57 -18.81 23.60
N ILE B 135 11.74 -19.25 23.12
CA ILE B 135 12.89 -19.42 24.02
C ILE B 135 13.31 -18.08 24.60
N ALA B 136 13.39 -17.05 23.76
CA ALA B 136 13.74 -15.72 24.24
C ALA B 136 12.70 -15.19 25.22
N LEU B 137 11.42 -15.46 24.94
CA LEU B 137 10.36 -15.06 25.87
C LEU B 137 10.56 -15.70 27.23
N HIS B 138 10.93 -16.98 27.26
CA HIS B 138 11.18 -17.65 28.53
C HIS B 138 12.45 -17.12 29.19
N GLN B 139 13.46 -16.76 28.39
CA GLN B 139 14.71 -16.25 28.93
C GLN B 139 14.57 -14.80 29.38
N SER B 140 14.23 -13.90 28.45
CA SER B 140 14.01 -12.49 28.77
C SER B 140 12.62 -12.33 29.39
N MET B 141 12.47 -12.94 30.57
CA MET B 141 11.23 -12.89 31.32
C MET B 141 11.53 -12.37 32.72
N LEU B 142 10.86 -11.30 33.11
CA LEU B 142 11.00 -10.80 34.47
C LEU B 142 10.53 -11.85 35.46
N ASN B 143 11.32 -12.09 36.50
CA ASN B 143 10.97 -13.08 37.50
C ASN B 143 9.70 -12.67 38.24
N SER B 144 9.03 -13.67 38.82
CA SER B 144 7.75 -13.42 39.48
C SER B 144 7.89 -12.43 40.63
N GLN B 145 8.97 -12.52 41.41
CA GLN B 145 9.19 -11.56 42.48
C GLN B 145 9.38 -10.16 41.91
N ALA B 146 10.12 -10.04 40.82
CA ALA B 146 10.29 -8.75 40.15
C ALA B 146 8.97 -8.20 39.62
N ILE B 147 8.00 -9.07 39.31
CA ILE B 147 6.70 -8.61 38.85
C ILE B 147 5.94 -7.94 39.99
N ASP B 148 5.98 -8.54 41.19
CA ASP B 148 5.36 -7.93 42.35
C ASP B 148 6.00 -6.58 42.67
N ASN B 149 7.34 -6.51 42.61
CA ASN B 149 8.02 -5.23 42.83
C ASN B 149 7.66 -4.22 41.76
N LEU B 150 7.59 -4.64 40.50
CA LEU B 150 7.23 -3.73 39.42
C LEU B 150 5.81 -3.19 39.61
N ARG B 151 4.89 -4.05 40.07
CA ARG B 151 3.52 -3.63 40.30
C ARG B 151 3.43 -2.51 41.33
N ALA B 152 4.20 -2.60 42.42
CA ALA B 152 4.15 -1.58 43.45
C ALA B 152 4.77 -0.27 42.98
N SER B 153 5.87 -0.34 42.23
CA SER B 153 6.52 0.86 41.74
C SER B 153 5.63 1.62 40.76
N LEU B 154 4.86 0.90 39.95
CA LEU B 154 3.97 1.55 38.99
C LEU B 154 2.88 2.34 39.71
N GLU B 155 2.36 1.80 40.81
CA GLU B 155 1.25 2.45 41.52
C GLU B 155 1.64 3.82 42.07
N THR B 156 2.90 4.02 42.44
CA THR B 156 3.33 5.25 43.08
C THR B 156 3.72 6.36 42.12
N THR B 157 3.68 6.09 40.81
CA THR B 157 4.12 7.06 39.81
C THR B 157 2.94 7.91 39.34
N ASN B 158 3.24 9.18 39.00
CA ASN B 158 2.23 10.05 38.41
C ASN B 158 2.79 10.86 37.24
N GLN B 159 3.87 10.41 36.62
CA GLN B 159 4.45 11.10 35.47
C GLN B 159 4.19 10.30 34.20
N ALA B 160 4.30 10.99 33.06
CA ALA B 160 4.12 10.32 31.77
C ALA B 160 5.26 9.34 31.49
N ILE B 161 6.49 9.73 31.76
CA ILE B 161 7.67 8.91 31.52
C ILE B 161 8.51 8.90 32.79
N GLU B 162 8.82 7.71 33.31
CA GLU B 162 9.62 7.59 34.52
C GLU B 162 10.48 6.33 34.46
N ALA B 163 11.72 6.47 34.91
CA ALA B 163 12.63 5.34 35.05
C ALA B 163 12.45 4.71 36.44
N ILE B 164 12.29 3.40 36.46
CA ILE B 164 12.10 2.66 37.70
C ILE B 164 13.38 1.88 37.99
N ARG B 165 14.02 2.19 39.10
CA ARG B 165 15.34 1.66 39.45
C ARG B 165 15.19 0.65 40.59
N GLN B 166 15.33 -0.63 40.26
CA GLN B 166 15.41 -1.67 41.28
C GLN B 166 16.87 -1.93 41.62
N ALA B 167 17.13 -2.20 42.90
CA ALA B 167 18.48 -2.45 43.36
C ALA B 167 19.06 -3.68 42.66
N GLY B 168 20.25 -3.53 42.10
CA GLY B 168 20.90 -4.62 41.39
C GLY B 168 20.12 -5.13 40.20
N GLN B 169 19.52 -4.23 39.42
CA GLN B 169 18.72 -4.59 38.27
C GLN B 169 18.88 -3.54 37.18
N GLY B 170 18.52 -3.93 35.96
CA GLY B 170 18.46 -2.96 34.88
C GLY B 170 17.31 -1.99 35.04
N MET B 171 17.52 -0.77 34.58
CA MET B 171 16.48 0.25 34.68
C MET B 171 15.28 -0.12 33.82
N ILE B 172 14.09 0.05 34.38
CA ILE B 172 12.83 -0.20 33.68
C ILE B 172 12.16 1.14 33.43
N LEU B 173 11.79 1.39 32.18
CA LEU B 173 11.16 2.66 31.78
C LEU B 173 9.65 2.48 31.71
N ALA B 174 8.92 3.31 32.44
CA ALA B 174 7.47 3.25 32.53
C ALA B 174 6.85 4.43 31.80
N VAL B 175 5.92 4.15 30.89
CA VAL B 175 5.28 5.16 30.06
C VAL B 175 3.78 5.09 30.26
N GLN B 176 3.16 6.23 30.57
CA GLN B 176 1.72 6.35 30.74
C GLN B 176 1.16 7.27 29.66
N GLY B 177 0.18 6.77 28.90
CA GLY B 177 -0.20 7.40 27.65
C GLY B 177 -1.11 8.61 27.77
N VAL B 178 -1.74 8.84 28.91
CA VAL B 178 -2.63 9.99 29.05
C VAL B 178 -2.27 10.81 30.28
N GLN B 179 -1.13 10.52 30.89
CA GLN B 179 -0.74 11.24 32.10
C GLN B 179 -0.42 12.70 31.82
N ASP B 180 0.19 13.00 30.67
CA ASP B 180 0.50 14.39 30.33
C ASP B 180 -0.77 15.23 30.23
N TYR B 181 -1.80 14.69 29.56
CA TYR B 181 -3.06 15.42 29.44
C TYR B 181 -3.69 15.66 30.80
N ILE B 182 -3.60 14.68 31.70
CA ILE B 182 -4.15 14.85 33.05
C ILE B 182 -3.39 15.92 33.82
N ASN B 183 -2.06 15.86 33.78
CA ASN B 183 -1.26 16.78 34.59
C ASN B 183 -1.23 18.19 34.00
N ASN B 184 -1.27 18.31 32.67
CA ASN B 184 -1.14 19.63 32.05
C ASN B 184 -2.48 20.32 31.82
N GLU B 185 -3.55 19.57 31.61
CA GLU B 185 -4.83 20.16 31.27
C GLU B 185 -5.90 19.99 32.33
N LEU B 186 -6.05 18.81 32.91
CA LEU B 186 -7.20 18.54 33.76
C LEU B 186 -6.98 19.00 35.21
N ILE B 187 -5.83 18.66 35.79
CA ILE B 187 -5.55 19.03 37.18
C ILE B 187 -5.54 20.55 37.38
N PRO B 188 -4.88 21.36 36.54
CA PRO B 188 -4.92 22.81 36.76
C PRO B 188 -6.31 23.43 36.64
N SER B 189 -7.26 22.74 36.00
CA SER B 189 -8.61 23.24 35.82
C SER B 189 -9.59 22.70 36.85
N MET B 190 -9.11 21.99 37.88
CA MET B 190 -10.02 21.33 38.81
C MET B 190 -10.88 22.34 39.58
N ASN B 191 -10.35 23.53 39.86
CA ASN B 191 -11.11 24.56 40.56
C ASN B 191 -11.94 25.42 39.62
N GLN B 192 -11.86 25.19 38.30
CA GLN B 192 -12.62 25.96 37.34
C GLN B 192 -13.76 25.20 36.69
N LEU B 193 -13.58 23.91 36.42
CA LEU B 193 -14.57 23.11 35.72
C LEU B 193 -15.34 22.23 36.72
N SER B 194 -16.55 21.85 36.32
CA SER B 194 -17.36 20.98 37.15
C SER B 194 -16.80 19.56 37.14
N CYS B 195 -17.23 18.78 38.14
CA CYS B 195 -16.79 17.39 38.26
C CYS B 195 -17.23 16.57 37.06
N ASP B 196 -18.45 16.78 36.58
CA ASP B 196 -18.94 16.05 35.42
C ASP B 196 -18.12 16.37 34.18
N LEU B 197 -17.76 17.64 33.99
CA LEU B 197 -17.00 18.03 32.81
C LEU B 197 -15.61 17.39 32.81
N ILE B 198 -14.98 17.30 33.99
CA ILE B 198 -13.66 16.67 34.08
C ILE B 198 -13.74 15.21 33.62
N GLY B 199 -14.75 14.48 34.09
CA GLY B 199 -14.91 13.10 33.68
C GLY B 199 -15.13 12.93 32.19
N GLN B 200 -15.94 13.81 31.59
CA GLN B 200 -16.20 13.72 30.16
C GLN B 200 -14.93 13.97 29.36
N LYS B 201 -14.13 14.97 29.75
CA LYS B 201 -12.91 15.28 29.02
C LYS B 201 -11.92 14.12 29.06
N LEU B 202 -11.74 13.50 30.24
CA LEU B 202 -10.86 12.35 30.32
C LEU B 202 -11.44 11.15 29.57
N GLY B 203 -12.77 10.99 29.62
CA GLY B 203 -13.40 9.88 28.95
C GLY B 203 -13.15 9.87 27.45
N LEU B 204 -13.16 11.05 26.83
CA LEU B 204 -12.84 11.14 25.41
C LEU B 204 -11.42 10.66 25.13
N LYS B 205 -10.46 11.07 25.97
CA LYS B 205 -9.08 10.64 25.79
C LYS B 205 -8.90 9.15 26.04
N LEU B 206 -9.61 8.60 27.01
CA LEU B 206 -9.47 7.18 27.33
C LEU B 206 -9.98 6.30 26.20
N LEU B 207 -11.12 6.67 25.60
CA LEU B 207 -11.69 5.85 24.53
C LEU B 207 -10.81 5.89 23.28
N ARG B 208 -10.23 7.06 22.98
CA ARG B 208 -9.30 7.14 21.86
C ARG B 208 -8.03 6.34 22.13
N TYR B 209 -7.54 6.35 23.38
CA TYR B 209 -6.36 5.56 23.71
C TYR B 209 -6.65 4.06 23.61
N TYR B 210 -7.84 3.64 24.04
CA TYR B 210 -8.21 2.24 23.89
C TYR B 210 -8.24 1.82 22.42
N THR B 211 -8.73 2.70 21.56
CA THR B 211 -8.77 2.38 20.13
C THR B 211 -7.38 2.06 19.59
N GLU B 212 -6.38 2.86 19.98
CA GLU B 212 -5.01 2.60 19.55
C GLU B 212 -4.48 1.29 20.14
N ILE B 213 -4.78 1.02 21.41
CA ILE B 213 -4.37 -0.24 22.02
C ILE B 213 -5.00 -1.42 21.27
N LEU B 214 -6.28 -1.31 20.93
CA LEU B 214 -6.94 -2.35 20.15
C LEU B 214 -6.27 -2.53 18.79
N SER B 215 -5.89 -1.43 18.15
CA SER B 215 -5.21 -1.51 16.86
C SER B 215 -3.88 -2.25 16.97
N LEU B 216 -3.12 -1.98 18.03
CA LEU B 216 -1.79 -2.57 18.19
C LEU B 216 -1.86 -4.03 18.62
N PHE B 217 -2.64 -4.31 19.68
CA PHE B 217 -2.58 -5.59 20.37
C PHE B 217 -3.86 -6.42 20.20
N GLY B 218 -4.79 -5.98 19.36
CA GLY B 218 -6.03 -6.68 19.17
C GLY B 218 -5.91 -7.87 18.24
N PRO B 219 -7.04 -8.30 17.67
CA PRO B 219 -7.03 -9.50 16.82
C PRO B 219 -6.17 -9.38 15.58
N SER B 220 -5.84 -8.17 15.13
CA SER B 220 -4.99 -8.03 13.95
C SER B 220 -3.56 -8.45 14.21
N LEU B 221 -3.15 -8.59 15.47
CA LEU B 221 -1.79 -8.96 15.81
C LEU B 221 -1.66 -10.48 15.71
N ARG B 222 -1.21 -10.95 14.55
CA ARG B 222 -0.94 -12.37 14.38
C ARG B 222 0.28 -12.76 15.19
N ASP B 223 0.14 -13.83 15.98
CA ASP B 223 1.25 -14.45 16.70
C ASP B 223 1.97 -13.45 17.61
N PRO B 224 1.36 -13.07 18.74
CA PRO B 224 2.03 -12.11 19.64
C PRO B 224 3.39 -12.56 20.13
N ILE B 225 3.64 -13.87 20.19
CA ILE B 225 4.92 -14.37 20.68
C ILE B 225 6.06 -13.92 19.77
N SER B 226 5.88 -14.04 18.46
CA SER B 226 6.93 -13.75 17.50
C SER B 226 6.80 -12.37 16.87
N ALA B 227 5.84 -11.57 17.31
CA ALA B 227 5.64 -10.25 16.72
C ALA B 227 6.75 -9.29 17.14
N GLU B 228 7.25 -8.52 16.18
CA GLU B 228 8.22 -7.46 16.43
C GLU B 228 7.58 -6.14 16.00
N ILE B 229 7.40 -5.24 16.97
CA ILE B 229 6.70 -3.98 16.75
C ILE B 229 7.73 -2.85 16.76
N SER B 230 7.75 -2.06 15.70
CA SER B 230 8.67 -0.93 15.62
C SER B 230 8.27 0.14 16.62
N ILE B 231 9.26 0.93 17.04
CA ILE B 231 9.02 1.99 18.03
C ILE B 231 8.08 3.05 17.45
N GLN B 232 8.16 3.32 16.15
CA GLN B 232 7.23 4.27 15.53
C GLN B 232 5.78 3.79 15.63
N ALA B 233 5.55 2.50 15.42
CA ALA B 233 4.20 1.96 15.54
C ALA B 233 3.64 2.12 16.94
N LEU B 234 4.50 2.28 17.94
CA LEU B 234 4.08 2.46 19.32
C LEU B 234 3.89 3.93 19.70
N SER B 235 4.03 4.85 18.73
CA SER B 235 4.11 6.27 19.05
C SER B 235 2.91 6.75 19.84
N TYR B 236 1.70 6.43 19.39
CA TYR B 236 0.50 6.89 20.09
C TYR B 236 0.39 6.25 21.47
N ALA B 237 0.69 4.96 21.58
CA ALA B 237 0.62 4.26 22.85
C ALA B 237 1.58 4.84 23.89
N LEU B 238 2.64 5.52 23.45
CA LEU B 238 3.64 6.10 24.33
C LEU B 238 3.39 7.59 24.60
N GLY B 239 2.23 8.10 24.23
CA GLY B 239 1.90 9.50 24.43
C GLY B 239 1.88 10.34 23.18
N GLY B 240 2.13 9.76 22.02
CA GLY B 240 2.07 10.48 20.77
C GLY B 240 3.40 10.93 20.21
N ASP B 241 4.51 10.58 20.85
CA ASP B 241 5.83 11.00 20.41
C ASP B 241 6.87 10.08 21.06
N ILE B 242 7.95 9.81 20.32
CA ILE B 242 8.96 8.87 20.76
C ILE B 242 10.29 9.52 21.12
N ASN B 243 10.43 10.83 20.93
CA ASN B 243 11.72 11.49 21.13
C ASN B 243 12.18 11.36 22.58
N LYS B 244 11.28 11.63 23.54
CA LYS B 244 11.65 11.55 24.94
C LYS B 244 11.94 10.11 25.36
N VAL B 245 11.17 9.15 24.85
CA VAL B 245 11.42 7.74 25.18
C VAL B 245 12.81 7.33 24.71
N LEU B 246 13.19 7.72 23.50
CA LEU B 246 14.52 7.39 22.98
C LEU B 246 15.61 8.00 23.84
N GLU B 247 15.41 9.24 24.29
CA GLU B 247 16.39 9.89 25.15
C GLU B 247 16.54 9.16 26.48
N LYS B 248 15.42 8.77 27.09
CA LYS B 248 15.47 8.06 28.37
C LYS B 248 16.09 6.68 28.26
N LEU B 249 15.87 5.98 27.14
CA LEU B 249 16.49 4.68 26.91
C LEU B 249 17.98 4.78 26.62
N GLY B 250 18.50 5.98 26.39
CA GLY B 250 19.89 6.15 26.05
C GLY B 250 20.25 5.89 24.61
N TYR B 251 19.26 5.83 23.71
CA TYR B 251 19.51 5.55 22.30
C TYR B 251 19.86 6.87 21.61
N SER B 252 21.12 7.03 21.27
CA SER B 252 21.59 8.22 20.57
C SER B 252 22.85 7.84 19.78
N GLY B 253 23.38 8.82 19.06
CA GLY B 253 24.59 8.64 18.29
C GLY B 253 24.38 9.00 16.83
N GLY B 254 25.46 8.84 16.06
CA GLY B 254 25.42 9.26 14.66
C GLY B 254 24.57 8.36 13.79
N ASP B 255 24.38 7.10 14.18
CA ASP B 255 23.61 6.15 13.39
C ASP B 255 22.12 6.16 13.73
N LEU B 256 21.67 7.01 14.65
CA LEU B 256 20.30 6.94 15.12
C LEU B 256 19.30 7.20 13.99
N LEU B 257 19.52 8.25 13.20
CA LEU B 257 18.55 8.61 12.17
C LEU B 257 18.42 7.50 11.12
N GLY B 258 19.54 6.93 10.69
CA GLY B 258 19.48 5.84 9.73
C GLY B 258 18.79 4.61 10.30
N ILE B 259 19.16 4.23 11.53
CA ILE B 259 18.53 3.09 12.19
C ILE B 259 17.03 3.33 12.35
N LEU B 260 16.66 4.54 12.82
CA LEU B 260 15.26 4.86 13.02
C LEU B 260 14.49 4.88 11.70
N GLU B 261 15.10 5.41 10.64
CA GLU B 261 14.41 5.48 9.35
C GLU B 261 14.16 4.11 8.75
N SER B 262 15.03 3.14 9.01
CA SER B 262 14.85 1.78 8.53
C SER B 262 13.93 0.95 9.43
N ARG B 263 13.38 1.54 10.48
CA ARG B 263 12.54 0.83 11.45
C ARG B 263 13.31 -0.30 12.13
N GLY B 264 14.54 -0.02 12.53
CA GLY B 264 15.41 -1.00 13.15
C GLY B 264 15.27 -1.15 14.65
N ILE B 265 14.53 -0.27 15.31
CA ILE B 265 14.30 -0.36 16.75
C ILE B 265 12.97 -1.06 16.96
N LYS B 266 13.03 -2.30 17.46
CA LYS B 266 11.88 -3.18 17.55
C LYS B 266 11.62 -3.59 18.99
N ALA B 267 10.34 -3.77 19.33
CA ALA B 267 9.93 -4.21 20.65
C ALA B 267 9.21 -5.55 20.55
N ARG B 268 9.39 -6.37 21.57
CA ARG B 268 8.72 -7.66 21.69
C ARG B 268 7.95 -7.71 23.01
N ILE B 269 6.80 -8.39 22.99
CA ILE B 269 5.98 -8.53 24.18
C ILE B 269 6.55 -9.64 25.06
N THR B 270 6.77 -9.33 26.34
CA THR B 270 7.31 -10.30 27.28
C THR B 270 6.39 -10.60 28.46
N HIS B 271 5.42 -9.74 28.76
CA HIS B 271 4.51 -9.98 29.88
C HIS B 271 3.28 -9.11 29.74
N VAL B 272 2.11 -9.69 30.01
CA VAL B 272 0.84 -8.98 30.04
C VAL B 272 0.20 -9.21 31.39
N ASP B 273 -0.10 -8.13 32.10
CA ASP B 273 -0.71 -8.18 33.42
C ASP B 273 -2.14 -7.70 33.30
N THR B 274 -3.10 -8.61 33.52
CA THR B 274 -4.51 -8.26 33.45
C THR B 274 -5.07 -7.80 34.79
N GLU B 275 -4.32 -7.95 35.87
CA GLU B 275 -4.76 -7.51 37.19
C GLU B 275 -4.40 -6.06 37.49
N SER B 276 -3.22 -5.61 37.09
CA SER B 276 -2.80 -4.23 37.25
C SER B 276 -2.76 -3.46 35.94
N TYR B 277 -3.07 -4.10 34.82
CA TYR B 277 -3.23 -3.45 33.51
C TYR B 277 -1.94 -2.74 33.08
N PHE B 278 -0.91 -3.55 32.84
CA PHE B 278 0.30 -3.04 32.21
C PHE B 278 0.87 -4.11 31.28
N ILE B 279 1.70 -3.66 30.33
CA ILE B 279 2.31 -4.52 29.33
C ILE B 279 3.82 -4.29 29.37
N VAL B 280 4.57 -5.39 29.43
CA VAL B 280 6.02 -5.33 29.47
C VAL B 280 6.57 -5.67 28.09
N LEU B 281 7.44 -4.82 27.58
CA LEU B 281 8.08 -5.01 26.28
C LEU B 281 9.59 -5.03 26.43
N SER B 282 10.23 -5.83 25.60
CA SER B 282 11.68 -5.84 25.48
C SER B 282 12.06 -5.13 24.18
N ILE B 283 12.95 -4.15 24.28
CA ILE B 283 13.33 -3.30 23.16
C ILE B 283 14.85 -3.28 23.05
N ALA B 284 15.36 -3.27 21.83
CA ALA B 284 16.79 -3.34 21.58
C ALA B 284 17.21 -2.28 20.57
N TYR B 285 18.33 -1.61 20.84
CA TYR B 285 18.96 -0.71 19.89
C TYR B 285 20.04 -1.46 19.15
N PRO B 286 19.93 -1.66 17.84
CA PRO B 286 20.87 -2.52 17.12
C PRO B 286 22.22 -1.85 16.88
N THR B 287 23.19 -2.70 16.55
CA THR B 287 24.50 -2.25 16.10
C THR B 287 24.68 -2.64 14.63
N LEU B 288 25.33 -1.76 13.88
CA LEU B 288 25.48 -1.94 12.44
C LEU B 288 26.80 -2.65 12.14
N SER B 289 26.74 -3.66 11.27
CA SER B 289 27.92 -4.39 10.83
C SER B 289 27.98 -4.37 9.32
N GLU B 290 29.10 -3.88 8.78
CA GLU B 290 29.30 -3.91 7.34
C GLU B 290 29.57 -5.33 6.86
N ILE B 291 28.99 -5.69 5.74
CA ILE B 291 29.15 -7.02 5.15
C ILE B 291 30.27 -6.94 4.11
N LYS B 292 31.32 -7.74 4.32
CA LYS B 292 32.52 -7.63 3.50
C LYS B 292 32.26 -8.13 2.08
N GLY B 293 32.66 -7.33 1.11
CA GLY B 293 32.63 -7.72 -0.29
C GLY B 293 31.33 -7.46 -1.02
N VAL B 294 30.29 -6.98 -0.34
CA VAL B 294 29.03 -6.69 -0.99
C VAL B 294 29.00 -5.24 -1.44
N ILE B 295 28.69 -5.02 -2.71
CA ILE B 295 28.51 -3.69 -3.27
C ILE B 295 27.11 -3.59 -3.84
N VAL B 296 26.39 -2.53 -3.48
CA VAL B 296 25.05 -2.26 -3.97
C VAL B 296 25.14 -1.20 -5.06
N HIS B 297 24.77 -1.58 -6.28
CA HIS B 297 24.81 -0.68 -7.43
C HIS B 297 23.42 -0.16 -7.75
N ARG B 298 23.33 1.13 -8.05
CA ARG B 298 22.09 1.73 -8.52
C ARG B 298 22.17 1.89 -10.03
N LEU B 299 21.29 1.22 -10.75
CA LEU B 299 21.26 1.27 -12.21
C LEU B 299 20.30 2.36 -12.68
N GLU B 300 20.59 2.90 -13.86
CA GLU B 300 19.75 3.92 -14.46
C GLU B 300 19.81 3.76 -15.97
N GLY B 301 18.69 4.00 -16.63
CA GLY B 301 18.62 3.76 -18.06
C GLY B 301 18.22 4.95 -18.92
N VAL B 302 18.60 4.90 -20.19
CA VAL B 302 18.22 5.88 -21.19
C VAL B 302 17.61 5.15 -22.38
N SER B 303 16.57 5.73 -22.95
CA SER B 303 15.90 5.11 -24.09
C SER B 303 16.77 5.20 -25.34
N TYR B 304 16.50 4.32 -26.29
CA TYR B 304 17.19 4.32 -27.57
C TYR B 304 16.16 4.10 -28.67
N ASN B 305 16.56 4.40 -29.91
CA ASN B 305 15.65 4.38 -31.04
C ASN B 305 16.09 3.34 -32.07
N ILE B 306 15.13 2.53 -32.50
CA ILE B 306 15.30 1.65 -33.66
C ILE B 306 14.37 2.14 -34.75
N GLY B 307 14.89 2.96 -35.66
CA GLY B 307 14.04 3.58 -36.66
C GLY B 307 13.21 4.68 -36.06
N SER B 308 11.90 4.45 -35.94
CA SER B 308 10.99 5.41 -35.32
C SER B 308 10.42 4.93 -34.00
N GLN B 309 10.85 3.78 -33.49
CA GLN B 309 10.37 3.26 -32.22
C GLN B 309 11.40 3.52 -31.12
N GLU B 310 10.90 3.92 -29.95
CA GLU B 310 11.74 4.24 -28.81
C GLU B 310 11.66 3.10 -27.79
N TRP B 311 12.78 2.45 -27.53
CA TRP B 311 12.85 1.28 -26.66
C TRP B 311 13.63 1.59 -25.39
N TYR B 312 13.44 0.73 -24.40
CA TYR B 312 14.06 0.92 -23.09
C TYR B 312 14.40 -0.46 -22.51
N THR B 313 15.67 -0.65 -22.14
CA THR B 313 16.09 -1.89 -21.52
C THR B 313 15.47 -2.03 -20.13
N THR B 314 14.99 -3.23 -19.81
CA THR B 314 14.38 -3.52 -18.51
C THR B 314 15.42 -4.17 -17.60
N VAL B 315 15.84 -3.43 -16.58
CA VAL B 315 16.81 -3.91 -15.59
C VAL B 315 16.35 -3.48 -14.20
N PRO B 316 16.84 -4.15 -13.16
CA PRO B 316 16.45 -3.78 -11.80
C PRO B 316 17.03 -2.42 -11.40
N LYS B 317 16.33 -1.77 -10.48
CA LYS B 317 16.80 -0.49 -9.96
C LYS B 317 18.09 -0.64 -9.16
N TYR B 318 18.16 -1.65 -8.29
CA TYR B 318 19.35 -1.95 -7.50
C TYR B 318 19.75 -3.40 -7.72
N VAL B 319 21.06 -3.64 -7.79
CA VAL B 319 21.63 -4.97 -7.84
C VAL B 319 22.81 -5.02 -6.88
N ALA B 320 23.12 -6.22 -6.41
CA ALA B 320 24.19 -6.44 -5.45
C ALA B 320 25.21 -7.42 -6.01
N THR B 321 26.48 -7.12 -5.79
CA THR B 321 27.57 -7.99 -6.22
C THR B 321 28.44 -8.36 -5.03
N GLN B 322 28.91 -9.61 -5.03
CA GLN B 322 29.90 -10.08 -4.05
C GLN B 322 30.83 -11.00 -4.82
N GLY B 323 31.97 -10.46 -5.24
CA GLY B 323 32.87 -11.19 -6.11
C GLY B 323 32.25 -11.46 -7.46
N TYR B 324 32.17 -12.74 -7.85
CA TYR B 324 31.54 -13.13 -9.10
C TYR B 324 30.02 -13.14 -9.02
N LEU B 325 29.45 -13.23 -7.82
CA LEU B 325 28.03 -13.46 -7.67
C LEU B 325 27.23 -12.17 -7.87
N ILE B 326 26.07 -12.30 -8.51
CA ILE B 326 25.17 -11.19 -8.75
C ILE B 326 23.80 -11.56 -8.20
N SER B 327 23.21 -10.66 -7.41
CA SER B 327 21.92 -10.93 -6.79
C SER B 327 21.06 -9.68 -6.83
N ASN B 328 19.75 -9.89 -6.73
CA ASN B 328 18.80 -8.80 -6.57
C ASN B 328 18.96 -8.13 -5.20
N PHE B 329 18.43 -6.92 -5.11
CA PHE B 329 18.51 -6.12 -3.88
C PHE B 329 17.13 -5.54 -3.59
N ASP B 330 16.56 -5.89 -2.45
CA ASP B 330 15.29 -5.35 -2.00
C ASP B 330 15.56 -4.13 -1.12
N GLU B 331 15.12 -2.96 -1.55
CA GLU B 331 15.36 -1.71 -0.85
C GLU B 331 14.25 -1.33 0.12
N SER B 332 13.27 -2.22 0.33
CA SER B 332 12.06 -1.83 1.07
C SER B 332 12.36 -1.52 2.54
N SER B 333 13.33 -2.20 3.15
CA SER B 333 13.68 -1.95 4.55
C SER B 333 15.01 -1.21 4.69
N CYS B 334 15.47 -0.54 3.63
CA CYS B 334 16.78 0.07 3.62
C CYS B 334 16.68 1.59 3.62
N THR B 335 17.71 2.24 4.16
CA THR B 335 17.89 3.68 4.08
C THR B 335 19.27 3.95 3.51
N PHE B 336 19.33 4.82 2.49
CA PHE B 336 20.58 5.10 1.80
C PHE B 336 21.23 6.32 2.44
N MET B 337 22.08 6.06 3.43
CA MET B 337 22.86 7.09 4.09
C MET B 337 24.12 7.39 3.30
N PRO B 338 24.73 8.56 3.51
CA PRO B 338 25.97 8.87 2.78
C PRO B 338 27.09 7.87 3.03
N GLU B 339 27.14 7.25 4.20
CA GLU B 339 28.19 6.29 4.53
C GLU B 339 27.85 4.86 4.15
N GLY B 340 26.67 4.61 3.59
CA GLY B 340 26.31 3.27 3.16
C GLY B 340 24.83 3.01 3.36
N THR B 341 24.40 1.88 2.81
CA THR B 341 23.01 1.47 2.86
C THR B 341 22.75 0.72 4.16
N VAL B 342 21.80 1.21 4.96
CA VAL B 342 21.44 0.61 6.24
C VAL B 342 20.10 -0.09 6.07
N CYS B 343 20.09 -1.41 6.25
CA CYS B 343 18.89 -2.22 6.07
C CYS B 343 18.56 -2.94 7.36
N SER B 344 17.28 -2.93 7.74
CA SER B 344 16.83 -3.60 8.95
C SER B 344 16.42 -5.05 8.73
N GLN B 345 16.39 -5.50 7.47
CA GLN B 345 16.14 -6.90 7.14
C GLN B 345 17.17 -7.34 6.10
N ASN B 346 17.17 -8.63 5.80
CA ASN B 346 18.03 -9.13 4.72
C ASN B 346 17.51 -8.64 3.38
N ALA B 347 18.35 -7.90 2.66
CA ALA B 347 17.95 -7.28 1.40
C ALA B 347 18.37 -8.08 0.18
N LEU B 348 19.27 -9.05 0.34
CA LEU B 348 19.74 -9.85 -0.79
C LEU B 348 18.80 -11.03 -1.01
N TYR B 349 18.39 -11.21 -2.26
CA TYR B 349 17.64 -12.40 -2.65
C TYR B 349 18.06 -12.78 -4.06
N PRO B 350 17.89 -14.05 -4.44
CA PRO B 350 18.48 -14.54 -5.69
C PRO B 350 17.91 -13.87 -6.93
N MET B 351 18.75 -13.81 -7.96
CA MET B 351 18.39 -13.33 -9.28
C MET B 351 18.43 -14.50 -10.26
N SER B 352 17.47 -14.51 -11.20
CA SER B 352 17.38 -15.61 -12.14
C SER B 352 18.64 -15.69 -13.01
N PRO B 353 19.01 -16.90 -13.44
CA PRO B 353 20.25 -17.05 -14.24
C PRO B 353 20.25 -16.25 -15.53
N LEU B 354 19.10 -16.12 -16.20
CA LEU B 354 19.06 -15.36 -17.44
C LEU B 354 19.32 -13.88 -17.20
N LEU B 355 18.72 -13.31 -16.15
CA LEU B 355 18.95 -11.90 -15.84
C LEU B 355 20.39 -11.64 -15.41
N GLN B 356 21.01 -12.61 -14.72
CA GLN B 356 22.42 -12.48 -14.36
C GLN B 356 23.30 -12.42 -15.61
N GLU B 357 22.99 -13.25 -16.61
CA GLU B 357 23.78 -13.24 -17.84
C GLU B 357 23.63 -11.94 -18.61
N CYS B 358 22.43 -11.33 -18.57
CA CYS B 358 22.26 -10.00 -19.13
C CYS B 358 23.21 -9.00 -18.49
N LEU B 359 23.30 -9.04 -17.15
CA LEU B 359 24.18 -8.12 -16.43
C LEU B 359 25.65 -8.46 -16.61
N ARG B 360 25.98 -9.68 -17.03
CA ARG B 360 27.36 -10.07 -17.29
C ARG B 360 27.82 -9.76 -18.72
N GLY B 361 26.97 -9.10 -19.52
CA GLY B 361 27.37 -8.67 -20.85
C GLY B 361 26.61 -9.30 -21.99
N SER B 362 25.65 -10.19 -21.75
CA SER B 362 24.84 -10.79 -22.81
C SER B 362 23.66 -9.86 -23.09
N THR B 363 23.80 -9.01 -24.11
CA THR B 363 22.75 -8.05 -24.42
C THR B 363 21.48 -8.73 -24.92
N LYS B 364 21.60 -9.85 -25.61
CA LYS B 364 20.42 -10.54 -26.12
C LYS B 364 19.61 -11.20 -25.00
N SER B 365 20.20 -11.38 -23.82
CA SER B 365 19.44 -11.86 -22.67
C SER B 365 18.60 -10.77 -22.03
N CYS B 366 18.98 -9.50 -22.18
CA CYS B 366 18.24 -8.39 -21.61
C CYS B 366 16.95 -8.15 -22.38
N ALA B 367 15.84 -8.03 -21.66
CA ALA B 367 14.58 -7.70 -22.30
C ALA B 367 14.45 -6.19 -22.49
N ARG B 368 13.55 -5.78 -23.39
CA ARG B 368 13.33 -4.38 -23.69
C ARG B 368 11.83 -4.13 -23.83
N THR B 369 11.42 -2.90 -23.54
CA THR B 369 10.02 -2.52 -23.58
C THR B 369 9.86 -1.18 -24.27
N LEU B 370 8.67 -0.97 -24.83
CA LEU B 370 8.31 0.32 -25.41
C LEU B 370 8.00 1.33 -24.32
N VAL B 371 8.14 2.61 -24.65
CA VAL B 371 7.90 3.69 -23.71
C VAL B 371 6.77 4.57 -24.23
N SER B 372 6.13 5.26 -23.30
CA SER B 372 5.06 6.20 -23.63
C SER B 372 5.61 7.36 -24.47
N GLY B 373 4.68 8.15 -25.00
CA GLY B 373 5.07 9.27 -25.86
C GLY B 373 5.94 10.29 -25.15
N SER B 374 5.66 10.55 -23.88
CA SER B 374 6.41 11.51 -23.09
C SER B 374 7.28 10.74 -22.09
N PHE B 375 8.49 10.38 -22.52
CA PHE B 375 9.44 9.65 -21.70
C PHE B 375 10.53 10.59 -21.22
N GLY B 376 10.81 10.56 -19.92
CA GLY B 376 11.75 11.50 -19.32
C GLY B 376 13.22 11.12 -19.38
N ASN B 377 13.52 9.84 -19.54
CA ASN B 377 14.91 9.37 -19.50
C ASN B 377 15.48 9.24 -20.91
N ARG B 378 15.68 10.39 -21.55
CA ARG B 378 16.20 10.45 -22.90
C ARG B 378 17.66 10.87 -22.96
N PHE B 379 18.29 11.17 -21.82
CA PHE B 379 19.72 11.40 -21.77
C PHE B 379 20.18 11.26 -20.33
N ILE B 380 21.48 11.05 -20.16
CA ILE B 380 22.07 10.89 -18.84
C ILE B 380 23.52 11.36 -18.89
N LEU B 381 23.98 11.93 -17.79
CA LEU B 381 25.38 12.30 -17.61
C LEU B 381 26.08 11.16 -16.86
N SER B 382 27.13 10.62 -17.46
CA SER B 382 27.83 9.48 -16.87
C SER B 382 29.32 9.63 -17.14
N GLN B 383 30.11 9.68 -16.06
CA GLN B 383 31.57 9.78 -16.14
C GLN B 383 32.00 10.99 -16.96
N GLY B 384 31.26 12.08 -16.83
CA GLY B 384 31.55 13.32 -17.53
C GLY B 384 31.11 13.36 -18.97
N ASN B 385 30.46 12.32 -19.48
CA ASN B 385 29.97 12.29 -20.86
C ASN B 385 28.46 12.26 -20.87
N LEU B 386 27.89 12.62 -22.01
CA LEU B 386 26.45 12.56 -22.24
C LEU B 386 26.12 11.36 -23.11
N ILE B 387 25.25 10.50 -22.61
CA ILE B 387 24.64 9.43 -23.39
C ILE B 387 23.21 9.85 -23.67
N ALA B 388 22.90 10.14 -24.93
CA ALA B 388 21.62 10.72 -25.28
C ALA B 388 20.99 9.99 -26.46
N ASN B 389 19.67 9.93 -26.45
CA ASN B 389 18.89 9.43 -27.58
C ASN B 389 18.57 10.64 -28.45
N CYS B 390 19.48 10.97 -29.37
CA CYS B 390 19.37 12.17 -30.18
C CYS B 390 18.34 12.04 -31.30
N ALA B 391 17.77 10.85 -31.51
CA ALA B 391 16.65 10.71 -32.42
C ALA B 391 15.33 11.11 -31.78
N SER B 392 15.28 11.21 -30.45
CA SER B 392 14.06 11.58 -29.75
C SER B 392 14.15 12.93 -29.03
N ILE B 393 15.33 13.54 -28.96
CA ILE B 393 15.50 14.90 -28.47
C ILE B 393 16.38 15.64 -29.47
N LEU B 394 16.48 16.96 -29.28
CA LEU B 394 17.27 17.82 -30.15
C LEU B 394 18.65 17.97 -29.53
N CYS B 395 19.64 17.33 -30.13
CA CYS B 395 21.03 17.47 -29.69
C CYS B 395 21.72 18.52 -30.55
N LYS B 396 22.26 19.55 -29.90
CA LYS B 396 22.93 20.64 -30.58
C LYS B 396 24.29 20.88 -29.95
N CYS B 397 25.28 21.15 -30.80
CA CYS B 397 26.62 21.49 -30.32
C CYS B 397 26.69 23.00 -30.12
N TYR B 398 26.74 23.43 -28.85
CA TYR B 398 26.75 24.85 -28.53
C TYR B 398 28.02 25.53 -29.04
N THR B 399 29.16 24.83 -29.00
CA THR B 399 30.43 25.43 -29.41
C THR B 399 30.40 25.84 -30.88
N THR B 400 29.91 24.96 -31.75
CA THR B 400 29.88 25.24 -33.18
C THR B 400 28.52 25.68 -33.69
N GLY B 401 27.47 25.54 -32.89
CA GLY B 401 26.14 25.93 -33.31
C GLY B 401 25.40 24.92 -34.17
N THR B 402 25.97 23.74 -34.36
CA THR B 402 25.43 22.74 -35.28
C THR B 402 24.56 21.74 -34.54
N ILE B 403 23.59 21.18 -35.26
CA ILE B 403 22.70 20.17 -34.71
C ILE B 403 23.37 18.80 -34.83
N ILE B 404 23.31 18.03 -33.75
CA ILE B 404 23.88 16.68 -33.72
C ILE B 404 22.80 15.71 -34.16
N ASN B 405 23.07 14.95 -35.22
CA ASN B 405 22.11 14.01 -35.77
C ASN B 405 22.53 12.58 -35.45
N GLN B 406 21.57 11.78 -35.01
CA GLN B 406 21.80 10.38 -34.71
C GLN B 406 21.53 9.55 -35.96
N ASP B 407 22.54 8.81 -36.40
CA ASP B 407 22.41 7.99 -37.60
C ASP B 407 21.31 6.95 -37.39
N PRO B 408 20.47 6.69 -38.40
CA PRO B 408 19.45 5.64 -38.25
C PRO B 408 20.04 4.25 -38.05
N ASP B 409 21.30 4.04 -38.44
CA ASP B 409 21.98 2.77 -38.22
C ASP B 409 22.58 2.65 -36.82
N LYS B 410 22.43 3.68 -35.99
CA LYS B 410 22.85 3.67 -34.60
C LYS B 410 21.65 3.97 -33.71
N ILE B 411 21.76 3.60 -32.45
CA ILE B 411 20.66 3.74 -31.50
C ILE B 411 20.93 4.77 -30.41
N LEU B 412 22.17 5.19 -30.22
CA LEU B 412 22.51 6.12 -29.15
C LEU B 412 23.68 6.99 -29.61
N THR B 413 23.86 8.11 -28.91
CA THR B 413 24.95 9.04 -29.17
C THR B 413 25.74 9.24 -27.88
N TYR B 414 27.06 9.13 -27.99
CA TYR B 414 27.97 9.28 -26.84
C TYR B 414 28.77 10.56 -27.06
N ILE B 415 28.40 11.61 -26.34
CA ILE B 415 28.95 12.95 -26.56
C ILE B 415 30.05 13.21 -25.54
N ALA B 416 31.24 13.53 -26.02
CA ALA B 416 32.37 13.89 -25.18
C ALA B 416 32.98 15.18 -25.72
N ALA B 417 34.00 15.68 -25.01
CA ALA B 417 34.60 16.97 -25.35
C ALA B 417 35.35 16.94 -26.68
N ASP B 418 35.81 15.77 -27.12
CA ASP B 418 36.54 15.68 -28.37
C ASP B 418 35.69 16.05 -29.58
N HIS B 419 34.37 15.96 -29.47
CA HIS B 419 33.46 16.35 -30.54
C HIS B 419 32.69 17.62 -30.25
N CYS B 420 32.32 17.86 -28.99
CA CYS B 420 31.58 19.07 -28.64
C CYS B 420 31.80 19.43 -27.18
N PRO B 421 32.65 20.40 -26.88
CA PRO B 421 32.93 20.74 -25.47
C PRO B 421 31.71 21.17 -24.68
N VAL B 422 30.77 21.90 -25.30
CA VAL B 422 29.58 22.39 -24.63
C VAL B 422 28.37 22.02 -25.48
N VAL B 423 27.41 21.33 -24.88
CA VAL B 423 26.31 20.69 -25.59
C VAL B 423 24.98 21.16 -25.02
N GLU B 424 23.99 21.33 -25.90
CA GLU B 424 22.61 21.61 -25.53
C GLU B 424 21.79 20.38 -25.91
N VAL B 425 21.29 19.66 -24.91
CA VAL B 425 20.69 18.35 -25.12
C VAL B 425 19.16 18.41 -25.16
N ASN B 426 18.54 19.10 -24.20
CA ASN B 426 17.09 19.25 -24.19
C ASN B 426 16.73 20.67 -23.80
N GLY B 427 17.47 21.64 -24.33
CA GLY B 427 17.40 23.00 -23.85
C GLY B 427 18.29 23.29 -22.66
N VAL B 428 19.04 22.31 -22.18
CA VAL B 428 19.97 22.47 -21.07
C VAL B 428 21.38 22.49 -21.63
N THR B 429 22.15 23.50 -21.24
CA THR B 429 23.53 23.66 -21.69
C THR B 429 24.46 22.95 -20.71
N ILE B 430 25.27 22.04 -21.22
CA ILE B 430 26.11 21.17 -20.39
C ILE B 430 27.51 21.13 -20.98
N GLN B 431 28.52 21.25 -20.11
CA GLN B 431 29.91 21.06 -20.49
C GLN B 431 30.32 19.63 -20.16
N VAL B 432 30.98 18.96 -21.11
CA VAL B 432 31.36 17.56 -20.94
C VAL B 432 32.87 17.44 -20.99
N GLY B 433 33.39 16.41 -20.33
CA GLY B 433 34.81 16.15 -20.27
C GLY B 433 35.30 15.20 -21.34
N SER B 434 36.48 14.65 -21.11
CA SER B 434 37.14 13.81 -22.09
C SER B 434 36.42 12.47 -22.25
N ARG B 435 36.66 11.82 -23.37
CA ARG B 435 35.88 10.66 -23.77
C ARG B 435 36.11 9.49 -22.81
N ARG B 436 35.00 8.90 -22.34
CA ARG B 436 35.04 7.72 -21.50
C ARG B 436 34.20 6.59 -22.07
N TYR B 437 33.45 6.83 -23.14
CA TYR B 437 32.67 5.82 -23.83
C TYR B 437 33.04 5.85 -25.31
N PRO B 438 33.24 4.70 -25.94
CA PRO B 438 33.57 4.69 -27.36
C PRO B 438 32.41 5.24 -28.20
N ASP B 439 32.74 5.69 -29.40
CA ASP B 439 31.71 6.15 -30.33
C ASP B 439 30.73 5.02 -30.62
N ALA B 440 29.47 5.37 -30.79
CA ALA B 440 28.41 4.39 -30.96
C ALA B 440 28.70 3.45 -32.12
N VAL B 441 28.36 2.19 -31.94
CA VAL B 441 28.53 1.19 -32.99
C VAL B 441 27.19 1.02 -33.69
N TYR B 442 27.23 0.37 -34.85
CA TYR B 442 26.01 0.14 -35.62
C TYR B 442 25.10 -0.84 -34.88
N LEU B 443 23.81 -0.78 -35.24
CA LEU B 443 22.84 -1.68 -34.64
C LEU B 443 23.14 -3.14 -34.99
N HIS B 444 23.69 -3.39 -36.18
CA HIS B 444 23.97 -4.76 -36.59
C HIS B 444 25.11 -5.40 -35.81
N ARG B 445 25.86 -4.61 -35.02
CA ARG B 445 26.87 -5.15 -34.12
C ARG B 445 26.35 -5.27 -32.69
N ILE B 446 25.07 -5.04 -32.47
CA ILE B 446 24.45 -5.17 -31.15
C ILE B 446 23.32 -6.19 -31.27
N ASP B 447 23.39 -7.24 -30.46
CA ASP B 447 22.31 -8.23 -30.37
C ASP B 447 21.32 -7.79 -29.30
N LEU B 448 20.09 -7.53 -29.70
CA LEU B 448 19.08 -7.04 -28.79
C LEU B 448 18.17 -8.17 -28.33
N GLY B 449 17.63 -8.02 -27.12
CA GLY B 449 16.79 -9.03 -26.53
C GLY B 449 15.34 -8.91 -26.97
N PRO B 450 14.48 -9.73 -26.35
CA PRO B 450 13.09 -9.80 -26.80
C PRO B 450 12.27 -8.63 -26.27
N PRO B 451 11.27 -8.20 -27.02
CA PRO B 451 10.31 -7.22 -26.49
C PRO B 451 9.35 -7.88 -25.51
N ILE B 452 9.02 -7.17 -24.44
CA ILE B 452 8.14 -7.68 -23.39
C ILE B 452 7.23 -6.55 -22.91
N SER B 453 6.12 -6.96 -22.29
CA SER B 453 5.24 -6.06 -21.54
C SER B 453 5.17 -6.58 -20.11
N LEU B 454 5.46 -5.70 -19.14
CA LEU B 454 5.60 -6.12 -17.76
C LEU B 454 4.29 -6.10 -16.97
N GLY B 455 3.22 -5.55 -17.54
CA GLY B 455 1.99 -5.44 -16.78
C GLY B 455 1.38 -6.79 -16.46
N ARG B 456 0.59 -6.81 -15.38
CA ARG B 456 0.01 -8.05 -14.89
C ARG B 456 -0.88 -8.71 -15.93
N LEU B 457 -1.76 -7.93 -16.56
CA LEU B 457 -2.67 -8.50 -17.54
C LEU B 457 -1.96 -8.84 -18.84
N ASP B 458 -0.99 -8.02 -19.25
CA ASP B 458 -0.22 -8.33 -20.45
C ASP B 458 0.55 -9.63 -20.29
N VAL B 459 1.14 -9.85 -19.11
CA VAL B 459 1.84 -11.10 -18.84
C VAL B 459 0.88 -12.27 -18.93
N GLY B 460 -0.30 -12.15 -18.31
CA GLY B 460 -1.26 -13.23 -18.35
C GLY B 460 -1.74 -13.55 -19.75
N THR B 461 -2.01 -12.51 -20.56
CA THR B 461 -2.49 -12.72 -21.91
C THR B 461 -1.44 -13.40 -22.79
N ASN B 462 -0.19 -12.96 -22.68
CA ASN B 462 0.87 -13.53 -23.51
C ASN B 462 1.31 -14.91 -23.00
N LEU B 463 1.26 -15.15 -21.69
CA LEU B 463 1.61 -16.47 -21.17
C LEU B 463 0.57 -17.50 -21.57
N GLY B 464 -0.72 -17.16 -21.50
CA GLY B 464 -1.75 -18.08 -21.91
C GLY B 464 -1.65 -18.45 -23.38
N ASN B 465 -1.32 -17.48 -24.23
CA ASN B 465 -1.08 -17.76 -25.64
C ASN B 465 0.09 -18.72 -25.82
N ALA B 466 1.17 -18.52 -25.06
CA ALA B 466 2.34 -19.39 -25.17
C ALA B 466 2.03 -20.80 -24.70
N ILE B 467 1.31 -20.93 -23.59
CA ILE B 467 0.94 -22.25 -23.07
C ILE B 467 0.05 -22.99 -24.05
N ALA B 468 -0.86 -22.26 -24.71
CA ALA B 468 -1.73 -22.89 -25.70
C ALA B 468 -0.93 -23.47 -26.86
N LYS B 469 0.08 -22.75 -27.33
CA LYS B 469 0.91 -23.26 -28.42
C LYS B 469 1.68 -24.50 -28.00
N LEU B 470 2.19 -24.52 -26.76
CA LEU B 470 2.89 -25.70 -26.26
C LEU B 470 1.94 -26.89 -26.12
N GLU B 471 0.72 -26.64 -25.63
CA GLU B 471 -0.24 -27.74 -25.49
C GLU B 471 -0.71 -28.26 -26.83
N ASP B 472 -0.74 -27.41 -27.86
CA ASP B 472 -1.10 -27.84 -29.20
C ASP B 472 0.03 -28.59 -29.91
N ALA B 473 1.27 -28.49 -29.41
CA ALA B 473 2.41 -29.16 -30.00
C ALA B 473 2.91 -30.30 -29.14
N LYS B 474 2.10 -30.77 -28.19
CA LYS B 474 2.53 -31.80 -27.26
C LYS B 474 2.94 -33.08 -27.99
N GLU B 475 2.15 -33.48 -28.98
CA GLU B 475 2.46 -34.70 -29.73
C GLU B 475 3.78 -34.58 -30.48
N LEU B 476 4.06 -33.42 -31.09
CA LEU B 476 5.34 -33.22 -31.73
C LEU B 476 6.48 -33.22 -30.71
N LEU B 477 6.28 -32.56 -29.56
CA LEU B 477 7.35 -32.41 -28.59
C LEU B 477 7.65 -33.71 -27.85
N GLU B 478 6.63 -34.52 -27.58
CA GLU B 478 6.86 -35.77 -26.84
C GLU B 478 7.72 -36.74 -27.65
N SER B 479 7.51 -36.79 -28.97
CA SER B 479 8.29 -37.68 -29.83
C SER B 479 9.52 -36.96 -30.39
N SER B 480 10.31 -36.36 -29.51
CA SER B 480 11.52 -35.66 -29.95
C SER B 480 12.62 -36.64 -30.33
N ASP B 481 12.82 -37.69 -29.53
CA ASP B 481 13.89 -38.65 -29.81
C ASP B 481 13.65 -39.39 -31.12
N GLN B 482 12.39 -39.78 -31.38
CA GLN B 482 12.07 -40.48 -32.62
C GLN B 482 12.36 -39.59 -33.83
N ILE B 483 12.04 -38.30 -33.73
CA ILE B 483 12.33 -37.38 -34.82
C ILE B 483 13.83 -37.16 -34.96
N LEU B 484 14.55 -37.12 -33.84
CA LEU B 484 16.00 -36.90 -33.88
C LEU B 484 16.76 -38.13 -34.35
N ARG B 485 16.16 -39.32 -34.27
CA ARG B 485 16.80 -40.50 -34.84
C ARG B 485 16.96 -40.37 -36.34
N SER B 486 15.93 -39.88 -37.03
CA SER B 486 15.99 -39.68 -38.46
C SER B 486 16.89 -38.51 -38.82
N GLN C 24 -11.19 2.21 -33.07
CA GLN C 24 -10.52 0.99 -33.51
C GLN C 24 -10.89 -0.19 -32.61
N ILE C 25 -11.50 0.12 -31.46
CA ILE C 25 -12.01 -0.94 -30.59
C ILE C 25 -13.26 -1.54 -31.22
N HIS C 26 -13.29 -2.87 -31.34
CA HIS C 26 -14.40 -3.57 -31.98
C HIS C 26 -15.39 -3.98 -30.91
N TRP C 27 -16.39 -3.13 -30.66
CA TRP C 27 -17.35 -3.39 -29.60
C TRP C 27 -18.26 -4.57 -29.92
N GLY C 28 -18.60 -4.77 -31.19
CA GLY C 28 -19.45 -5.87 -31.60
C GLY C 28 -18.90 -7.24 -31.23
N ASN C 29 -17.62 -7.47 -31.50
CA ASN C 29 -17.01 -8.75 -31.16
C ASN C 29 -16.75 -8.86 -29.67
N LEU C 30 -16.51 -7.74 -29.00
CA LEU C 30 -16.28 -7.77 -27.56
C LEU C 30 -17.54 -8.15 -26.81
N SER C 31 -18.71 -7.66 -27.26
CA SER C 31 -19.96 -8.00 -26.59
C SER C 31 -20.29 -9.49 -26.68
N LYS C 32 -19.78 -10.19 -27.69
CA LYS C 32 -20.02 -11.62 -27.79
C LYS C 32 -19.29 -12.43 -26.73
N ILE C 33 -18.25 -11.85 -26.10
CA ILE C 33 -17.61 -12.49 -24.96
C ILE C 33 -17.88 -11.71 -23.66
N GLY C 34 -18.93 -10.89 -23.66
CA GLY C 34 -19.36 -10.22 -22.45
C GLY C 34 -18.59 -9.00 -22.03
N VAL C 35 -18.02 -8.24 -22.97
CA VAL C 35 -17.28 -7.02 -22.67
C VAL C 35 -17.99 -5.84 -23.33
N VAL C 36 -18.29 -4.81 -22.53
CA VAL C 36 -18.91 -3.58 -23.03
C VAL C 36 -18.22 -2.38 -22.38
N GLY C 37 -18.43 -1.22 -22.99
CA GLY C 37 -18.00 0.04 -22.40
C GLY C 37 -19.12 0.69 -21.62
N ILE C 38 -18.80 1.18 -20.43
CA ILE C 38 -19.79 1.81 -19.57
C ILE C 38 -19.53 3.30 -19.40
N GLY C 39 -18.76 3.90 -20.30
CA GLY C 39 -18.51 5.33 -20.22
C GLY C 39 -17.16 5.75 -20.77
N SER C 40 -17.14 6.83 -21.55
CA SER C 40 -15.92 7.41 -22.10
C SER C 40 -15.74 8.82 -21.57
N ALA C 41 -14.52 9.31 -21.64
CA ALA C 41 -14.22 10.64 -21.14
C ALA C 41 -12.98 11.19 -21.83
N SER C 42 -12.87 12.52 -21.81
CA SER C 42 -11.70 13.20 -22.35
C SER C 42 -10.56 13.19 -21.33
N TYR C 43 -9.35 13.42 -21.84
CA TYR C 43 -8.12 13.29 -21.05
C TYR C 43 -7.44 14.65 -20.96
N LYS C 44 -7.18 15.09 -19.73
CA LYS C 44 -6.54 16.38 -19.46
C LYS C 44 -5.30 16.18 -18.59
N VAL C 45 -4.23 16.91 -18.91
CA VAL C 45 -2.99 16.85 -18.16
C VAL C 45 -2.67 18.22 -17.60
N MET C 46 -1.58 18.32 -16.84
CA MET C 46 -1.23 19.52 -16.09
C MET C 46 0.09 20.10 -16.57
N THR C 47 0.13 21.43 -16.71
CA THR C 47 1.35 22.17 -17.00
C THR C 47 1.46 23.36 -16.05
N ARG C 48 2.69 23.71 -15.70
CA ARG C 48 2.97 24.79 -14.76
C ARG C 48 3.63 25.95 -15.49
N SER C 49 3.12 27.16 -15.27
CA SER C 49 3.71 28.36 -15.84
C SER C 49 4.25 29.29 -14.77
N SER C 50 3.43 29.68 -13.80
CA SER C 50 3.87 30.56 -12.72
C SER C 50 4.19 29.76 -11.46
N HIS C 51 5.12 30.28 -10.67
CA HIS C 51 5.50 29.66 -9.42
C HIS C 51 5.48 30.71 -8.31
N GLN C 52 5.08 30.30 -7.12
CA GLN C 52 5.05 31.16 -5.95
C GLN C 52 5.96 30.59 -4.87
N SER C 53 6.44 31.47 -4.00
CA SER C 53 7.35 31.09 -2.92
C SER C 53 6.56 30.93 -1.62
N LEU C 54 6.82 29.83 -0.92
CA LEU C 54 6.24 29.55 0.38
C LEU C 54 7.36 29.22 1.34
N VAL C 55 7.44 29.94 2.46
CA VAL C 55 8.51 29.78 3.43
C VAL C 55 7.94 29.18 4.70
N ILE C 56 8.54 28.08 5.16
CA ILE C 56 8.19 27.47 6.43
C ILE C 56 9.08 28.09 7.50
N LYS C 57 8.46 28.83 8.41
CA LYS C 57 9.17 29.50 9.50
C LYS C 57 9.23 28.54 10.69
N LEU C 58 10.38 27.91 10.90
CA LEU C 58 10.50 26.86 11.91
C LEU C 58 10.61 27.41 13.33
N MET C 59 11.06 28.66 13.50
CA MET C 59 11.16 29.26 14.83
C MET C 59 9.90 30.06 15.12
N PRO C 60 9.13 29.72 16.14
CA PRO C 60 7.96 30.54 16.49
C PRO C 60 8.35 31.81 17.21
N ASN C 61 7.40 32.73 17.27
CA ASN C 61 7.54 33.94 18.06
C ASN C 61 7.05 33.66 19.48
N ILE C 62 7.96 33.76 20.45
CA ILE C 62 7.67 33.40 21.83
C ILE C 62 7.94 34.57 22.76
N THR C 63 7.85 35.80 22.24
CA THR C 63 8.17 36.97 23.03
C THR C 63 7.23 37.12 24.23
N LEU C 64 5.94 36.89 24.02
CA LEU C 64 4.96 37.06 25.08
C LEU C 64 4.95 35.91 26.09
N LEU C 65 5.79 34.90 25.92
CA LEU C 65 5.89 33.82 26.89
C LEU C 65 6.94 34.05 27.96
N ASN C 66 7.72 35.14 27.87
CA ASN C 66 8.64 35.58 28.92
C ASN C 66 9.65 34.48 29.29
N ASN C 67 10.33 33.97 28.27
CA ASN C 67 11.35 32.93 28.36
C ASN C 67 10.99 31.79 29.32
N CYS C 68 9.72 31.39 29.34
CA CYS C 68 9.33 30.19 30.06
C CYS C 68 9.57 28.91 29.25
N THR C 69 9.95 29.04 27.98
CA THR C 69 10.16 27.90 27.10
C THR C 69 11.60 27.82 26.61
N ARG C 70 12.54 28.35 27.40
CA ARG C 70 13.93 28.47 26.95
C ARG C 70 14.57 27.12 26.71
N VAL C 71 14.43 26.19 27.66
CA VAL C 71 15.05 24.88 27.53
C VAL C 71 14.43 24.10 26.37
N GLU C 72 13.10 24.12 26.26
CA GLU C 72 12.44 23.39 25.18
C GLU C 72 12.83 23.93 23.81
N ILE C 73 12.92 25.26 23.68
CA ILE C 73 13.31 25.86 22.40
C ILE C 73 14.73 25.44 22.03
N ALA C 74 15.64 25.43 23.01
CA ALA C 74 17.02 25.05 22.74
C ALA C 74 17.12 23.61 22.25
N GLU C 75 16.36 22.70 22.86
CA GLU C 75 16.34 21.32 22.40
C GLU C 75 15.76 21.22 21.00
N TYR C 76 14.70 21.98 20.72
CA TYR C 76 14.04 21.94 19.42
C TYR C 76 14.98 22.37 18.31
N ARG C 77 15.77 23.43 18.56
CA ARG C 77 16.74 23.88 17.56
C ARG C 77 17.82 22.84 17.31
N ARG C 78 18.29 22.18 18.37
CA ARG C 78 19.33 21.17 18.22
C ARG C 78 18.85 20.01 17.36
N LEU C 79 17.61 19.56 17.56
CA LEU C 79 17.06 18.50 16.74
C LEU C 79 16.92 18.92 15.28
N LEU C 80 16.49 20.16 15.05
CA LEU C 80 16.27 20.62 13.67
C LEU C 80 17.58 20.67 12.88
N ARG C 81 18.70 20.96 13.53
CA ARG C 81 19.97 21.05 12.82
C ARG C 81 20.36 19.73 12.17
N THR C 82 20.14 18.62 12.88
CA THR C 82 20.47 17.31 12.33
C THR C 82 19.71 17.01 11.04
N VAL C 83 18.53 17.61 10.86
CA VAL C 83 17.77 17.41 9.63
C VAL C 83 18.13 18.44 8.56
N LEU C 84 18.31 19.70 8.96
CA LEU C 84 18.45 20.76 7.96
C LEU C 84 19.82 20.75 7.29
N GLU C 85 20.87 20.47 8.05
CA GLU C 85 22.23 20.54 7.49
C GLU C 85 22.46 19.60 6.30
N PRO C 86 22.04 18.34 6.32
CA PRO C 86 22.22 17.50 5.12
C PRO C 86 21.54 18.07 3.87
N ILE C 87 20.37 18.69 4.03
CA ILE C 87 19.68 19.25 2.87
C ILE C 87 20.42 20.46 2.33
N ARG C 88 20.89 21.34 3.21
CA ARG C 88 21.63 22.52 2.77
C ARG C 88 22.87 22.13 1.99
N ASP C 89 23.56 21.07 2.43
CA ASP C 89 24.73 20.59 1.71
C ASP C 89 24.35 20.04 0.33
N ALA C 90 23.24 19.32 0.25
CA ALA C 90 22.81 18.77 -1.04
C ALA C 90 22.49 19.88 -2.04
N LEU C 91 21.80 20.93 -1.58
CA LEU C 91 21.48 22.05 -2.47
C LEU C 91 22.74 22.75 -2.95
N ASN C 92 23.70 22.99 -2.04
CA ASN C 92 24.94 23.64 -2.42
C ASN C 92 25.77 22.79 -3.37
N ALA C 93 25.66 21.46 -3.27
CA ALA C 93 26.45 20.58 -4.13
C ALA C 93 26.07 20.75 -5.59
N MET C 94 24.77 20.91 -5.87
CA MET C 94 24.33 21.07 -7.25
C MET C 94 24.55 22.48 -7.77
N THR C 95 24.23 23.50 -6.96
CA THR C 95 24.29 24.88 -7.42
C THR C 95 25.73 25.36 -7.64
N GLN C 96 26.72 24.72 -7.03
CA GLN C 96 28.10 25.11 -7.28
C GLN C 96 28.55 24.73 -8.69
N ASN C 97 27.86 23.78 -9.32
CA ASN C 97 28.21 23.31 -10.64
C ASN C 97 27.47 24.03 -11.75
N ILE C 98 26.72 25.07 -11.43
CA ILE C 98 25.94 25.82 -12.42
C ILE C 98 26.47 27.25 -12.45
N ARG C 99 26.95 27.67 -13.62
CA ARG C 99 27.58 28.96 -13.79
C ARG C 99 26.99 29.64 -15.02
N PRO C 100 27.06 30.97 -15.10
CA PRO C 100 26.56 31.67 -16.29
C PRO C 100 27.27 31.20 -17.55
N VAL C 101 26.51 31.10 -18.64
CA VAL C 101 27.02 30.59 -19.90
C VAL C 101 28.07 31.52 -20.49
N GLY C 115 20.64 30.92 -19.56
CA GLY C 115 21.94 31.55 -19.68
C GLY C 115 22.97 30.97 -18.75
N VAL C 116 22.78 29.70 -18.39
CA VAL C 116 23.68 29.00 -17.48
C VAL C 116 24.09 27.68 -18.11
N VAL C 117 25.23 27.17 -17.67
CA VAL C 117 25.76 25.90 -18.15
C VAL C 117 26.14 25.04 -16.95
N LEU C 118 25.94 23.74 -17.09
CA LEU C 118 26.29 22.77 -16.06
C LEU C 118 27.71 22.24 -16.30
N ALA C 119 28.52 22.23 -15.25
CA ALA C 119 29.86 21.65 -15.31
C ALA C 119 29.73 20.13 -15.16
N GLY C 120 29.46 19.47 -16.28
CA GLY C 120 29.20 18.03 -16.24
C GLY C 120 30.39 17.23 -15.77
N ALA C 121 31.60 17.64 -16.18
CA ALA C 121 32.80 16.93 -15.74
C ALA C 121 32.97 17.02 -14.22
N ALA C 122 32.68 18.18 -13.65
CA ALA C 122 32.73 18.31 -12.18
C ALA C 122 31.60 17.52 -11.53
N LEU C 123 30.40 17.59 -12.08
CA LEU C 123 29.27 16.84 -11.52
C LEU C 123 29.47 15.34 -11.70
N GLY C 124 29.95 14.92 -12.88
CA GLY C 124 30.26 13.53 -13.11
C GLY C 124 29.10 12.67 -13.57
N VAL C 125 28.11 12.47 -12.70
CA VAL C 125 26.98 11.59 -12.99
C VAL C 125 25.70 12.24 -12.48
N ALA C 126 24.66 12.21 -13.30
CA ALA C 126 23.36 12.80 -12.95
C ALA C 126 22.32 12.35 -13.97
N THR C 127 21.10 12.12 -13.49
CA THR C 127 20.00 11.81 -14.39
C THR C 127 19.44 13.08 -15.02
N ALA C 128 18.62 12.90 -16.06
CA ALA C 128 17.98 14.03 -16.71
C ALA C 128 17.08 14.79 -15.75
N ALA C 129 16.34 14.07 -14.91
CA ALA C 129 15.47 14.72 -13.94
C ALA C 129 16.27 15.55 -12.94
N GLN C 130 17.40 15.02 -12.47
CA GLN C 130 18.25 15.78 -11.56
C GLN C 130 18.84 17.01 -12.24
N ILE C 131 19.26 16.87 -13.49
CA ILE C 131 19.82 18.01 -14.23
C ILE C 131 18.76 19.08 -14.44
N THR C 132 17.56 18.68 -14.88
CA THR C 132 16.49 19.64 -15.12
C THR C 132 16.07 20.34 -13.83
N ALA C 133 15.96 19.57 -12.73
CA ALA C 133 15.61 20.17 -11.45
C ALA C 133 16.70 21.12 -10.97
N GLY C 134 17.97 20.76 -11.17
CA GLY C 134 19.06 21.63 -10.77
C GLY C 134 19.04 22.97 -11.46
N ILE C 135 18.73 22.97 -12.76
CA ILE C 135 18.65 24.23 -13.50
C ILE C 135 17.55 25.12 -12.95
N ALA C 136 16.37 24.55 -12.67
CA ALA C 136 15.29 25.31 -12.08
C ALA C 136 15.66 25.81 -10.69
N LEU C 137 16.38 25.01 -9.92
CA LEU C 137 16.84 25.44 -8.60
C LEU C 137 17.73 26.67 -8.71
N HIS C 138 18.66 26.67 -9.67
CA HIS C 138 19.52 27.84 -9.86
C HIS C 138 18.72 29.05 -10.33
N GLN C 139 17.74 28.83 -11.21
CA GLN C 139 16.95 29.95 -11.72
C GLN C 139 16.02 30.51 -10.66
N SER C 140 15.28 29.64 -9.97
CA SER C 140 14.29 30.05 -8.98
C SER C 140 14.91 30.31 -7.61
N MET C 141 16.23 30.51 -7.55
CA MET C 141 16.91 30.78 -6.29
C MET C 141 16.75 32.25 -5.91
N LEU C 142 16.21 32.51 -4.73
CA LEU C 142 16.21 33.86 -4.20
C LEU C 142 17.64 34.33 -4.01
N ASN C 143 17.93 35.54 -4.47
CA ASN C 143 19.29 36.05 -4.42
C ASN C 143 19.72 36.32 -2.98
N SER C 144 21.03 36.41 -2.78
CA SER C 144 21.57 36.54 -1.43
C SER C 144 21.05 37.77 -0.72
N GLN C 145 20.93 38.89 -1.43
CA GLN C 145 20.37 40.10 -0.83
C GLN C 145 18.92 39.88 -0.40
N ALA C 146 18.14 39.21 -1.25
CA ALA C 146 16.76 38.92 -0.91
C ALA C 146 16.66 37.99 0.31
N ILE C 147 17.65 37.12 0.49
CA ILE C 147 17.66 36.23 1.66
C ILE C 147 17.79 37.03 2.93
N ASP C 148 18.67 38.03 2.95
CA ASP C 148 18.82 38.89 4.12
C ASP C 148 17.54 39.66 4.41
N ASN C 149 16.88 40.16 3.36
CA ASN C 149 15.59 40.83 3.55
C ASN C 149 14.56 39.86 4.10
N LEU C 150 14.51 38.64 3.57
CA LEU C 150 13.54 37.66 4.05
C LEU C 150 13.78 37.31 5.52
N ARG C 151 15.04 37.21 5.92
CA ARG C 151 15.38 36.89 7.30
C ARG C 151 14.83 37.95 8.26
N ALA C 152 14.97 39.23 7.91
CA ALA C 152 14.50 40.29 8.78
C ALA C 152 12.98 40.29 8.89
N SER C 153 12.28 40.06 7.78
CA SER C 153 10.82 40.08 7.80
C SER C 153 10.26 38.93 8.61
N LEU C 154 10.90 37.76 8.56
CA LEU C 154 10.43 36.61 9.34
C LEU C 154 10.49 36.89 10.84
N GLU C 155 11.54 37.59 11.29
CA GLU C 155 11.73 37.83 12.72
C GLU C 155 10.62 38.68 13.31
N THR C 156 10.02 39.58 12.53
CA THR C 156 9.09 40.55 13.07
C THR C 156 7.64 40.06 13.11
N THR C 157 7.33 38.91 12.51
CA THR C 157 5.96 38.44 12.46
C THR C 157 5.63 37.55 13.66
N ASN C 158 4.33 37.47 13.98
CA ASN C 158 3.88 36.61 15.06
C ASN C 158 2.59 35.88 14.73
N GLN C 159 2.23 35.77 13.45
CA GLN C 159 1.01 35.07 13.04
C GLN C 159 1.37 33.74 12.41
N ALA C 160 0.38 32.84 12.41
CA ALA C 160 0.58 31.51 11.83
C ALA C 160 0.78 31.60 10.32
N ILE C 161 0.00 32.43 9.64
CA ILE C 161 0.08 32.61 8.20
C ILE C 161 0.14 34.11 7.92
N GLU C 162 1.13 34.54 7.14
CA GLU C 162 1.30 35.95 6.86
C GLU C 162 2.01 36.15 5.52
N ALA C 163 1.49 37.07 4.72
CA ALA C 163 2.11 37.43 3.45
C ALA C 163 3.18 38.49 3.68
N ILE C 164 4.35 38.29 3.09
CA ILE C 164 5.46 39.22 3.20
C ILE C 164 5.59 39.93 1.84
N ARG C 165 5.32 41.23 1.84
CA ARG C 165 5.26 42.01 0.60
C ARG C 165 6.64 42.65 0.37
N GLN C 166 7.53 41.87 -0.22
CA GLN C 166 8.84 42.40 -0.59
C GLN C 166 8.68 43.38 -1.75
N ALA C 167 9.27 44.56 -1.60
CA ALA C 167 9.13 45.60 -2.61
C ALA C 167 9.74 45.16 -3.94
N GLY C 168 9.01 45.36 -5.02
CA GLY C 168 9.49 45.02 -6.34
C GLY C 168 9.67 43.55 -6.61
N GLN C 169 8.99 42.68 -5.85
CA GLN C 169 9.07 41.24 -6.06
C GLN C 169 7.70 40.63 -5.77
N GLY C 170 7.58 39.33 -6.02
CA GLY C 170 6.34 38.64 -5.73
C GLY C 170 6.12 38.44 -4.25
N MET C 171 4.85 38.27 -3.89
CA MET C 171 4.48 38.04 -2.50
C MET C 171 5.04 36.71 -2.02
N ILE C 172 5.58 36.71 -0.81
CA ILE C 172 6.11 35.52 -0.16
C ILE C 172 5.23 35.18 1.03
N LEU C 173 4.77 33.94 1.10
CA LEU C 173 3.86 33.50 2.15
C LEU C 173 4.65 32.74 3.21
N ALA C 174 4.58 33.22 4.45
CA ALA C 174 5.29 32.63 5.58
C ALA C 174 4.30 31.88 6.47
N VAL C 175 4.65 30.64 6.81
CA VAL C 175 3.79 29.78 7.61
C VAL C 175 4.57 29.28 8.82
N GLN C 176 3.98 29.42 10.00
CA GLN C 176 4.58 28.98 11.26
C GLN C 176 3.73 27.87 11.85
N GLY C 177 4.34 26.71 12.12
CA GLY C 177 3.61 25.50 12.42
C GLY C 177 2.92 25.44 13.77
N VAL C 178 3.45 26.13 14.79
CA VAL C 178 2.88 26.05 16.12
C VAL C 178 2.42 27.42 16.64
N GLN C 179 2.42 28.44 15.78
CA GLN C 179 2.11 29.79 16.22
C GLN C 179 0.65 29.90 16.69
N ASP C 180 -0.27 29.19 16.03
CA ASP C 180 -1.67 29.24 16.44
C ASP C 180 -1.85 28.70 17.86
N TYR C 181 -1.19 27.58 18.19
CA TYR C 181 -1.27 27.04 19.54
C TYR C 181 -0.73 28.04 20.56
N ILE C 182 0.38 28.70 20.24
CA ILE C 182 0.95 29.70 21.14
C ILE C 182 0.00 30.87 21.33
N ASN C 183 -0.56 31.39 20.22
CA ASN C 183 -1.39 32.58 20.31
C ASN C 183 -2.76 32.29 20.90
N ASN C 184 -3.32 31.11 20.65
CA ASN C 184 -4.68 30.81 21.09
C ASN C 184 -4.74 30.14 22.44
N GLU C 185 -3.77 29.29 22.79
CA GLU C 185 -3.83 28.51 24.01
C GLU C 185 -2.88 29.01 25.09
N LEU C 186 -1.62 29.28 24.75
CA LEU C 186 -0.61 29.53 25.78
C LEU C 186 -0.62 30.98 26.25
N ILE C 187 -0.61 31.94 25.33
CA ILE C 187 -0.57 33.35 25.72
C ILE C 187 -1.75 33.77 26.58
N PRO C 188 -3.00 33.42 26.25
CA PRO C 188 -4.12 33.81 27.14
C PRO C 188 -4.07 33.16 28.51
N SER C 189 -3.26 32.13 28.72
CA SER C 189 -3.16 31.44 29.98
C SER C 189 -1.93 31.85 30.80
N MET C 190 -1.21 32.88 30.37
CA MET C 190 0.04 33.24 31.04
C MET C 190 -0.19 33.64 32.49
N ASN C 191 -1.26 34.41 32.75
CA ASN C 191 -1.56 34.83 34.11
C ASN C 191 -2.17 33.72 34.96
N GLN C 192 -2.53 32.58 34.35
CA GLN C 192 -3.16 31.49 35.08
C GLN C 192 -2.21 30.33 35.38
N LEU C 193 -1.34 29.97 34.45
CA LEU C 193 -0.52 28.78 34.57
C LEU C 193 0.89 29.12 35.01
N SER C 194 1.55 28.13 35.61
CA SER C 194 2.93 28.28 36.05
C SER C 194 3.87 28.40 34.85
N CYS C 195 5.03 29.03 35.10
CA CYS C 195 6.03 29.19 34.06
C CYS C 195 6.57 27.83 33.60
N ASP C 196 6.75 26.90 34.53
CA ASP C 196 7.19 25.56 34.16
C ASP C 196 6.14 24.84 33.32
N LEU C 197 4.86 25.03 33.66
CA LEU C 197 3.79 24.39 32.90
C LEU C 197 3.73 24.91 31.46
N ILE C 198 3.96 26.21 31.26
CA ILE C 198 3.99 26.77 29.92
C ILE C 198 5.05 26.06 29.07
N GLY C 199 6.25 25.91 29.63
CA GLY C 199 7.32 25.25 28.88
C GLY C 199 7.01 23.80 28.58
N GLN C 200 6.36 23.10 29.51
CA GLN C 200 6.02 21.70 29.29
C GLN C 200 5.00 21.54 28.16
N LYS C 201 3.96 22.40 28.15
CA LYS C 201 2.95 22.30 27.11
C LYS C 201 3.53 22.59 25.73
N LEU C 202 4.38 23.62 25.62
CA LEU C 202 4.99 23.94 24.33
C LEU C 202 6.00 22.87 23.92
N GLY C 203 6.73 22.33 24.90
CA GLY C 203 7.71 21.29 24.59
C GLY C 203 7.08 20.08 23.92
N LEU C 204 5.88 19.69 24.36
CA LEU C 204 5.17 18.59 23.71
C LEU C 204 4.86 18.91 22.25
N LYS C 205 4.37 20.13 21.99
CA LYS C 205 4.03 20.51 20.62
C LYS C 205 5.27 20.59 19.73
N LEU C 206 6.37 21.12 20.26
CA LEU C 206 7.59 21.25 19.46
C LEU C 206 8.14 19.89 19.05
N LEU C 207 8.17 18.94 19.98
CA LEU C 207 8.68 17.61 19.66
C LEU C 207 7.83 16.93 18.60
N ARG C 208 6.50 17.08 18.69
CA ARG C 208 5.62 16.51 17.68
C ARG C 208 5.83 17.18 16.31
N TYR C 209 6.00 18.51 16.29
CA TYR C 209 6.26 19.19 15.02
C TYR C 209 7.59 18.73 14.43
N TYR C 210 8.60 18.54 15.26
CA TYR C 210 9.89 18.05 14.77
C TYR C 210 9.75 16.68 14.13
N THR C 211 8.96 15.79 14.75
CA THR C 211 8.76 14.46 14.19
C THR C 211 8.23 14.53 12.76
N GLU C 212 7.30 15.45 12.50
CA GLU C 212 6.78 15.61 11.15
C GLU C 212 7.84 16.19 10.21
N ILE C 213 8.65 17.14 10.70
CA ILE C 213 9.74 17.66 9.89
C ILE C 213 10.73 16.56 9.54
N LEU C 214 11.05 15.70 10.51
CA LEU C 214 11.93 14.56 10.24
C LEU C 214 11.32 13.64 9.19
N SER C 215 10.02 13.39 9.27
CA SER C 215 9.36 12.54 8.29
C SER C 215 9.42 13.13 6.89
N LEU C 216 9.23 14.44 6.77
CA LEU C 216 9.17 15.08 5.45
C LEU C 216 10.56 15.26 4.85
N PHE C 217 11.51 15.77 5.63
CA PHE C 217 12.80 16.22 5.10
C PHE C 217 13.97 15.40 5.61
N GLY C 218 13.72 14.29 6.30
CA GLY C 218 14.78 13.48 6.86
C GLY C 218 15.40 12.54 5.86
N PRO C 219 16.07 11.51 6.36
CA PRO C 219 16.79 10.58 5.46
C PRO C 219 15.90 9.86 4.47
N SER C 220 14.60 9.75 4.73
CA SER C 220 13.71 9.10 3.76
C SER C 220 13.58 9.88 2.47
N LEU C 221 13.89 11.18 2.49
CA LEU C 221 13.82 12.02 1.29
C LEU C 221 15.17 11.94 0.58
N ARG C 222 15.29 11.00 -0.35
CA ARG C 222 16.50 10.91 -1.16
C ARG C 222 16.42 11.90 -2.32
N ASP C 223 17.55 12.55 -2.60
CA ASP C 223 17.65 13.56 -3.64
C ASP C 223 16.66 14.69 -3.44
N PRO C 224 16.88 15.57 -2.47
CA PRO C 224 15.96 16.70 -2.27
C PRO C 224 15.85 17.61 -3.48
N ILE C 225 16.84 17.61 -4.36
CA ILE C 225 16.85 18.54 -5.50
C ILE C 225 15.66 18.26 -6.42
N SER C 226 15.43 16.99 -6.75
CA SER C 226 14.38 16.62 -7.70
C SER C 226 13.08 16.24 -7.01
N ALA C 227 13.02 16.28 -5.68
CA ALA C 227 11.81 15.88 -4.97
C ALA C 227 10.68 16.88 -5.20
N GLU C 228 9.49 16.34 -5.44
CA GLU C 228 8.26 17.14 -5.53
C GLU C 228 7.31 16.66 -4.45
N ILE C 229 6.93 17.56 -3.55
CA ILE C 229 6.10 17.24 -2.39
C ILE C 229 4.71 17.84 -2.61
N SER C 230 3.68 17.01 -2.49
CA SER C 230 2.32 17.50 -2.63
C SER C 230 1.95 18.38 -1.44
N ILE C 231 1.02 19.30 -1.67
CA ILE C 231 0.60 20.22 -0.61
C ILE C 231 -0.09 19.46 0.51
N GLN C 232 -0.76 18.35 0.19
CA GLN C 232 -1.38 17.53 1.23
C GLN C 232 -0.34 16.93 2.17
N ALA C 233 0.80 16.50 1.62
CA ALA C 233 1.85 15.93 2.45
C ALA C 233 2.49 16.96 3.38
N LEU C 234 2.35 18.25 3.08
CA LEU C 234 2.86 19.32 3.92
C LEU C 234 1.83 19.80 4.94
N SER C 235 0.69 19.12 5.05
CA SER C 235 -0.42 19.65 5.84
C SER C 235 -0.03 19.89 7.29
N TYR C 236 0.58 18.89 7.94
CA TYR C 236 0.96 19.05 9.33
C TYR C 236 2.02 20.13 9.50
N ALA C 237 3.01 20.16 8.61
CA ALA C 237 4.06 21.17 8.67
C ALA C 237 3.52 22.59 8.52
N LEU C 238 2.36 22.75 7.89
CA LEU C 238 1.75 24.06 7.70
C LEU C 238 0.74 24.39 8.78
N GLY C 239 0.68 23.61 9.85
CA GLY C 239 -0.24 23.83 10.94
C GLY C 239 -1.38 22.85 11.04
N GLY C 240 -1.44 21.84 10.17
CA GLY C 240 -2.46 20.81 10.23
C GLY C 240 -3.60 20.98 9.26
N ASP C 241 -3.58 22.00 8.41
CA ASP C 241 -4.65 22.26 7.47
C ASP C 241 -4.12 23.13 6.35
N ILE C 242 -4.60 22.89 5.13
CA ILE C 242 -4.11 23.61 3.94
C ILE C 242 -5.12 24.60 3.39
N ASN C 243 -6.35 24.65 3.91
CA ASN C 243 -7.39 25.46 3.30
C ASN C 243 -7.03 26.95 3.31
N LYS C 244 -6.53 27.45 4.44
CA LYS C 244 -6.14 28.86 4.52
C LYS C 244 -4.95 29.16 3.62
N VAL C 245 -3.97 28.25 3.56
CA VAL C 245 -2.81 28.45 2.70
C VAL C 245 -3.24 28.59 1.24
N LEU C 246 -4.15 27.71 0.79
CA LEU C 246 -4.63 27.78 -0.58
C LEU C 246 -5.33 29.11 -0.85
N GLU C 247 -6.12 29.61 0.10
CA GLU C 247 -6.76 30.90 -0.07
C GLU C 247 -5.75 32.03 -0.16
N LYS C 248 -4.72 32.00 0.70
CA LYS C 248 -3.72 33.06 0.69
C LYS C 248 -2.89 33.03 -0.59
N LEU C 249 -2.57 31.83 -1.09
CA LEU C 249 -1.84 31.70 -2.34
C LEU C 249 -2.65 32.12 -3.56
N GLY C 250 -3.96 32.30 -3.40
CA GLY C 250 -4.81 32.64 -4.52
C GLY C 250 -5.26 31.48 -5.37
N TYR C 251 -5.06 30.25 -4.91
CA TYR C 251 -5.42 29.06 -5.69
C TYR C 251 -6.90 28.78 -5.47
N SER C 252 -7.71 29.08 -6.47
CA SER C 252 -9.14 28.82 -6.42
C SER C 252 -9.66 28.66 -7.84
N GLY C 253 -10.93 28.30 -7.94
CA GLY C 253 -11.59 28.11 -9.21
C GLY C 253 -12.35 26.81 -9.27
N GLY C 254 -12.94 26.56 -10.45
CA GLY C 254 -13.76 25.37 -10.63
C GLY C 254 -12.96 24.08 -10.72
N ASP C 255 -11.69 24.15 -11.10
CA ASP C 255 -10.85 22.97 -11.23
C ASP C 255 -10.11 22.62 -9.95
N LEU C 256 -10.33 23.37 -8.87
CA LEU C 256 -9.52 23.20 -7.66
C LEU C 256 -9.67 21.79 -7.09
N LEU C 257 -10.90 21.30 -6.94
CA LEU C 257 -11.11 20.00 -6.31
C LEU C 257 -10.47 18.88 -7.12
N GLY C 258 -10.63 18.90 -8.45
CA GLY C 258 -10.01 17.89 -9.27
C GLY C 258 -8.50 17.93 -9.22
N ILE C 259 -7.92 19.14 -9.35
CA ILE C 259 -6.47 19.29 -9.27
C ILE C 259 -5.96 18.84 -7.92
N LEU C 260 -6.63 19.25 -6.85
CA LEU C 260 -6.22 18.88 -5.49
C LEU C 260 -6.38 17.38 -5.26
N GLU C 261 -7.43 16.77 -5.82
CA GLU C 261 -7.68 15.36 -5.58
C GLU C 261 -6.61 14.48 -6.23
N SER C 262 -6.12 14.89 -7.40
CA SER C 262 -5.08 14.14 -8.10
C SER C 262 -3.68 14.56 -7.69
N ARG C 263 -3.54 15.36 -6.63
CA ARG C 263 -2.24 15.78 -6.10
C ARG C 263 -1.43 16.55 -7.14
N GLY C 264 -2.08 17.53 -7.75
CA GLY C 264 -1.44 18.36 -8.76
C GLY C 264 -0.75 19.61 -8.27
N ILE C 265 -0.87 19.93 -6.98
CA ILE C 265 -0.23 21.10 -6.40
C ILE C 265 1.01 20.61 -5.65
N LYS C 266 2.18 20.89 -6.20
CA LYS C 266 3.43 20.32 -5.70
C LYS C 266 4.43 21.42 -5.39
N ALA C 267 5.26 21.17 -4.40
CA ALA C 267 6.26 22.11 -3.93
C ALA C 267 7.66 21.50 -4.09
N ARG C 268 8.63 22.36 -4.39
CA ARG C 268 10.02 21.98 -4.49
C ARG C 268 10.85 22.82 -3.51
N ILE C 269 11.91 22.22 -2.99
CA ILE C 269 12.81 22.92 -2.07
C ILE C 269 13.76 23.80 -2.89
N THR C 270 13.85 25.07 -2.52
CA THR C 270 14.75 26.01 -3.19
C THR C 270 15.79 26.63 -2.28
N HIS C 271 15.60 26.62 -0.98
CA HIS C 271 16.59 27.17 -0.06
C HIS C 271 16.36 26.61 1.34
N VAL C 272 17.45 26.31 2.02
CA VAL C 272 17.43 25.86 3.42
C VAL C 272 18.37 26.75 4.21
N ASP C 273 17.86 27.37 5.27
CA ASP C 273 18.63 28.28 6.11
C ASP C 273 18.82 27.64 7.48
N THR C 274 20.07 27.33 7.81
CA THR C 274 20.38 26.71 9.10
C THR C 274 20.74 27.72 10.18
N GLU C 275 20.85 29.01 9.84
CA GLU C 275 21.12 30.03 10.84
C GLU C 275 19.84 30.61 11.44
N SER C 276 18.83 30.86 10.60
CA SER C 276 17.55 31.38 11.07
C SER C 276 16.44 30.34 11.01
N TYR C 277 16.74 29.11 10.59
CA TYR C 277 15.84 27.96 10.68
C TYR C 277 14.53 28.22 9.91
N PHE C 278 14.68 28.33 8.59
CA PHE C 278 13.51 28.35 7.71
C PHE C 278 13.84 27.63 6.41
N ILE C 279 12.78 27.23 5.71
CA ILE C 279 12.88 26.49 4.46
C ILE C 279 12.03 27.20 3.43
N VAL C 280 12.61 27.48 2.26
CA VAL C 280 11.90 28.13 1.16
C VAL C 280 11.47 27.07 0.17
N LEU C 281 10.20 27.10 -0.22
CA LEU C 281 9.65 26.18 -1.20
C LEU C 281 9.08 26.96 -2.37
N SER C 282 9.15 26.36 -3.55
CA SER C 282 8.49 26.88 -4.75
C SER C 282 7.28 26.01 -5.04
N ILE C 283 6.13 26.64 -5.19
CA ILE C 283 4.85 25.93 -5.37
C ILE C 283 4.14 26.53 -6.57
N ALA C 284 3.51 25.67 -7.37
CA ALA C 284 2.85 26.08 -8.60
C ALA C 284 1.45 25.50 -8.67
N TYR C 285 0.50 26.32 -9.10
CA TYR C 285 -0.86 25.87 -9.38
C TYR C 285 -0.97 25.54 -10.86
N PRO C 286 -1.22 24.30 -11.23
CA PRO C 286 -1.17 23.92 -12.65
C PRO C 286 -2.40 24.37 -13.42
N THR C 287 -2.23 24.40 -14.74
CA THR C 287 -3.33 24.63 -15.67
C THR C 287 -3.58 23.37 -16.47
N LEU C 288 -4.85 23.13 -16.80
CA LEU C 288 -5.28 21.89 -17.44
C LEU C 288 -5.38 22.09 -18.95
N SER C 289 -4.79 21.15 -19.70
CA SER C 289 -4.87 21.15 -21.16
C SER C 289 -5.40 19.81 -21.61
N GLU C 290 -6.54 19.82 -22.30
CA GLU C 290 -7.08 18.60 -22.87
C GLU C 290 -6.23 18.14 -24.05
N ILE C 291 -5.94 16.84 -24.09
CA ILE C 291 -5.14 16.25 -25.15
C ILE C 291 -6.07 15.86 -26.30
N LYS C 292 -5.80 16.40 -27.49
CA LYS C 292 -6.69 16.22 -28.62
C LYS C 292 -6.68 14.78 -29.12
N GLY C 293 -7.88 14.22 -29.32
CA GLY C 293 -8.02 12.93 -29.94
C GLY C 293 -7.86 11.73 -29.02
N VAL C 294 -7.65 11.95 -27.72
CA VAL C 294 -7.52 10.85 -26.75
C VAL C 294 -8.87 10.64 -26.09
N ILE C 295 -9.34 9.39 -26.11
CA ILE C 295 -10.58 8.99 -25.45
C ILE C 295 -10.24 7.90 -24.45
N VAL C 296 -10.72 8.06 -23.22
CA VAL C 296 -10.50 7.08 -22.16
C VAL C 296 -11.78 6.27 -21.99
N HIS C 297 -11.68 4.96 -22.19
CA HIS C 297 -12.83 4.06 -22.12
C HIS C 297 -12.77 3.23 -20.84
N ARG C 298 -13.92 3.11 -20.17
CA ARG C 298 -14.05 2.23 -19.02
C ARG C 298 -14.74 0.95 -19.47
N LEU C 299 -14.12 -0.19 -19.21
CA LEU C 299 -14.64 -1.49 -19.63
C LEU C 299 -15.26 -2.22 -18.45
N GLU C 300 -16.32 -2.96 -18.72
CA GLU C 300 -16.98 -3.79 -17.72
C GLU C 300 -17.37 -5.11 -18.34
N GLY C 301 -17.26 -6.19 -17.57
CA GLY C 301 -17.53 -7.51 -18.09
C GLY C 301 -18.65 -8.26 -17.40
N VAL C 302 -19.24 -9.22 -18.12
CA VAL C 302 -20.23 -10.13 -17.57
C VAL C 302 -19.70 -11.55 -17.79
N SER C 303 -19.94 -12.42 -16.81
CA SER C 303 -19.54 -13.81 -16.94
C SER C 303 -20.42 -14.54 -17.94
N TYR C 304 -19.88 -15.63 -18.49
CA TYR C 304 -20.62 -16.48 -19.41
C TYR C 304 -20.37 -17.93 -19.06
N ASN C 305 -21.20 -18.82 -19.59
CA ASN C 305 -21.17 -20.23 -19.23
C ASN C 305 -20.86 -21.11 -20.42
N ILE C 306 -19.91 -22.02 -20.22
CA ILE C 306 -19.62 -23.10 -21.15
C ILE C 306 -19.99 -24.39 -20.43
N GLY C 307 -21.15 -24.95 -20.76
CA GLY C 307 -21.64 -26.09 -20.02
C GLY C 307 -22.04 -25.71 -18.62
N SER C 308 -21.28 -26.18 -17.63
CA SER C 308 -21.52 -25.84 -16.23
C SER C 308 -20.42 -24.98 -15.63
N GLN C 309 -19.44 -24.54 -16.42
CA GLN C 309 -18.36 -23.70 -15.93
C GLN C 309 -18.62 -22.23 -16.28
N GLU C 310 -18.32 -21.35 -15.34
CA GLU C 310 -18.54 -19.92 -15.51
C GLU C 310 -17.20 -19.24 -15.77
N TRP C 311 -17.10 -18.56 -16.92
CA TRP C 311 -15.85 -17.94 -17.36
C TRP C 311 -16.01 -16.43 -17.46
N TYR C 312 -14.88 -15.74 -17.51
CA TYR C 312 -14.84 -14.29 -17.52
C TYR C 312 -13.67 -13.81 -18.36
N THR C 313 -13.95 -12.97 -19.35
CA THR C 313 -12.88 -12.40 -20.17
C THR C 313 -12.03 -11.45 -19.32
N THR C 314 -10.72 -11.53 -19.50
CA THR C 314 -9.77 -10.68 -18.78
C THR C 314 -9.36 -9.52 -19.68
N VAL C 315 -9.78 -8.30 -19.31
CA VAL C 315 -9.45 -7.08 -20.04
C VAL C 315 -9.14 -5.98 -19.03
N PRO C 316 -8.42 -4.94 -19.46
CA PRO C 316 -8.10 -3.86 -18.51
C PRO C 316 -9.32 -3.07 -18.11
N LYS C 317 -9.25 -2.49 -16.91
CA LYS C 317 -10.34 -1.65 -16.43
C LYS C 317 -10.52 -0.40 -17.28
N TYR C 318 -9.43 0.27 -17.63
CA TYR C 318 -9.47 1.43 -18.51
C TYR C 318 -8.52 1.23 -19.69
N VAL C 319 -8.95 1.68 -20.87
CA VAL C 319 -8.11 1.70 -22.05
C VAL C 319 -8.28 3.06 -22.73
N ALA C 320 -7.25 3.46 -23.47
CA ALA C 320 -7.23 4.75 -24.15
C ALA C 320 -7.04 4.54 -25.65
N THR C 321 -7.78 5.32 -26.44
CA THR C 321 -7.67 5.29 -27.88
C THR C 321 -7.28 6.67 -28.39
N GLN C 322 -6.49 6.69 -29.45
CA GLN C 322 -6.14 7.92 -30.17
C GLN C 322 -6.06 7.56 -31.65
N GLY C 323 -7.15 7.79 -32.36
CA GLY C 323 -7.25 7.36 -33.74
C GLY C 323 -7.24 5.86 -33.86
N TYR C 324 -6.16 5.30 -34.39
CA TYR C 324 -6.00 3.87 -34.53
C TYR C 324 -5.30 3.23 -33.34
N LEU C 325 -4.50 3.98 -32.60
CA LEU C 325 -3.67 3.41 -31.55
C LEU C 325 -4.51 3.07 -30.31
N ILE C 326 -4.12 1.99 -29.65
CA ILE C 326 -4.74 1.56 -28.40
C ILE C 326 -3.66 1.46 -27.34
N SER C 327 -3.88 2.12 -26.20
CA SER C 327 -2.93 2.14 -25.11
C SER C 327 -3.61 1.73 -23.80
N ASN C 328 -2.80 1.24 -22.88
CA ASN C 328 -3.23 1.08 -21.50
C ASN C 328 -3.40 2.47 -20.86
N PHE C 329 -4.11 2.49 -19.73
CA PHE C 329 -4.35 3.73 -19.00
C PHE C 329 -4.11 3.48 -17.52
N ASP C 330 -3.19 4.24 -16.94
CA ASP C 330 -2.91 4.17 -15.52
C ASP C 330 -3.76 5.22 -14.80
N GLU C 331 -4.67 4.77 -13.94
CA GLU C 331 -5.58 5.66 -13.24
C GLU C 331 -5.07 6.10 -11.88
N SER C 332 -3.83 5.75 -11.53
CA SER C 332 -3.35 5.97 -10.16
C SER C 332 -3.23 7.46 -9.82
N SER C 333 -2.93 8.32 -10.78
CA SER C 333 -2.80 9.75 -10.53
C SER C 333 -3.96 10.56 -11.11
N CYS C 334 -5.08 9.91 -11.40
CA CYS C 334 -6.18 10.54 -12.10
C CYS C 334 -7.41 10.67 -11.19
N THR C 335 -8.22 11.69 -11.47
CA THR C 335 -9.52 11.87 -10.85
C THR C 335 -10.55 12.02 -11.95
N PHE C 336 -11.65 11.28 -11.84
CA PHE C 336 -12.68 11.24 -12.89
C PHE C 336 -13.76 12.26 -12.55
N MET C 337 -13.61 13.46 -13.09
CA MET C 337 -14.57 14.54 -12.95
C MET C 337 -15.63 14.44 -14.05
N PRO C 338 -16.80 15.05 -13.83
CA PRO C 338 -17.83 15.00 -14.89
C PRO C 338 -17.39 15.58 -16.21
N GLU C 339 -16.47 16.56 -16.20
CA GLU C 339 -15.99 17.18 -17.43
C GLU C 339 -14.80 16.45 -18.04
N GLY C 340 -14.34 15.35 -17.42
CA GLY C 340 -13.21 14.61 -17.94
C GLY C 340 -12.29 14.13 -16.84
N THR C 341 -11.39 13.19 -17.17
CA THR C 341 -10.46 12.65 -16.19
C THR C 341 -9.21 13.54 -16.12
N VAL C 342 -8.89 13.99 -14.92
CA VAL C 342 -7.78 14.91 -14.68
C VAL C 342 -6.66 14.12 -14.03
N CYS C 343 -5.49 14.11 -14.67
CA CYS C 343 -4.35 13.34 -14.21
C CYS C 343 -3.15 14.26 -13.99
N SER C 344 -2.44 14.05 -12.88
CA SER C 344 -1.26 14.83 -12.55
C SER C 344 0.03 14.22 -13.08
N GLN C 345 -0.04 13.02 -13.67
CA GLN C 345 1.10 12.40 -14.33
C GLN C 345 0.63 11.87 -15.69
N ASN C 346 1.59 11.43 -16.50
CA ASN C 346 1.24 10.79 -17.76
C ASN C 346 0.60 9.44 -17.48
N ALA C 347 -0.63 9.25 -17.96
CA ALA C 347 -1.39 8.04 -17.67
C ALA C 347 -1.31 7.00 -18.79
N LEU C 348 -0.86 7.38 -19.97
CA LEU C 348 -0.79 6.47 -21.10
C LEU C 348 0.51 5.71 -21.07
N TYR C 349 0.42 4.38 -21.19
CA TYR C 349 1.60 3.54 -21.35
C TYR C 349 1.26 2.41 -22.32
N PRO C 350 2.27 1.85 -23.00
CA PRO C 350 1.99 0.93 -24.11
C PRO C 350 1.28 -0.35 -23.67
N MET C 351 0.51 -0.89 -24.60
CA MET C 351 -0.20 -2.16 -24.44
C MET C 351 0.41 -3.19 -25.39
N SER C 352 0.50 -4.44 -24.93
CA SER C 352 1.15 -5.47 -25.72
C SER C 352 0.37 -5.71 -27.02
N PRO C 353 1.05 -6.07 -28.11
CA PRO C 353 0.35 -6.26 -29.38
C PRO C 353 -0.74 -7.33 -29.34
N LEU C 354 -0.56 -8.39 -28.55
CA LEU C 354 -1.59 -9.42 -28.48
C LEU C 354 -2.86 -8.90 -27.82
N LEU C 355 -2.72 -8.12 -26.76
CA LEU C 355 -3.89 -7.56 -26.09
C LEU C 355 -4.58 -6.50 -26.96
N GLN C 356 -3.81 -5.77 -27.76
CA GLN C 356 -4.41 -4.80 -28.69
C GLN C 356 -5.28 -5.50 -29.72
N GLU C 357 -4.83 -6.66 -30.23
CA GLU C 357 -5.61 -7.37 -31.23
C GLU C 357 -6.88 -7.99 -30.64
N CYS C 358 -6.85 -8.34 -29.35
CA CYS C 358 -8.07 -8.74 -28.67
C CYS C 358 -9.10 -7.61 -28.69
N LEU C 359 -8.66 -6.40 -28.38
CA LEU C 359 -9.56 -5.25 -28.37
C LEU C 359 -9.96 -4.80 -29.78
N ARG C 360 -9.25 -5.23 -30.81
CA ARG C 360 -9.61 -4.89 -32.18
C ARG C 360 -10.55 -5.92 -32.81
N GLY C 361 -10.98 -6.92 -32.05
CA GLY C 361 -11.97 -7.88 -32.53
C GLY C 361 -11.51 -9.32 -32.58
N SER C 362 -10.26 -9.64 -32.25
CA SER C 362 -9.80 -11.03 -32.24
C SER C 362 -10.16 -11.64 -30.89
N THR C 363 -11.27 -12.38 -30.86
CA THR C 363 -11.74 -12.96 -29.60
C THR C 363 -10.81 -14.05 -29.10
N LYS C 364 -10.17 -14.80 -30.00
CA LYS C 364 -9.26 -15.85 -29.58
C LYS C 364 -7.98 -15.31 -28.95
N SER C 365 -7.67 -14.04 -29.17
CA SER C 365 -6.54 -13.41 -28.50
C SER C 365 -6.85 -13.04 -27.06
N CYS C 366 -8.12 -12.87 -26.71
CA CYS C 366 -8.51 -12.50 -25.35
C CYS C 366 -8.44 -13.72 -24.44
N ALA C 367 -7.77 -13.56 -23.29
CA ALA C 367 -7.71 -14.63 -22.31
C ALA C 367 -8.97 -14.63 -21.45
N ARG C 368 -9.20 -15.75 -20.77
CA ARG C 368 -10.36 -15.93 -19.91
C ARG C 368 -9.96 -16.65 -18.64
N THR C 369 -10.74 -16.44 -17.58
CA THR C 369 -10.42 -17.01 -16.28
C THR C 369 -11.70 -17.53 -15.62
N LEU C 370 -11.53 -18.53 -14.75
CA LEU C 370 -12.62 -19.01 -13.92
C LEU C 370 -12.93 -18.02 -12.81
N VAL C 371 -14.19 -18.01 -12.37
CA VAL C 371 -14.64 -17.11 -11.33
C VAL C 371 -15.08 -17.93 -10.11
N SER C 372 -15.10 -17.26 -8.96
CA SER C 372 -15.52 -17.88 -7.73
C SER C 372 -17.01 -18.25 -7.78
N GLY C 373 -17.44 -19.00 -6.75
CA GLY C 373 -18.83 -19.44 -6.71
C GLY C 373 -19.81 -18.29 -6.65
N SER C 374 -19.50 -17.26 -5.87
CA SER C 374 -20.35 -16.08 -5.73
C SER C 374 -19.74 -14.95 -6.56
N PHE C 375 -20.18 -14.83 -7.81
CA PHE C 375 -19.69 -13.80 -8.71
C PHE C 375 -20.78 -12.76 -8.92
N GLY C 376 -20.41 -11.49 -8.77
CA GLY C 376 -21.39 -10.41 -8.83
C GLY C 376 -21.73 -9.89 -10.22
N ASN C 377 -20.85 -10.10 -11.20
CA ASN C 377 -21.05 -9.55 -12.54
C ASN C 377 -21.68 -10.60 -13.46
N ARG C 378 -22.95 -10.91 -13.18
CA ARG C 378 -23.69 -11.87 -13.96
C ARG C 378 -24.72 -11.23 -14.90
N PHE C 379 -24.84 -9.91 -14.88
CA PHE C 379 -25.65 -9.20 -15.87
C PHE C 379 -25.23 -7.73 -15.86
N ILE C 380 -25.53 -7.05 -16.95
CA ILE C 380 -25.18 -5.63 -17.10
C ILE C 380 -26.20 -4.98 -18.03
N LEU C 381 -26.55 -3.73 -17.73
CA LEU C 381 -27.39 -2.92 -18.60
C LEU C 381 -26.50 -2.12 -19.54
N SER C 382 -26.75 -2.24 -20.84
CA SER C 382 -25.95 -1.56 -21.84
C SER C 382 -26.82 -1.17 -23.02
N GLN C 383 -26.87 0.13 -23.32
CA GLN C 383 -27.68 0.67 -24.43
C GLN C 383 -29.15 0.26 -24.28
N GLY C 384 -29.65 0.30 -23.05
CA GLY C 384 -31.03 -0.06 -22.80
C GLY C 384 -31.36 -1.53 -22.92
N ASN C 385 -30.37 -2.38 -23.11
CA ASN C 385 -30.57 -3.82 -23.16
C ASN C 385 -29.85 -4.48 -21.99
N LEU C 386 -30.30 -5.70 -21.68
CA LEU C 386 -29.68 -6.50 -20.63
C LEU C 386 -28.86 -7.61 -21.27
N ILE C 387 -27.59 -7.69 -20.91
CA ILE C 387 -26.72 -8.80 -21.28
C ILE C 387 -26.53 -9.62 -20.01
N ALA C 388 -27.08 -10.84 -19.99
CA ALA C 388 -27.14 -11.63 -18.78
C ALA C 388 -26.65 -13.04 -19.04
N ASN C 389 -26.03 -13.62 -18.01
CA ASN C 389 -25.66 -15.04 -18.00
C ASN C 389 -26.82 -15.79 -17.37
N CYS C 390 -27.81 -16.14 -18.18
CA CYS C 390 -29.03 -16.76 -17.68
C CYS C 390 -28.85 -18.22 -17.30
N ALA C 391 -27.69 -18.80 -17.59
CA ALA C 391 -27.37 -20.12 -17.07
C ALA C 391 -26.90 -20.08 -15.62
N SER C 392 -26.51 -18.92 -15.12
CA SER C 392 -26.03 -18.78 -13.75
C SER C 392 -26.94 -17.93 -12.87
N ILE C 393 -27.93 -17.25 -13.44
CA ILE C 393 -28.95 -16.54 -12.69
C ILE C 393 -30.30 -16.88 -13.28
N LEU C 394 -31.35 -16.57 -12.54
CA LEU C 394 -32.72 -16.86 -12.95
C LEU C 394 -33.26 -15.69 -13.77
N CYS C 395 -33.40 -15.90 -15.07
CA CYS C 395 -33.98 -14.89 -15.96
C CYS C 395 -35.43 -15.25 -16.25
N LYS C 396 -36.34 -14.32 -16.00
CA LYS C 396 -37.75 -14.53 -16.26
C LYS C 396 -38.35 -13.25 -16.84
N CYS C 397 -39.33 -13.43 -17.71
CA CYS C 397 -40.03 -12.31 -18.32
C CYS C 397 -41.21 -11.93 -17.44
N TYR C 398 -41.17 -10.72 -16.88
CA TYR C 398 -42.25 -10.24 -16.04
C TYR C 398 -43.54 -10.07 -16.82
N THR C 399 -43.44 -9.74 -18.12
CA THR C 399 -44.63 -9.49 -18.93
C THR C 399 -45.48 -10.75 -19.05
N THR C 400 -44.86 -11.90 -19.29
CA THR C 400 -45.59 -13.13 -19.54
C THR C 400 -45.42 -14.18 -18.44
N GLY C 401 -44.50 -13.99 -17.51
CA GLY C 401 -44.28 -14.94 -16.43
C GLY C 401 -43.36 -16.09 -16.77
N THR C 402 -43.03 -16.29 -18.04
CA THR C 402 -42.20 -17.41 -18.44
C THR C 402 -40.74 -17.19 -18.06
N ILE C 403 -40.06 -18.28 -17.71
CA ILE C 403 -38.65 -18.25 -17.40
C ILE C 403 -37.85 -18.21 -18.70
N ILE C 404 -36.82 -17.37 -18.74
CA ILE C 404 -35.94 -17.28 -19.89
C ILE C 404 -34.81 -18.28 -19.70
N ASN C 405 -34.73 -19.26 -20.60
CA ASN C 405 -33.73 -20.31 -20.53
C ASN C 405 -32.61 -20.04 -21.52
N GLN C 406 -31.37 -20.18 -21.07
CA GLN C 406 -30.20 -20.01 -21.92
C GLN C 406 -29.81 -21.38 -22.48
N ASP C 407 -29.84 -21.51 -23.80
CA ASP C 407 -29.52 -22.77 -24.44
C ASP C 407 -28.07 -23.17 -24.16
N PRO C 408 -27.78 -24.45 -23.96
CA PRO C 408 -26.39 -24.86 -23.69
C PRO C 408 -25.43 -24.54 -24.82
N ASP C 409 -25.91 -24.36 -26.05
CA ASP C 409 -25.07 -23.99 -27.17
C ASP C 409 -24.88 -22.48 -27.29
N LYS C 410 -25.38 -21.71 -26.33
CA LYS C 410 -25.13 -20.29 -26.22
C LYS C 410 -24.39 -20.02 -24.91
N ILE C 411 -23.71 -18.87 -24.86
CA ILE C 411 -22.98 -18.48 -23.66
C ILE C 411 -23.57 -17.25 -22.98
N LEU C 412 -24.39 -16.47 -23.68
CA LEU C 412 -24.97 -15.26 -23.11
C LEU C 412 -26.37 -15.05 -23.71
N THR C 413 -27.14 -14.22 -23.03
CA THR C 413 -28.49 -13.86 -23.47
C THR C 413 -28.59 -12.35 -23.58
N TYR C 414 -29.10 -11.87 -24.71
CA TYR C 414 -29.24 -10.44 -24.98
C TYR C 414 -30.73 -10.11 -25.00
N ILE C 415 -31.19 -9.41 -23.96
CA ILE C 415 -32.61 -9.21 -23.72
C ILE C 415 -32.99 -7.79 -24.15
N ALA C 416 -33.95 -7.69 -25.06
CA ALA C 416 -34.47 -6.41 -25.53
C ALA C 416 -36.00 -6.44 -25.46
N ALA C 417 -36.61 -5.31 -25.85
CA ALA C 417 -38.06 -5.17 -25.68
C ALA C 417 -38.84 -6.02 -26.67
N ASP C 418 -38.25 -6.37 -27.81
CA ASP C 418 -38.96 -7.16 -28.80
C ASP C 418 -39.28 -8.57 -28.31
N HIS C 419 -38.58 -9.03 -27.27
CA HIS C 419 -38.86 -10.33 -26.66
C HIS C 419 -39.45 -10.24 -25.27
N CYS C 420 -39.04 -9.24 -24.48
CA CYS C 420 -39.56 -9.08 -23.14
C CYS C 420 -39.45 -7.63 -22.68
N PRO C 421 -40.53 -6.87 -22.73
CA PRO C 421 -40.45 -5.44 -22.35
C PRO C 421 -40.01 -5.21 -20.90
N VAL C 422 -40.43 -6.07 -19.98
CA VAL C 422 -40.09 -5.93 -18.57
C VAL C 422 -39.59 -7.28 -18.08
N VAL C 423 -38.37 -7.31 -17.54
CA VAL C 423 -37.68 -8.56 -17.26
C VAL C 423 -37.14 -8.53 -15.83
N GLU C 424 -37.18 -9.70 -15.18
CA GLU C 424 -36.60 -9.89 -13.86
C GLU C 424 -35.36 -10.76 -14.02
N VAL C 425 -34.22 -10.26 -13.56
CA VAL C 425 -32.92 -10.86 -13.86
C VAL C 425 -32.31 -11.53 -12.62
N ASN C 426 -32.28 -10.83 -11.50
CA ASN C 426 -31.76 -11.41 -10.26
C ASN C 426 -32.65 -11.02 -9.08
N GLY C 427 -33.96 -11.08 -9.28
CA GLY C 427 -34.90 -10.48 -8.36
C GLY C 427 -35.11 -9.00 -8.56
N VAL C 428 -34.53 -8.41 -9.60
CA VAL C 428 -34.66 -6.99 -9.91
C VAL C 428 -35.50 -6.86 -11.18
N THR C 429 -36.54 -6.04 -11.11
CA THR C 429 -37.42 -5.79 -12.25
C THR C 429 -36.88 -4.62 -13.04
N ILE C 430 -36.65 -4.83 -14.34
CA ILE C 430 -36.04 -3.84 -15.21
C ILE C 430 -36.83 -3.76 -16.51
N GLN C 431 -37.16 -2.54 -16.94
CA GLN C 431 -37.71 -2.31 -18.27
C GLN C 431 -36.57 -2.06 -19.25
N VAL C 432 -36.66 -2.66 -20.44
CA VAL C 432 -35.60 -2.56 -21.43
C VAL C 432 -36.17 -1.96 -22.71
N GLY C 433 -35.28 -1.35 -23.48
CA GLY C 433 -35.65 -0.67 -24.71
C GLY C 433 -35.47 -1.53 -25.94
N SER C 434 -35.40 -0.86 -27.10
CA SER C 434 -35.33 -1.54 -28.37
C SER C 434 -33.97 -2.22 -28.57
N ARG C 435 -33.95 -3.21 -29.46
CA ARG C 435 -32.78 -4.07 -29.60
C ARG C 435 -31.58 -3.30 -30.11
N ARG C 436 -30.46 -3.42 -29.40
CA ARG C 436 -29.21 -2.81 -29.78
C ARG C 436 -28.08 -3.83 -29.91
N TYR C 437 -28.34 -5.08 -29.53
CA TYR C 437 -27.39 -6.18 -29.67
C TYR C 437 -28.11 -7.32 -30.38
N PRO C 438 -27.48 -7.96 -31.36
CA PRO C 438 -28.12 -9.09 -32.04
C PRO C 438 -28.31 -10.27 -31.09
N ASP C 439 -29.20 -11.18 -31.48
CA ASP C 439 -29.42 -12.38 -30.71
C ASP C 439 -28.13 -13.19 -30.62
N ALA C 440 -27.94 -13.85 -29.48
CA ALA C 440 -26.71 -14.59 -29.23
C ALA C 440 -26.48 -15.66 -30.30
N VAL C 441 -25.26 -15.71 -30.80
CA VAL C 441 -24.87 -16.73 -31.77
C VAL C 441 -24.44 -17.98 -31.01
N TYR C 442 -24.36 -19.09 -31.75
CA TYR C 442 -23.91 -20.34 -31.15
C TYR C 442 -22.45 -20.24 -30.74
N LEU C 443 -22.07 -21.06 -29.76
CA LEU C 443 -20.70 -21.09 -29.28
C LEU C 443 -19.72 -21.50 -30.37
N HIS C 444 -20.14 -22.39 -31.27
CA HIS C 444 -19.23 -22.85 -32.32
C HIS C 444 -18.88 -21.77 -33.33
N ARG C 445 -19.57 -20.63 -33.31
CA ARG C 445 -19.21 -19.48 -34.13
C ARG C 445 -18.41 -18.44 -33.35
N ILE C 446 -18.00 -18.74 -32.12
CA ILE C 446 -17.18 -17.85 -31.31
C ILE C 446 -15.87 -18.56 -31.02
N ASP C 447 -14.75 -17.92 -31.38
CA ASP C 447 -13.42 -18.44 -31.07
C ASP C 447 -12.97 -17.87 -29.73
N LEU C 448 -12.84 -18.74 -28.74
CA LEU C 448 -12.47 -18.32 -27.39
C LEU C 448 -10.97 -18.48 -27.17
N GLY C 449 -10.43 -17.63 -26.29
CA GLY C 449 -9.01 -17.61 -26.02
C GLY C 449 -8.59 -18.59 -24.94
N PRO C 450 -7.33 -18.50 -24.50
CA PRO C 450 -6.78 -19.51 -23.59
C PRO C 450 -7.17 -19.22 -22.16
N PRO C 451 -7.53 -20.26 -21.40
CA PRO C 451 -7.70 -20.08 -19.95
C PRO C 451 -6.37 -19.71 -19.29
N ILE C 452 -6.45 -18.82 -18.30
CA ILE C 452 -5.27 -18.38 -17.56
C ILE C 452 -5.63 -18.22 -16.09
N SER C 453 -4.59 -18.14 -15.26
CA SER C 453 -4.70 -17.76 -13.86
C SER C 453 -3.74 -16.61 -13.61
N LEU C 454 -4.26 -15.50 -13.09
CA LEU C 454 -3.48 -14.27 -12.98
C LEU C 454 -2.68 -14.16 -11.69
N GLY C 455 -2.87 -15.06 -10.74
CA GLY C 455 -2.17 -14.95 -9.47
C GLY C 455 -0.68 -15.08 -9.62
N ARG C 456 0.04 -14.40 -8.73
CA ARG C 456 1.50 -14.36 -8.79
C ARG C 456 2.10 -15.76 -8.75
N LEU C 457 1.61 -16.61 -7.84
CA LEU C 457 2.15 -17.96 -7.74
C LEU C 457 1.66 -18.84 -8.90
N ASP C 458 0.41 -18.68 -9.31
CA ASP C 458 -0.10 -19.45 -10.44
C ASP C 458 0.69 -19.14 -11.71
N VAL C 459 1.09 -17.88 -11.89
CA VAL C 459 1.92 -17.51 -13.03
C VAL C 459 3.28 -18.19 -12.94
N GLY C 460 3.89 -18.15 -11.75
CA GLY C 460 5.20 -18.76 -11.58
C GLY C 460 5.19 -20.26 -11.83
N THR C 461 4.18 -20.95 -11.32
CA THR C 461 4.10 -22.39 -11.49
C THR C 461 3.92 -22.78 -12.95
N ASN C 462 3.05 -22.07 -13.67
CA ASN C 462 2.78 -22.42 -15.06
C ASN C 462 3.92 -21.97 -15.98
N LEU C 463 4.53 -20.82 -15.71
CA LEU C 463 5.67 -20.38 -16.51
C LEU C 463 6.84 -21.36 -16.37
N GLY C 464 7.12 -21.80 -15.15
CA GLY C 464 8.19 -22.76 -14.94
C GLY C 464 7.95 -24.07 -15.66
N ASN C 465 6.71 -24.55 -15.65
CA ASN C 465 6.35 -25.76 -16.39
C ASN C 465 6.57 -25.56 -17.88
N ALA C 466 6.19 -24.40 -18.41
CA ALA C 466 6.36 -24.13 -19.84
C ALA C 466 7.83 -24.01 -20.22
N ILE C 467 8.63 -23.34 -19.38
CA ILE C 467 10.06 -23.20 -19.66
C ILE C 467 10.73 -24.57 -19.68
N ALA C 468 10.34 -25.46 -18.76
CA ALA C 468 10.93 -26.79 -18.72
C ALA C 468 10.63 -27.57 -19.99
N LYS C 469 9.40 -27.45 -20.51
CA LYS C 469 9.06 -28.15 -21.75
C LYS C 469 9.89 -27.64 -22.92
N LEU C 470 10.08 -26.32 -23.01
CA LEU C 470 10.93 -25.75 -24.05
C LEU C 470 12.38 -26.20 -23.89
N GLU C 471 12.87 -26.25 -22.66
CA GLU C 471 14.24 -26.68 -22.41
C GLU C 471 14.44 -28.16 -22.75
N ASP C 472 13.42 -28.99 -22.51
CA ASP C 472 13.51 -30.40 -22.85
C ASP C 472 13.44 -30.63 -24.36
N ALA C 473 12.91 -29.68 -25.12
CA ALA C 473 12.80 -29.80 -26.56
C ALA C 473 13.81 -28.95 -27.31
N LYS C 474 14.87 -28.52 -26.63
CA LYS C 474 15.81 -27.58 -27.22
C LYS C 474 16.48 -28.16 -28.47
N GLU C 475 16.92 -29.42 -28.40
CA GLU C 475 17.61 -30.01 -29.54
C GLU C 475 16.69 -30.12 -30.75
N LEU C 476 15.43 -30.48 -30.54
CA LEU C 476 14.47 -30.48 -31.64
C LEU C 476 14.24 -29.08 -32.19
N LEU C 477 14.15 -28.08 -31.30
CA LEU C 477 13.78 -26.73 -31.73
C LEU C 477 14.87 -26.12 -32.59
N GLU C 478 16.14 -26.34 -32.25
CA GLU C 478 17.22 -25.83 -33.09
C GLU C 478 17.62 -26.85 -34.15
N SER C 479 16.61 -27.41 -34.82
CA SER C 479 16.82 -28.30 -35.95
C SER C 479 15.77 -28.09 -37.04
N SER C 480 15.16 -26.89 -37.09
CA SER C 480 13.99 -26.68 -37.95
C SER C 480 14.32 -26.88 -39.42
N ASP C 481 15.51 -26.44 -39.86
CA ASP C 481 15.88 -26.58 -41.26
C ASP C 481 15.96 -28.05 -41.66
N GLN C 482 16.56 -28.90 -40.82
CA GLN C 482 16.69 -30.31 -41.16
C GLN C 482 15.34 -31.03 -41.16
N ILE C 483 14.46 -30.68 -40.22
CA ILE C 483 13.20 -31.41 -40.08
C ILE C 483 12.28 -31.12 -41.26
N LEU C 484 12.21 -29.86 -41.71
CA LEU C 484 11.34 -29.53 -42.83
C LEU C 484 11.84 -30.16 -44.12
N ARG C 485 13.16 -30.15 -44.34
CA ARG C 485 13.76 -30.74 -45.54
C ARG C 485 13.94 -32.24 -45.32
N SER C 486 12.81 -32.95 -45.34
CA SER C 486 12.81 -34.39 -45.15
C SER C 486 11.52 -35.01 -45.69
#